data_1MI8
# 
_entry.id   1MI8 
# 
_audit_conform.dict_name       mmcif_pdbx.dic 
_audit_conform.dict_version    5.392 
_audit_conform.dict_location   http://mmcif.pdb.org/dictionaries/ascii/mmcif_pdbx.dic 
# 
loop_
_database_2.database_id 
_database_2.database_code 
_database_2.pdbx_database_accession 
_database_2.pdbx_DOI 
PDB   1MI8         pdb_00001mi8 10.2210/pdb1mi8/pdb 
RCSB  RCSB016931   ?            ?                   
WWPDB D_1000016931 ?            ?                   
# 
loop_
_pdbx_audit_revision_history.ordinal 
_pdbx_audit_revision_history.data_content_type 
_pdbx_audit_revision_history.major_revision 
_pdbx_audit_revision_history.minor_revision 
_pdbx_audit_revision_history.revision_date 
1 'Structure model' 1 0 2003-08-19 
2 'Structure model' 1 1 2008-04-28 
3 'Structure model' 1 2 2011-07-13 
4 'Structure model' 1 3 2017-08-23 
5 'Structure model' 1 4 2021-11-10 
6 'Structure model' 1 5 2024-05-29 
# 
_pdbx_audit_revision_details.ordinal             1 
_pdbx_audit_revision_details.revision_ordinal    1 
_pdbx_audit_revision_details.data_content_type   'Structure model' 
_pdbx_audit_revision_details.provider            repository 
_pdbx_audit_revision_details.type                'Initial release' 
_pdbx_audit_revision_details.description         ? 
_pdbx_audit_revision_details.details             ? 
# 
loop_
_pdbx_audit_revision_group.ordinal 
_pdbx_audit_revision_group.revision_ordinal 
_pdbx_audit_revision_group.data_content_type 
_pdbx_audit_revision_group.group 
1 2 'Structure model' 'Version format compliance' 
2 3 'Structure model' 'Source and taxonomy'       
3 3 'Structure model' 'Version format compliance' 
4 4 'Structure model' 'Refinement description'    
5 4 'Structure model' 'Source and taxonomy'       
6 5 'Structure model' 'Database references'       
7 6 'Structure model' 'Data collection'           
# 
loop_
_pdbx_audit_revision_category.ordinal 
_pdbx_audit_revision_category.revision_ordinal 
_pdbx_audit_revision_category.data_content_type 
_pdbx_audit_revision_category.category 
1 4 'Structure model' entity_src_gen     
2 4 'Structure model' software           
3 5 'Structure model' database_2         
4 5 'Structure model' struct_ref_seq_dif 
5 6 'Structure model' chem_comp_atom     
6 6 'Structure model' chem_comp_bond     
# 
loop_
_pdbx_audit_revision_item.ordinal 
_pdbx_audit_revision_item.revision_ordinal 
_pdbx_audit_revision_item.data_content_type 
_pdbx_audit_revision_item.item 
1 5 'Structure model' '_database_2.pdbx_DOI'                
2 5 'Structure model' '_database_2.pdbx_database_accession' 
3 5 'Structure model' '_struct_ref_seq_dif.details'         
# 
_pdbx_database_status.status_code                     REL 
_pdbx_database_status.entry_id                        1MI8 
_pdbx_database_status.recvd_initial_deposition_date   2002-08-22 
_pdbx_database_status.deposit_site                    RCSB 
_pdbx_database_status.process_site                    PDBJ 
_pdbx_database_status.status_code_sf                  REL 
_pdbx_database_status.SG_entry                        . 
_pdbx_database_status.pdb_format_compatible           Y 
_pdbx_database_status.status_code_mr                  ? 
_pdbx_database_status.status_code_cs                  ? 
_pdbx_database_status.methods_development_category    ? 
_pdbx_database_status.status_code_nmr_data            ? 
# 
loop_
_audit_author.name 
_audit_author.pdbx_ordinal 
'Ding, Y.'      1 
'Chen, X.'      2 
'Ferrandon, S.' 3 
'Xu, M.'        4 
'Rao, Z.'       5 
# 
_citation.id                        primary 
_citation.title                     
;Crystal structure of mini-intein reveals a conserved catalytic module involved in side chain cyclization of asparagine during protein splicing
;
_citation.journal_abbrev            J.Biol.Chem. 
_citation.journal_volume            278 
_citation.page_first                39133 
_citation.page_last                 39142 
_citation.year                      2003 
_citation.journal_id_ASTM           JBCHA3 
_citation.country                   US 
_citation.journal_id_ISSN           0021-9258 
_citation.journal_id_CSD            0071 
_citation.book_publisher            ? 
_citation.pdbx_database_id_PubMed   12878593 
_citation.pdbx_database_id_DOI      10.1074/jbc.M306197200 
# 
loop_
_citation_author.citation_id 
_citation_author.name 
_citation_author.ordinal 
_citation_author.identifier_ORCID 
primary 'Ding, Y.'      1 ? 
primary 'Xu, M.Q.'      2 ? 
primary 'Ghosh, I.'     3 ? 
primary 'Chen, X.'      4 ? 
primary 'Ferrandon, S.' 5 ? 
primary 'Lesage, G.'    6 ? 
primary 'Rao, Z.'       7 ? 
# 
loop_
_entity.id 
_entity.type 
_entity.src_method 
_entity.pdbx_description 
_entity.formula_weight 
_entity.pdbx_number_of_molecules 
_entity.pdbx_ec 
_entity.pdbx_mutation 
_entity.pdbx_fragment 
_entity.details 
1 polymer man 'DnaB intein' 17600.168 1  3.6.1.- ? ? 'TETHERED DIMER LINKED BY LESSSLQLSPEIEKLSQ' 
2 water   nat water         18.015    50 ?       ? ? ?                                            
# 
_entity_name_com.entity_id   1 
_entity_name_com.name        'Replicative DNA helicase' 
# 
_entity_poly.entity_id                      1 
_entity_poly.type                           'polypeptide(L)' 
_entity_poly.nstd_linkage                   no 
_entity_poly.nstd_monomer                   no 
_entity_poly.pdbx_seq_one_letter_code       
;SGAISGDSLISLASTGKRVSIKDLLDEKDFEIWAINEQTMKLESAKVSRVFMTGKKLVYILKTRLGRTIKATANHRFLTI
DGWKRLDELSLKEHIALPRKLESSSLQLSPEIEKLSQSDISWDSIVSITETGVEEVFDLTVPGPHNFVANDIIVHASI
;
_entity_poly.pdbx_seq_one_letter_code_can   
;SGAISGDSLISLASTGKRVSIKDLLDEKDFEIWAINEQTMKLESAKVSRVFMTGKKLVYILKTRLGRTIKATANHRFLTI
DGWKRLDELSLKEHIALPRKLESSSLQLSPEIEKLSQSDISWDSIVSITETGVEEVFDLTVPGPHNFVANDIIVHASI
;
_entity_poly.pdbx_strand_id                 A 
_entity_poly.pdbx_target_identifier         ? 
# 
_pdbx_entity_nonpoly.entity_id   2 
_pdbx_entity_nonpoly.name        water 
_pdbx_entity_nonpoly.comp_id     HOH 
# 
loop_
_entity_poly_seq.entity_id 
_entity_poly_seq.num 
_entity_poly_seq.mon_id 
_entity_poly_seq.hetero 
1 1   SER n 
1 2   GLY n 
1 3   ALA n 
1 4   ILE n 
1 5   SER n 
1 6   GLY n 
1 7   ASP n 
1 8   SER n 
1 9   LEU n 
1 10  ILE n 
1 11  SER n 
1 12  LEU n 
1 13  ALA n 
1 14  SER n 
1 15  THR n 
1 16  GLY n 
1 17  LYS n 
1 18  ARG n 
1 19  VAL n 
1 20  SER n 
1 21  ILE n 
1 22  LYS n 
1 23  ASP n 
1 24  LEU n 
1 25  LEU n 
1 26  ASP n 
1 27  GLU n 
1 28  LYS n 
1 29  ASP n 
1 30  PHE n 
1 31  GLU n 
1 32  ILE n 
1 33  TRP n 
1 34  ALA n 
1 35  ILE n 
1 36  ASN n 
1 37  GLU n 
1 38  GLN n 
1 39  THR n 
1 40  MET n 
1 41  LYS n 
1 42  LEU n 
1 43  GLU n 
1 44  SER n 
1 45  ALA n 
1 46  LYS n 
1 47  VAL n 
1 48  SER n 
1 49  ARG n 
1 50  VAL n 
1 51  PHE n 
1 52  MET n 
1 53  THR n 
1 54  GLY n 
1 55  LYS n 
1 56  LYS n 
1 57  LEU n 
1 58  VAL n 
1 59  TYR n 
1 60  ILE n 
1 61  LEU n 
1 62  LYS n 
1 63  THR n 
1 64  ARG n 
1 65  LEU n 
1 66  GLY n 
1 67  ARG n 
1 68  THR n 
1 69  ILE n 
1 70  LYS n 
1 71  ALA n 
1 72  THR n 
1 73  ALA n 
1 74  ASN n 
1 75  HIS n 
1 76  ARG n 
1 77  PHE n 
1 78  LEU n 
1 79  THR n 
1 80  ILE n 
1 81  ASP n 
1 82  GLY n 
1 83  TRP n 
1 84  LYS n 
1 85  ARG n 
1 86  LEU n 
1 87  ASP n 
1 88  GLU n 
1 89  LEU n 
1 90  SER n 
1 91  LEU n 
1 92  LYS n 
1 93  GLU n 
1 94  HIS n 
1 95  ILE n 
1 96  ALA n 
1 97  LEU n 
1 98  PRO n 
1 99  ARG n 
1 100 LYS n 
1 101 LEU n 
1 102 GLU n 
1 103 SER n 
1 104 SER n 
1 105 SER n 
1 106 LEU n 
1 107 GLN n 
1 108 LEU n 
1 109 SER n 
1 110 PRO n 
1 111 GLU n 
1 112 ILE n 
1 113 GLU n 
1 114 LYS n 
1 115 LEU n 
1 116 SER n 
1 117 GLN n 
1 118 SER n 
1 119 ASP n 
1 120 ILE n 
1 121 SER n 
1 122 TRP n 
1 123 ASP n 
1 124 SER n 
1 125 ILE n 
1 126 VAL n 
1 127 SER n 
1 128 ILE n 
1 129 THR n 
1 130 GLU n 
1 131 THR n 
1 132 GLY n 
1 133 VAL n 
1 134 GLU n 
1 135 GLU n 
1 136 VAL n 
1 137 PHE n 
1 138 ASP n 
1 139 LEU n 
1 140 THR n 
1 141 VAL n 
1 142 PRO n 
1 143 GLY n 
1 144 PRO n 
1 145 HIS n 
1 146 ASN n 
1 147 PHE n 
1 148 VAL n 
1 149 ALA n 
1 150 ASN n 
1 151 ASP n 
1 152 ILE n 
1 153 ILE n 
1 154 VAL n 
1 155 HIS n 
1 156 ALA n 
1 157 SER n 
1 158 ILE n 
# 
loop_
_entity_src_gen.entity_id 
_entity_src_gen.pdbx_src_id 
_entity_src_gen.pdbx_alt_source_flag 
_entity_src_gen.pdbx_seq_type 
_entity_src_gen.pdbx_beg_seq_num 
_entity_src_gen.pdbx_end_seq_num 
_entity_src_gen.gene_src_common_name 
_entity_src_gen.gene_src_genus 
_entity_src_gen.pdbx_gene_src_gene 
_entity_src_gen.gene_src_species 
_entity_src_gen.gene_src_strain 
_entity_src_gen.gene_src_tissue 
_entity_src_gen.gene_src_tissue_fraction 
_entity_src_gen.gene_src_details 
_entity_src_gen.pdbx_gene_src_fragment 
_entity_src_gen.pdbx_gene_src_scientific_name 
_entity_src_gen.pdbx_gene_src_ncbi_taxonomy_id 
_entity_src_gen.pdbx_gene_src_variant 
_entity_src_gen.pdbx_gene_src_cell_line 
_entity_src_gen.pdbx_gene_src_atcc 
_entity_src_gen.pdbx_gene_src_organ 
_entity_src_gen.pdbx_gene_src_organelle 
_entity_src_gen.pdbx_gene_src_cell 
_entity_src_gen.pdbx_gene_src_cellular_location 
_entity_src_gen.host_org_common_name 
_entity_src_gen.pdbx_host_org_scientific_name 
_entity_src_gen.pdbx_host_org_ncbi_taxonomy_id 
_entity_src_gen.host_org_genus 
_entity_src_gen.pdbx_host_org_gene 
_entity_src_gen.pdbx_host_org_organ 
_entity_src_gen.host_org_species 
_entity_src_gen.pdbx_host_org_tissue 
_entity_src_gen.pdbx_host_org_tissue_fraction 
_entity_src_gen.pdbx_host_org_strain 
_entity_src_gen.pdbx_host_org_variant 
_entity_src_gen.pdbx_host_org_cell_line 
_entity_src_gen.pdbx_host_org_atcc 
_entity_src_gen.pdbx_host_org_culture_collection 
_entity_src_gen.pdbx_host_org_cell 
_entity_src_gen.pdbx_host_org_organelle 
_entity_src_gen.pdbx_host_org_cellular_location 
_entity_src_gen.pdbx_host_org_vector_type 
_entity_src_gen.pdbx_host_org_vector 
_entity_src_gen.host_org_details 
_entity_src_gen.expression_system_id 
_entity_src_gen.plasmid_name 
_entity_src_gen.plasmid_details 
_entity_src_gen.pdbx_description 
1 1 sample ? 1   100 ? Synechocystis ? ? 'PCC 6803' ? ? ? ? 'Synechocystis sp.' 1148 ? ? ? ? ? ? ? ? 'Escherichia coli' 562 
Escherichia ? ? ? ? ? ? ? ? ? ? ? ? ? PLASMID ? ? ? pTWIN ? ? 
1 2 sample ? 118 158 ? Synechocystis ? ? 'PCC 6803' ? ? ? ? 'Synechocystis sp.' 1148 ? ? ? ? ? ? ? ? 'Escherichia coli' 562 
Escherichia ? ? ? ? ? ? ? ? ? ? ? ? ? PLASMID ? ? ? pTWIN ? ? 
# 
loop_
_chem_comp.id 
_chem_comp.type 
_chem_comp.mon_nstd_flag 
_chem_comp.name 
_chem_comp.pdbx_synonyms 
_chem_comp.formula 
_chem_comp.formula_weight 
ALA 'L-peptide linking' y ALANINE         ? 'C3 H7 N O2'     89.093  
ARG 'L-peptide linking' y ARGININE        ? 'C6 H15 N4 O2 1' 175.209 
ASN 'L-peptide linking' y ASPARAGINE      ? 'C4 H8 N2 O3'    132.118 
ASP 'L-peptide linking' y 'ASPARTIC ACID' ? 'C4 H7 N O4'     133.103 
CYS 'L-peptide linking' y CYSTEINE        ? 'C3 H7 N O2 S'   121.158 
GLN 'L-peptide linking' y GLUTAMINE       ? 'C5 H10 N2 O3'   146.144 
GLU 'L-peptide linking' y 'GLUTAMIC ACID' ? 'C5 H9 N O4'     147.129 
GLY 'peptide linking'   y GLYCINE         ? 'C2 H5 N O2'     75.067  
HIS 'L-peptide linking' y HISTIDINE       ? 'C6 H10 N3 O2 1' 156.162 
HOH non-polymer         . WATER           ? 'H2 O'           18.015  
ILE 'L-peptide linking' y ISOLEUCINE      ? 'C6 H13 N O2'    131.173 
LEU 'L-peptide linking' y LEUCINE         ? 'C6 H13 N O2'    131.173 
LYS 'L-peptide linking' y LYSINE          ? 'C6 H15 N2 O2 1' 147.195 
MET 'L-peptide linking' y METHIONINE      ? 'C5 H11 N O2 S'  149.211 
PHE 'L-peptide linking' y PHENYLALANINE   ? 'C9 H11 N O2'    165.189 
PRO 'L-peptide linking' y PROLINE         ? 'C5 H9 N O2'     115.130 
SER 'L-peptide linking' y SERINE          ? 'C3 H7 N O3'     105.093 
THR 'L-peptide linking' y THREONINE       ? 'C4 H9 N O3'     119.119 
TRP 'L-peptide linking' y TRYPTOPHAN      ? 'C11 H12 N2 O2'  204.225 
TYR 'L-peptide linking' y TYROSINE        ? 'C9 H11 N O3'    181.189 
VAL 'L-peptide linking' y VALINE          ? 'C5 H11 N O2'    117.146 
# 
loop_
_pdbx_poly_seq_scheme.asym_id 
_pdbx_poly_seq_scheme.entity_id 
_pdbx_poly_seq_scheme.seq_id 
_pdbx_poly_seq_scheme.mon_id 
_pdbx_poly_seq_scheme.ndb_seq_num 
_pdbx_poly_seq_scheme.pdb_seq_num 
_pdbx_poly_seq_scheme.auth_seq_num 
_pdbx_poly_seq_scheme.pdb_mon_id 
_pdbx_poly_seq_scheme.auth_mon_id 
_pdbx_poly_seq_scheme.pdb_strand_id 
_pdbx_poly_seq_scheme.pdb_ins_code 
_pdbx_poly_seq_scheme.hetero 
A 1 1   SER 1   -2  -2  SER SER A . n 
A 1 2   GLY 2   -1  -1  GLY GLY A . n 
A 1 3   ALA 3   1   1   ALA ALA A . n 
A 1 4   ILE 4   2   2   ILE ILE A . n 
A 1 5   SER 5   3   3   SER SER A . n 
A 1 6   GLY 6   4   4   GLY GLY A . n 
A 1 7   ASP 7   5   5   ASP ASP A . n 
A 1 8   SER 8   6   6   SER SER A . n 
A 1 9   LEU 9   7   7   LEU LEU A . n 
A 1 10  ILE 10  8   8   ILE ILE A . n 
A 1 11  SER 11  9   9   SER SER A . n 
A 1 12  LEU 12  10  10  LEU LEU A . n 
A 1 13  ALA 13  11  11  ALA ALA A . n 
A 1 14  SER 14  12  12  SER SER A . n 
A 1 15  THR 15  13  13  THR THR A . n 
A 1 16  GLY 16  14  14  GLY GLY A . n 
A 1 17  LYS 17  15  15  LYS LYS A . n 
A 1 18  ARG 18  16  16  ARG ARG A . n 
A 1 19  VAL 19  17  17  VAL VAL A . n 
A 1 20  SER 20  18  18  SER SER A . n 
A 1 21  ILE 21  19  19  ILE ILE A . n 
A 1 22  LYS 22  20  20  LYS LYS A . n 
A 1 23  ASP 23  21  21  ASP ASP A . n 
A 1 24  LEU 24  22  22  LEU LEU A . n 
A 1 25  LEU 25  23  23  LEU LEU A . n 
A 1 26  ASP 26  24  24  ASP ASP A . n 
A 1 27  GLU 27  25  25  GLU GLU A . n 
A 1 28  LYS 28  26  26  LYS LYS A . n 
A 1 29  ASP 29  27  27  ASP ASP A . n 
A 1 30  PHE 30  28  28  PHE PHE A . n 
A 1 31  GLU 31  29  29  GLU GLU A . n 
A 1 32  ILE 32  30  30  ILE ILE A . n 
A 1 33  TRP 33  31  31  TRP TRP A . n 
A 1 34  ALA 34  32  32  ALA ALA A . n 
A 1 35  ILE 35  33  33  ILE ILE A . n 
A 1 36  ASN 36  34  34  ASN ASN A . n 
A 1 37  GLU 37  35  35  GLU GLU A . n 
A 1 38  GLN 38  36  36  GLN GLN A . n 
A 1 39  THR 39  37  37  THR THR A . n 
A 1 40  MET 40  38  38  MET MET A . n 
A 1 41  LYS 41  39  39  LYS LYS A . n 
A 1 42  LEU 42  40  40  LEU LEU A . n 
A 1 43  GLU 43  41  41  GLU GLU A . n 
A 1 44  SER 44  42  42  SER SER A . n 
A 1 45  ALA 45  43  43  ALA ALA A . n 
A 1 46  LYS 46  44  44  LYS LYS A . n 
A 1 47  VAL 47  45  45  VAL VAL A . n 
A 1 48  SER 48  46  46  SER SER A . n 
A 1 49  ARG 49  47  47  ARG ARG A . n 
A 1 50  VAL 50  48  48  VAL VAL A . n 
A 1 51  PHE 51  49  49  PHE PHE A . n 
A 1 52  MET 52  50  50  MET MET A . n 
A 1 53  THR 53  51  51  THR THR A . n 
A 1 54  GLY 54  52  52  GLY GLY A . n 
A 1 55  LYS 55  53  53  LYS LYS A . n 
A 1 56  LYS 56  54  54  LYS LYS A . n 
A 1 57  LEU 57  55  55  LEU LEU A . n 
A 1 58  VAL 58  56  56  VAL VAL A . n 
A 1 59  TYR 59  57  57  TYR TYR A . n 
A 1 60  ILE 60  58  58  ILE ILE A . n 
A 1 61  LEU 61  59  59  LEU LEU A . n 
A 1 62  LYS 62  60  60  LYS LYS A . n 
A 1 63  THR 63  61  61  THR THR A . n 
A 1 64  ARG 64  62  62  ARG ARG A . n 
A 1 65  LEU 65  63  63  LEU LEU A . n 
A 1 66  GLY 66  64  64  GLY GLY A . n 
A 1 67  ARG 67  65  65  ARG ARG A . n 
A 1 68  THR 68  66  66  THR THR A . n 
A 1 69  ILE 69  67  67  ILE ILE A . n 
A 1 70  LYS 70  68  68  LYS LYS A . n 
A 1 71  ALA 71  69  69  ALA ALA A . n 
A 1 72  THR 72  70  70  THR THR A . n 
A 1 73  ALA 73  71  71  ALA ALA A . n 
A 1 74  ASN 74  72  72  ASN ASN A . n 
A 1 75  HIS 75  73  73  HIS HIS A . n 
A 1 76  ARG 76  74  74  ARG ARG A . n 
A 1 77  PHE 77  75  75  PHE PHE A . n 
A 1 78  LEU 78  76  76  LEU LEU A . n 
A 1 79  THR 79  77  77  THR THR A . n 
A 1 80  ILE 80  78  78  ILE ILE A . n 
A 1 81  ASP 81  79  79  ASP ASP A . n 
A 1 82  GLY 82  80  80  GLY GLY A . n 
A 1 83  TRP 83  81  81  TRP TRP A . n 
A 1 84  LYS 84  82  82  LYS LYS A . n 
A 1 85  ARG 85  83  83  ARG ARG A . n 
A 1 86  LEU 86  84  84  LEU LEU A . n 
A 1 87  ASP 87  85  85  ASP ASP A . n 
A 1 88  GLU 88  86  86  GLU GLU A . n 
A 1 89  LEU 89  87  87  LEU LEU A . n 
A 1 90  SER 90  88  88  SER SER A . n 
A 1 91  LEU 91  89  89  LEU LEU A . n 
A 1 92  LYS 92  90  90  LYS LYS A . n 
A 1 93  GLU 93  91  91  GLU GLU A . n 
A 1 94  HIS 94  92  92  HIS HIS A . n 
A 1 95  ILE 95  93  93  ILE ILE A . n 
A 1 96  ALA 96  94  94  ALA ALA A . n 
A 1 97  LEU 97  95  95  LEU LEU A . n 
A 1 98  PRO 98  96  96  PRO PRO A . n 
A 1 99  ARG 99  97  97  ARG ARG A . n 
A 1 100 LYS 100 98  98  LYS LYS A . n 
A 1 101 LEU 101 99  ?   ?   ?   A . n 
A 1 102 GLU 102 100 ?   ?   ?   A . n 
A 1 103 SER 103 101 ?   ?   ?   A . n 
A 1 104 SER 104 102 ?   ?   ?   A . n 
A 1 105 SER 105 103 ?   ?   ?   A . n 
A 1 106 LEU 106 104 ?   ?   ?   A . n 
A 1 107 GLN 107 105 ?   ?   ?   A . n 
A 1 108 LEU 108 106 ?   ?   ?   A . n 
A 1 109 SER 109 107 ?   ?   ?   A . n 
A 1 110 PRO 110 108 ?   ?   ?   A . n 
A 1 111 GLU 111 109 ?   ?   ?   A . n 
A 1 112 ILE 112 110 ?   ?   ?   A . n 
A 1 113 GLU 113 111 ?   ?   ?   A . n 
A 1 114 LYS 114 112 ?   ?   ?   A . n 
A 1 115 LEU 115 113 ?   ?   ?   A . n 
A 1 116 SER 116 114 ?   ?   ?   A . n 
A 1 117 GLN 117 115 ?   ?   ?   A . n 
A 1 118 SER 118 116 116 SER SER A . n 
A 1 119 ASP 119 117 117 ASP ASP A . n 
A 1 120 ILE 120 118 118 ILE ILE A . n 
A 1 121 SER 121 119 119 SER SER A . n 
A 1 122 TRP 122 120 120 TRP TRP A . n 
A 1 123 ASP 123 121 121 ASP ASP A . n 
A 1 124 SER 124 122 122 SER SER A . n 
A 1 125 ILE 125 123 123 ILE ILE A . n 
A 1 126 VAL 126 124 124 VAL VAL A . n 
A 1 127 SER 127 125 125 SER SER A . n 
A 1 128 ILE 128 126 126 ILE ILE A . n 
A 1 129 THR 129 127 127 THR THR A . n 
A 1 130 GLU 130 128 128 GLU GLU A . n 
A 1 131 THR 131 129 129 THR THR A . n 
A 1 132 GLY 132 130 130 GLY GLY A . n 
A 1 133 VAL 133 131 131 VAL VAL A . n 
A 1 134 GLU 134 132 132 GLU GLU A . n 
A 1 135 GLU 135 133 133 GLU GLU A . n 
A 1 136 VAL 136 134 134 VAL VAL A . n 
A 1 137 PHE 137 135 135 PHE PHE A . n 
A 1 138 ASP 138 136 136 ASP ASP A . n 
A 1 139 LEU 139 137 137 LEU LEU A . n 
A 1 140 THR 140 138 138 THR THR A . n 
A 1 141 VAL 141 139 139 VAL VAL A . n 
A 1 142 PRO 142 140 140 PRO PRO A . n 
A 1 143 GLY 143 141 141 GLY GLY A . n 
A 1 144 PRO 144 142 142 PRO PRO A . n 
A 1 145 HIS 145 143 143 HIS HIS A . n 
A 1 146 ASN 146 144 144 ASN ASN A . n 
A 1 147 PHE 147 145 145 PHE PHE A . n 
A 1 148 VAL 148 146 146 VAL VAL A . n 
A 1 149 ALA 149 147 147 ALA ALA A . n 
A 1 150 ASN 150 148 148 ASN ASN A . n 
A 1 151 ASP 151 149 149 ASP ASP A . n 
A 1 152 ILE 152 150 150 ILE ILE A . n 
A 1 153 ILE 153 151 151 ILE ILE A . n 
A 1 154 VAL 154 152 152 VAL VAL A . n 
A 1 155 HIS 155 153 153 HIS HIS A . n 
A 1 156 ALA 156 154 154 ALA ALA A . n 
A 1 157 SER 157 155 155 SER SER A . n 
A 1 158 ILE 158 156 156 ILE ILE A . n 
# 
loop_
_pdbx_nonpoly_scheme.asym_id 
_pdbx_nonpoly_scheme.entity_id 
_pdbx_nonpoly_scheme.mon_id 
_pdbx_nonpoly_scheme.ndb_seq_num 
_pdbx_nonpoly_scheme.pdb_seq_num 
_pdbx_nonpoly_scheme.auth_seq_num 
_pdbx_nonpoly_scheme.pdb_mon_id 
_pdbx_nonpoly_scheme.auth_mon_id 
_pdbx_nonpoly_scheme.pdb_strand_id 
_pdbx_nonpoly_scheme.pdb_ins_code 
B 2 HOH 1  157 1  HOH TIP A . 
B 2 HOH 2  158 2  HOH TIP A . 
B 2 HOH 3  159 3  HOH TIP A . 
B 2 HOH 4  160 4  HOH TIP A . 
B 2 HOH 5  161 5  HOH TIP A . 
B 2 HOH 6  162 6  HOH TIP A . 
B 2 HOH 7  163 7  HOH TIP A . 
B 2 HOH 8  164 8  HOH TIP A . 
B 2 HOH 9  165 9  HOH TIP A . 
B 2 HOH 10 166 10 HOH TIP A . 
B 2 HOH 11 167 11 HOH TIP A . 
B 2 HOH 12 168 12 HOH TIP A . 
B 2 HOH 13 169 13 HOH TIP A . 
B 2 HOH 14 170 14 HOH TIP A . 
B 2 HOH 15 171 15 HOH TIP A . 
B 2 HOH 16 172 16 HOH TIP A . 
B 2 HOH 17 173 17 HOH TIP A . 
B 2 HOH 18 174 18 HOH TIP A . 
B 2 HOH 19 175 19 HOH TIP A . 
B 2 HOH 20 176 20 HOH TIP A . 
B 2 HOH 21 177 21 HOH TIP A . 
B 2 HOH 22 178 22 HOH TIP A . 
B 2 HOH 23 179 23 HOH TIP A . 
B 2 HOH 24 180 24 HOH TIP A . 
B 2 HOH 25 181 26 HOH TIP A . 
B 2 HOH 26 182 27 HOH TIP A . 
B 2 HOH 27 183 28 HOH TIP A . 
B 2 HOH 28 184 29 HOH TIP A . 
B 2 HOH 29 185 30 HOH TIP A . 
B 2 HOH 30 186 31 HOH TIP A . 
B 2 HOH 31 187 32 HOH TIP A . 
B 2 HOH 32 188 33 HOH TIP A . 
B 2 HOH 33 189 34 HOH TIP A . 
B 2 HOH 34 190 35 HOH TIP A . 
B 2 HOH 35 191 36 HOH TIP A . 
B 2 HOH 36 192 37 HOH TIP A . 
B 2 HOH 37 193 38 HOH TIP A . 
B 2 HOH 38 194 39 HOH TIP A . 
B 2 HOH 39 195 41 HOH TIP A . 
B 2 HOH 40 196 42 HOH TIP A . 
B 2 HOH 41 197 43 HOH TIP A . 
B 2 HOH 42 198 44 HOH TIP A . 
B 2 HOH 43 199 45 HOH TIP A . 
B 2 HOH 44 200 46 HOH TIP A . 
B 2 HOH 45 201 47 HOH TIP A . 
B 2 HOH 46 202 48 HOH TIP A . 
B 2 HOH 47 203 49 HOH TIP A . 
B 2 HOH 48 204 50 HOH TIP A . 
B 2 HOH 49 205 51 HOH TIP A . 
B 2 HOH 50 206 52 HOH TIP A . 
# 
loop_
_software.name 
_software.classification 
_software.version 
_software.citation_id 
_software.pdbx_ordinal 
DENZO     'data reduction' .   ? 1 
SCALEPACK 'data scaling'   .   ? 2 
AMoRE     phasing          .   ? 3 
CNS       refinement       1.0 ? 4 
# 
_cell.entry_id           1MI8 
_cell.length_a           58.17 
_cell.length_b           58.17 
_cell.length_c           70.28 
_cell.angle_alpha        90 
_cell.angle_beta         90 
_cell.angle_gamma        120 
_cell.pdbx_unique_axis   ? 
_cell.Z_PDB              6 
# 
_symmetry.entry_id                         1MI8 
_symmetry.space_group_name_H-M             'P 32 2 1' 
_symmetry.pdbx_full_space_group_name_H-M   ? 
_symmetry.Int_Tables_number                154 
_symmetry.cell_setting                     ? 
# 
_exptl.entry_id          1MI8 
_exptl.method            'X-RAY DIFFRACTION' 
_exptl.crystals_number   1 
# 
_exptl_crystal.id                    1 
_exptl_crystal.density_meas          ? 
_exptl_crystal.density_percent_sol   36.92 
_exptl_crystal.density_Matthews      1.95 
_exptl_crystal.description           ? 
# 
_exptl_crystal_grow.crystal_id      1 
_exptl_crystal_grow.method          'VAPOR DIFFUSION, HANGING DROP' 
_exptl_crystal_grow.temp            293 
_exptl_crystal_grow.temp_details    ? 
_exptl_crystal_grow.pH              7.8 
_exptl_crystal_grow.pdbx_details    'PEG4000, Tris-HCl, pH 7.8, VAPOR DIFFUSION, HANGING DROP, temperature 293K' 
_exptl_crystal_grow.pdbx_pH_range   . 
# 
_diffrn.id                     1 
_diffrn.ambient_temp           100 
_diffrn.ambient_temp_details   ? 
_diffrn.crystal_id             1 
# 
_diffrn_detector.diffrn_id              1 
_diffrn_detector.detector               'IMAGE PLATE' 
_diffrn_detector.type                   MARRESEARCH 
_diffrn_detector.pdbx_collection_date   2002-05-08 
_diffrn_detector.details                ? 
# 
_diffrn_radiation.diffrn_id                        1 
_diffrn_radiation.wavelength_id                    1 
_diffrn_radiation.pdbx_monochromatic_or_laue_m_l   M 
_diffrn_radiation.monochromator                    'osmic mirror' 
_diffrn_radiation.pdbx_diffrn_protocol             'SINGLE WAVELENGTH' 
_diffrn_radiation.pdbx_scattering_type             x-ray 
# 
_diffrn_radiation_wavelength.id           1 
_diffrn_radiation_wavelength.wavelength   1.5418 
_diffrn_radiation_wavelength.wt           1.0 
# 
_diffrn_source.diffrn_id                   1 
_diffrn_source.source                      'ROTATING ANODE' 
_diffrn_source.type                        'RIGAKU RU200' 
_diffrn_source.pdbx_synchrotron_site       ? 
_diffrn_source.pdbx_synchrotron_beamline   ? 
_diffrn_source.pdbx_wavelength             ? 
_diffrn_source.pdbx_wavelength_list        1.5418 
# 
_reflns.entry_id                     1MI8 
_reflns.observed_criterion_sigma_F   1 
_reflns.observed_criterion_sigma_I   1 
_reflns.d_resolution_high            2.0 
_reflns.d_resolution_low             50 
_reflns.number_all                   ? 
_reflns.number_obs                   9307 
_reflns.percent_possible_obs         99.9 
_reflns.pdbx_Rmerge_I_obs            ? 
_reflns.pdbx_Rsym_value              ? 
_reflns.pdbx_netI_over_sigmaI        ? 
_reflns.B_iso_Wilson_estimate        ? 
_reflns.pdbx_redundancy              ? 
_reflns.R_free_details               ? 
_reflns.limit_h_max                  ? 
_reflns.limit_h_min                  ? 
_reflns.limit_k_max                  ? 
_reflns.limit_k_min                  ? 
_reflns.limit_l_max                  ? 
_reflns.limit_l_min                  ? 
_reflns.observed_criterion_F_max     ? 
_reflns.observed_criterion_F_min     ? 
_reflns.pdbx_ordinal                 1 
_reflns.pdbx_diffrn_id               1 
# 
_reflns_shell.d_res_high             2.0 
_reflns_shell.d_res_low              2.07 
_reflns_shell.percent_possible_all   75.5 
_reflns_shell.Rmerge_I_obs           ? 
_reflns_shell.pdbx_Rsym_value        ? 
_reflns_shell.meanI_over_sigI_obs    ? 
_reflns_shell.pdbx_redundancy        ? 
_reflns_shell.percent_possible_obs   ? 
_reflns_shell.number_unique_all      ? 
_reflns_shell.pdbx_ordinal           1 
_reflns_shell.pdbx_diffrn_id         1 
# 
_refine.entry_id                                 1MI8 
_refine.ls_d_res_high                            2.0 
_refine.ls_d_res_low                             20.0 
_refine.pdbx_ls_sigma_F                          2 
_refine.pdbx_ls_sigma_I                          ? 
_refine.ls_number_reflns_all                     9677 
_refine.ls_number_reflns_obs                     8794 
_refine.ls_number_reflns_R_free                  919 
_refine.ls_percent_reflns_obs                    ? 
_refine.ls_R_factor_all                          0.237 
_refine.ls_R_factor_obs                          0.226 
_refine.ls_R_factor_R_work                       0.21 
_refine.ls_R_factor_R_free                       0.263 
_refine.ls_redundancy_reflns_obs                 ? 
_refine.pdbx_data_cutoff_high_absF               ? 
_refine.pdbx_data_cutoff_low_absF                ? 
_refine.ls_number_parameters                     ? 
_refine.ls_number_restraints                     ? 
_refine.ls_percent_reflns_R_free                 ? 
_refine.ls_R_factor_R_free_error                 ? 
_refine.ls_R_factor_R_free_error_details         ? 
_refine.pdbx_method_to_determine_struct          'MOLECULAR REPLACEMENT' 
_refine.pdbx_starting_model                      ? 
_refine.pdbx_ls_cross_valid_method               ? 
_refine.pdbx_R_Free_selection_details            RANDOM 
_refine.pdbx_stereochem_target_val_spec_case     ? 
_refine.pdbx_stereochemistry_target_values       'Engh & Huber' 
_refine.solvent_model_details                    ? 
_refine.solvent_model_param_bsol                 ? 
_refine.solvent_model_param_ksol                 ? 
_refine.occupancy_max                            ? 
_refine.occupancy_min                            ? 
_refine.pdbx_isotropic_thermal_model             ? 
_refine.B_iso_mean                               ? 
_refine.aniso_B[1][1]                            ? 
_refine.aniso_B[1][2]                            ? 
_refine.aniso_B[1][3]                            ? 
_refine.aniso_B[2][2]                            ? 
_refine.aniso_B[2][3]                            ? 
_refine.aniso_B[3][3]                            ? 
_refine.details                                  ? 
_refine.B_iso_min                                ? 
_refine.B_iso_max                                ? 
_refine.correlation_coeff_Fo_to_Fc               ? 
_refine.correlation_coeff_Fo_to_Fc_free          ? 
_refine.pdbx_solvent_vdw_probe_radii             ? 
_refine.pdbx_solvent_ion_probe_radii             ? 
_refine.pdbx_solvent_shrinkage_radii             ? 
_refine.overall_SU_R_Cruickshank_DPI             ? 
_refine.overall_SU_R_free                        ? 
_refine.overall_SU_B                             ? 
_refine.overall_SU_ML                            ? 
_refine.pdbx_overall_ESU_R                       ? 
_refine.pdbx_overall_ESU_R_Free                  ? 
_refine.pdbx_data_cutoff_high_rms_absF           ? 
_refine.pdbx_refine_id                           'X-RAY DIFFRACTION' 
_refine.pdbx_diffrn_id                           1 
_refine.pdbx_TLS_residual_ADP_flag               ? 
_refine.pdbx_overall_phase_error                 ? 
_refine.pdbx_overall_SU_R_free_Cruickshank_DPI   ? 
_refine.pdbx_overall_SU_R_Blow_DPI               ? 
_refine.pdbx_overall_SU_R_free_Blow_DPI          ? 
# 
_refine_hist.pdbx_refine_id                   'X-RAY DIFFRACTION' 
_refine_hist.cycle_id                         LAST 
_refine_hist.pdbx_number_atoms_protein        1107 
_refine_hist.pdbx_number_atoms_nucleic_acid   0 
_refine_hist.pdbx_number_atoms_ligand         0 
_refine_hist.number_atoms_solvent             50 
_refine_hist.number_atoms_total               1157 
_refine_hist.d_res_high                       2.0 
_refine_hist.d_res_low                        20.0 
# 
loop_
_refine_ls_restr.type 
_refine_ls_restr.dev_ideal 
_refine_ls_restr.dev_ideal_target 
_refine_ls_restr.weight 
_refine_ls_restr.number 
_refine_ls_restr.pdbx_refine_id 
_refine_ls_restr.pdbx_restraint_function 
c_bond_d  0.018 ? ? ? 'X-RAY DIFFRACTION' ? 
c_angle_d 2.04  ? ? ? 'X-RAY DIFFRACTION' ? 
# 
_struct.entry_id                  1MI8 
_struct.title                     '2.0 Angstrom crystal structure of a DnaB intein from Synechocystis sp. PCC 6803' 
_struct.pdbx_model_details        ? 
_struct.pdbx_CASP_flag            ? 
_struct.pdbx_model_type_details   ? 
# 
_struct_keywords.entry_id        1MI8 
_struct_keywords.pdbx_keywords   HYDROLASE 
_struct_keywords.text            'all beta-strands, Hydrolase' 
# 
loop_
_struct_asym.id 
_struct_asym.pdbx_blank_PDB_chainid_flag 
_struct_asym.pdbx_modified 
_struct_asym.entity_id 
_struct_asym.details 
A N N 1 ? 
B N N 2 ? 
# 
_struct_ref.id                         1 
_struct_ref.db_code                    DNAB_SYNY3 
_struct_ref.db_name                    UNP 
_struct_ref.entity_id                  1 
_struct_ref.pdbx_db_accession          Q55418 
_struct_ref.pdbx_align_begin           ? 
_struct_ref.pdbx_seq_one_letter_code   ? 
_struct_ref.pdbx_db_isoform            ? 
# 
loop_
_struct_ref_seq.align_id 
_struct_ref_seq.ref_id 
_struct_ref_seq.pdbx_PDB_id_code 
_struct_ref_seq.pdbx_strand_id 
_struct_ref_seq.seq_align_beg 
_struct_ref_seq.pdbx_seq_align_beg_ins_code 
_struct_ref_seq.seq_align_end 
_struct_ref_seq.pdbx_seq_align_end_ins_code 
_struct_ref_seq.pdbx_db_accession 
_struct_ref_seq.db_align_beg 
_struct_ref_seq.pdbx_db_align_beg_ins_code 
_struct_ref_seq.db_align_end 
_struct_ref_seq.pdbx_db_align_end_ins_code 
_struct_ref_seq.pdbx_auth_seq_align_beg 
_struct_ref_seq.pdbx_auth_seq_align_end 
1 1 1MI8 A 1   ? 100 ? Q55418 379 ? 478 ? -2  98  
2 1 1MI8 A 118 ? 158 ? Q55418 771 ? 811 ? 116 156 
# 
loop_
_struct_ref_seq_dif.align_id 
_struct_ref_seq_dif.pdbx_pdb_id_code 
_struct_ref_seq_dif.mon_id 
_struct_ref_seq_dif.pdbx_pdb_strand_id 
_struct_ref_seq_dif.seq_num 
_struct_ref_seq_dif.pdbx_pdb_ins_code 
_struct_ref_seq_dif.pdbx_seq_db_name 
_struct_ref_seq_dif.pdbx_seq_db_accession_code 
_struct_ref_seq_dif.db_mon_id 
_struct_ref_seq_dif.pdbx_seq_db_seq_num 
_struct_ref_seq_dif.details 
_struct_ref_seq_dif.pdbx_auth_seq_num 
_struct_ref_seq_dif.pdbx_ordinal 
1 1MI8 ALA A 3   ? UNP Q55418 CYS 381 'engineered mutation' 1   1  
1 1MI8 MET A 52  ? UNP Q55418 CYS 430 'engineered mutation' 50  2  
1 1MI8 LEU A 101 ? UNP Q55418 ?   ?   linker                99  3  
1 1MI8 GLU A 102 ? UNP Q55418 ?   ?   linker                100 4  
1 1MI8 SER A 103 ? UNP Q55418 ?   ?   linker                101 5  
1 1MI8 SER A 104 ? UNP Q55418 ?   ?   linker                102 6  
1 1MI8 SER A 105 ? UNP Q55418 ?   ?   linker                103 7  
1 1MI8 LEU A 106 ? UNP Q55418 ?   ?   linker                104 8  
1 1MI8 GLN A 107 ? UNP Q55418 ?   ?   linker                105 9  
1 1MI8 LEU A 108 ? UNP Q55418 ?   ?   linker                106 10 
1 1MI8 SER A 109 ? UNP Q55418 ?   ?   linker                107 11 
1 1MI8 PRO A 110 ? UNP Q55418 ?   ?   linker                108 12 
1 1MI8 GLU A 111 ? UNP Q55418 ?   ?   linker                109 13 
1 1MI8 ILE A 112 ? UNP Q55418 ?   ?   linker                110 14 
1 1MI8 GLU A 113 ? UNP Q55418 ?   ?   linker                111 15 
1 1MI8 LYS A 114 ? UNP Q55418 ?   ?   linker                112 16 
1 1MI8 LEU A 115 ? UNP Q55418 ?   ?   linker                113 17 
1 1MI8 SER A 116 ? UNP Q55418 ?   ?   linker                114 18 
1 1MI8 GLN A 117 ? UNP Q55418 ?   ?   linker                115 19 
1 1MI8 SER A 121 ? UNP Q55418 TYR 774 'engineered mutation' 119 20 
1 1MI8 ALA A 156 ? UNP Q55418 ASN 809 'engineered mutation' 154 21 
# 
_pdbx_struct_assembly.id                   1 
_pdbx_struct_assembly.details              author_defined_assembly 
_pdbx_struct_assembly.method_details       ? 
_pdbx_struct_assembly.oligomeric_details   dimeric 
_pdbx_struct_assembly.oligomeric_count     2 
# 
_pdbx_struct_assembly_gen.assembly_id       1 
_pdbx_struct_assembly_gen.oper_expression   1,2 
_pdbx_struct_assembly_gen.asym_id_list      A,B 
# 
loop_
_pdbx_struct_oper_list.id 
_pdbx_struct_oper_list.type 
_pdbx_struct_oper_list.name 
_pdbx_struct_oper_list.symmetry_operation 
_pdbx_struct_oper_list.matrix[1][1] 
_pdbx_struct_oper_list.matrix[1][2] 
_pdbx_struct_oper_list.matrix[1][3] 
_pdbx_struct_oper_list.vector[1] 
_pdbx_struct_oper_list.matrix[2][1] 
_pdbx_struct_oper_list.matrix[2][2] 
_pdbx_struct_oper_list.matrix[2][3] 
_pdbx_struct_oper_list.vector[2] 
_pdbx_struct_oper_list.matrix[3][1] 
_pdbx_struct_oper_list.matrix[3][2] 
_pdbx_struct_oper_list.matrix[3][3] 
_pdbx_struct_oper_list.vector[3] 
1 'identity operation'         1_555 x,y,z         1.0000000000  0.0000000000  0.0000000000 0.0000000000   0.0000000000  1.0000000000 0.0000000000  0.0000000000  0.0000000000 0.0000000000  1.0000000000  0.0000000000  
2 'crystal symmetry operation' 5_555 x-y,-y,-z+1/3 -0.6544566169 -0.6426094719 0.3984213890 -11.6243451136 -0.6426094719 0.1950653770 -0.7409470732 12.4939131342 0.3984213890 -0.7409470732 -0.5406087600 30.2328710010 
# 
_struct_biol.id                    1 
_struct_biol.details               'The biological assembly is a dimer generated from the monomer in the asymmetric unit' 
_struct_biol.pdbx_parent_biol_id   ? 
# 
loop_
_struct_conf.conf_type_id 
_struct_conf.id 
_struct_conf.pdbx_PDB_helix_id 
_struct_conf.beg_label_comp_id 
_struct_conf.beg_label_asym_id 
_struct_conf.beg_label_seq_id 
_struct_conf.pdbx_beg_PDB_ins_code 
_struct_conf.end_label_comp_id 
_struct_conf.end_label_asym_id 
_struct_conf.end_label_seq_id 
_struct_conf.pdbx_end_PDB_ins_code 
_struct_conf.beg_auth_comp_id 
_struct_conf.beg_auth_asym_id 
_struct_conf.beg_auth_seq_id 
_struct_conf.end_auth_comp_id 
_struct_conf.end_auth_asym_id 
_struct_conf.end_auth_seq_id 
_struct_conf.pdbx_PDB_helix_class 
_struct_conf.details 
_struct_conf.pdbx_PDB_helix_length 
HELX_P HELX_P1 1 LYS A 22 ? LEU A 25 ? LYS A 20 LEU A 23 5 ? 4 
HELX_P HELX_P2 2 ASP A 87 ? LEU A 89 ? ASP A 85 LEU A 87 5 ? 3 
# 
_struct_conf_type.id          HELX_P 
_struct_conf_type.criteria    ? 
_struct_conf_type.reference   ? 
# 
loop_
_struct_sheet.id 
_struct_sheet.type 
_struct_sheet.number_strands 
_struct_sheet.details 
A ? 4 ? 
B ? 3 ? 
C ? 2 ? 
D ? 2 ? 
E ? 2 ? 
F ? 2 ? 
# 
loop_
_struct_sheet_order.sheet_id 
_struct_sheet_order.range_id_1 
_struct_sheet_order.range_id_2 
_struct_sheet_order.offset 
_struct_sheet_order.sense 
A 1 2 ? anti-parallel 
A 2 3 ? anti-parallel 
A 3 4 ? anti-parallel 
B 1 2 ? anti-parallel 
B 2 3 ? anti-parallel 
C 1 2 ? anti-parallel 
D 1 2 ? anti-parallel 
E 1 2 ? anti-parallel 
F 1 2 ? anti-parallel 
# 
loop_
_struct_sheet_range.sheet_id 
_struct_sheet_range.id 
_struct_sheet_range.beg_label_comp_id 
_struct_sheet_range.beg_label_asym_id 
_struct_sheet_range.beg_label_seq_id 
_struct_sheet_range.pdbx_beg_PDB_ins_code 
_struct_sheet_range.end_label_comp_id 
_struct_sheet_range.end_label_asym_id 
_struct_sheet_range.end_label_seq_id 
_struct_sheet_range.pdbx_end_PDB_ins_code 
_struct_sheet_range.beg_auth_comp_id 
_struct_sheet_range.beg_auth_asym_id 
_struct_sheet_range.beg_auth_seq_id 
_struct_sheet_range.end_auth_comp_id 
_struct_sheet_range.end_auth_asym_id 
_struct_sheet_range.end_auth_seq_id 
A 1 ILE A 4   ? SER A 5   ? ILE A 2   SER A 3   
A 2 ILE A 120 ? THR A 140 ? ILE A 118 THR A 138 
A 3 ARG A 49  ? THR A 63  ? ARG A 47  THR A 61  
A 4 THR A 68  ? ALA A 71  ? THR A 66  ALA A 69  
B 1 ILE A 4   ? SER A 5   ? ILE A 2   SER A 3   
B 2 ILE A 120 ? THR A 140 ? ILE A 118 THR A 138 
B 3 HIS A 94  ? PRO A 98  ? HIS A 92  PRO A 96  
C 1 LEU A 9   ? SER A 11  ? LEU A 7   SER A 9   
C 2 ARG A 18  ? SER A 20  ? ARG A 16  SER A 18  
D 1 GLU A 31  ? ASN A 36  ? GLU A 29  ASN A 34  
D 2 LYS A 41  ? LYS A 46  ? LYS A 39  LYS A 44  
E 1 ARG A 76  ? THR A 79  ? ARG A 74  THR A 77  
E 2 GLY A 82  ? ARG A 85  ? GLY A 80  ARG A 83  
F 1 ASN A 146 ? ALA A 149 ? ASN A 144 ALA A 147 
F 2 ILE A 152 ? HIS A 155 ? ILE A 150 HIS A 153 
# 
loop_
_pdbx_struct_sheet_hbond.sheet_id 
_pdbx_struct_sheet_hbond.range_id_1 
_pdbx_struct_sheet_hbond.range_id_2 
_pdbx_struct_sheet_hbond.range_1_label_atom_id 
_pdbx_struct_sheet_hbond.range_1_label_comp_id 
_pdbx_struct_sheet_hbond.range_1_label_asym_id 
_pdbx_struct_sheet_hbond.range_1_label_seq_id 
_pdbx_struct_sheet_hbond.range_1_PDB_ins_code 
_pdbx_struct_sheet_hbond.range_1_auth_atom_id 
_pdbx_struct_sheet_hbond.range_1_auth_comp_id 
_pdbx_struct_sheet_hbond.range_1_auth_asym_id 
_pdbx_struct_sheet_hbond.range_1_auth_seq_id 
_pdbx_struct_sheet_hbond.range_2_label_atom_id 
_pdbx_struct_sheet_hbond.range_2_label_comp_id 
_pdbx_struct_sheet_hbond.range_2_label_asym_id 
_pdbx_struct_sheet_hbond.range_2_label_seq_id 
_pdbx_struct_sheet_hbond.range_2_PDB_ins_code 
_pdbx_struct_sheet_hbond.range_2_auth_atom_id 
_pdbx_struct_sheet_hbond.range_2_auth_comp_id 
_pdbx_struct_sheet_hbond.range_2_auth_asym_id 
_pdbx_struct_sheet_hbond.range_2_auth_seq_id 
A 1 2 N ILE A 4   ? N ILE A 2   O PHE A 137 ? O PHE A 135 
A 2 3 O GLU A 134 ? O GLU A 132 N LYS A 56  ? N LYS A 54  
A 3 4 N LEU A 61  ? N LEU A 59  O ILE A 69  ? O ILE A 67  
B 1 2 N ILE A 4   ? N ILE A 2   O PHE A 137 ? O PHE A 135 
B 2 3 O ASP A 123 ? O ASP A 121 N ILE A 95  ? N ILE A 93  
C 1 2 N ILE A 10  ? N ILE A 8   O VAL A 19  ? O VAL A 17  
D 1 2 N ILE A 32  ? N ILE A 30  O ALA A 45  ? O ALA A 43  
E 1 2 N PHE A 77  ? N PHE A 75  O LYS A 84  ? O LYS A 82  
F 1 2 N PHE A 147 ? N PHE A 145 O VAL A 154 ? O VAL A 152 
# 
_pdbx_validate_rmsd_angle.id                         1 
_pdbx_validate_rmsd_angle.PDB_model_num              1 
_pdbx_validate_rmsd_angle.auth_atom_id_1             NE 
_pdbx_validate_rmsd_angle.auth_asym_id_1             A 
_pdbx_validate_rmsd_angle.auth_comp_id_1             ARG 
_pdbx_validate_rmsd_angle.auth_seq_id_1              65 
_pdbx_validate_rmsd_angle.PDB_ins_code_1             ? 
_pdbx_validate_rmsd_angle.label_alt_id_1             ? 
_pdbx_validate_rmsd_angle.auth_atom_id_2             CZ 
_pdbx_validate_rmsd_angle.auth_asym_id_2             A 
_pdbx_validate_rmsd_angle.auth_comp_id_2             ARG 
_pdbx_validate_rmsd_angle.auth_seq_id_2              65 
_pdbx_validate_rmsd_angle.PDB_ins_code_2             ? 
_pdbx_validate_rmsd_angle.label_alt_id_2             ? 
_pdbx_validate_rmsd_angle.auth_atom_id_3             NH2 
_pdbx_validate_rmsd_angle.auth_asym_id_3             A 
_pdbx_validate_rmsd_angle.auth_comp_id_3             ARG 
_pdbx_validate_rmsd_angle.auth_seq_id_3              65 
_pdbx_validate_rmsd_angle.PDB_ins_code_3             ? 
_pdbx_validate_rmsd_angle.label_alt_id_3             ? 
_pdbx_validate_rmsd_angle.angle_value                117.06 
_pdbx_validate_rmsd_angle.angle_target_value         120.30 
_pdbx_validate_rmsd_angle.angle_deviation            -3.24 
_pdbx_validate_rmsd_angle.angle_standard_deviation   0.50 
_pdbx_validate_rmsd_angle.linker_flag                N 
# 
loop_
_pdbx_validate_torsion.id 
_pdbx_validate_torsion.PDB_model_num 
_pdbx_validate_torsion.auth_comp_id 
_pdbx_validate_torsion.auth_asym_id 
_pdbx_validate_torsion.auth_seq_id 
_pdbx_validate_torsion.PDB_ins_code 
_pdbx_validate_torsion.label_alt_id 
_pdbx_validate_torsion.phi 
_pdbx_validate_torsion.psi 
1 1 ALA A 1   ? ? 173.50  150.90 
2 1 ASP A 24  ? ? -100.20 52.42  
3 1 SER A 155 ? ? -33.73  141.17 
# 
loop_
_pdbx_unobs_or_zero_occ_residues.id 
_pdbx_unobs_or_zero_occ_residues.PDB_model_num 
_pdbx_unobs_or_zero_occ_residues.polymer_flag 
_pdbx_unobs_or_zero_occ_residues.occupancy_flag 
_pdbx_unobs_or_zero_occ_residues.auth_asym_id 
_pdbx_unobs_or_zero_occ_residues.auth_comp_id 
_pdbx_unobs_or_zero_occ_residues.auth_seq_id 
_pdbx_unobs_or_zero_occ_residues.PDB_ins_code 
_pdbx_unobs_or_zero_occ_residues.label_asym_id 
_pdbx_unobs_or_zero_occ_residues.label_comp_id 
_pdbx_unobs_or_zero_occ_residues.label_seq_id 
1  1 Y 1 A LEU 99  ? A LEU 101 
2  1 Y 1 A GLU 100 ? A GLU 102 
3  1 Y 1 A SER 101 ? A SER 103 
4  1 Y 1 A SER 102 ? A SER 104 
5  1 Y 1 A SER 103 ? A SER 105 
6  1 Y 1 A LEU 104 ? A LEU 106 
7  1 Y 1 A GLN 105 ? A GLN 107 
8  1 Y 1 A LEU 106 ? A LEU 108 
9  1 Y 1 A SER 107 ? A SER 109 
10 1 Y 1 A PRO 108 ? A PRO 110 
11 1 Y 1 A GLU 109 ? A GLU 111 
12 1 Y 1 A ILE 110 ? A ILE 112 
13 1 Y 1 A GLU 111 ? A GLU 113 
14 1 Y 1 A LYS 112 ? A LYS 114 
15 1 Y 1 A LEU 113 ? A LEU 115 
16 1 Y 1 A SER 114 ? A SER 116 
17 1 Y 1 A GLN 115 ? A GLN 117 
# 
loop_
_chem_comp_atom.comp_id 
_chem_comp_atom.atom_id 
_chem_comp_atom.type_symbol 
_chem_comp_atom.pdbx_aromatic_flag 
_chem_comp_atom.pdbx_stereo_config 
_chem_comp_atom.pdbx_ordinal 
ALA N    N N N 1   
ALA CA   C N S 2   
ALA C    C N N 3   
ALA O    O N N 4   
ALA CB   C N N 5   
ALA OXT  O N N 6   
ALA H    H N N 7   
ALA H2   H N N 8   
ALA HA   H N N 9   
ALA HB1  H N N 10  
ALA HB2  H N N 11  
ALA HB3  H N N 12  
ALA HXT  H N N 13  
ARG N    N N N 14  
ARG CA   C N S 15  
ARG C    C N N 16  
ARG O    O N N 17  
ARG CB   C N N 18  
ARG CG   C N N 19  
ARG CD   C N N 20  
ARG NE   N N N 21  
ARG CZ   C N N 22  
ARG NH1  N N N 23  
ARG NH2  N N N 24  
ARG OXT  O N N 25  
ARG H    H N N 26  
ARG H2   H N N 27  
ARG HA   H N N 28  
ARG HB2  H N N 29  
ARG HB3  H N N 30  
ARG HG2  H N N 31  
ARG HG3  H N N 32  
ARG HD2  H N N 33  
ARG HD3  H N N 34  
ARG HE   H N N 35  
ARG HH11 H N N 36  
ARG HH12 H N N 37  
ARG HH21 H N N 38  
ARG HH22 H N N 39  
ARG HXT  H N N 40  
ASN N    N N N 41  
ASN CA   C N S 42  
ASN C    C N N 43  
ASN O    O N N 44  
ASN CB   C N N 45  
ASN CG   C N N 46  
ASN OD1  O N N 47  
ASN ND2  N N N 48  
ASN OXT  O N N 49  
ASN H    H N N 50  
ASN H2   H N N 51  
ASN HA   H N N 52  
ASN HB2  H N N 53  
ASN HB3  H N N 54  
ASN HD21 H N N 55  
ASN HD22 H N N 56  
ASN HXT  H N N 57  
ASP N    N N N 58  
ASP CA   C N S 59  
ASP C    C N N 60  
ASP O    O N N 61  
ASP CB   C N N 62  
ASP CG   C N N 63  
ASP OD1  O N N 64  
ASP OD2  O N N 65  
ASP OXT  O N N 66  
ASP H    H N N 67  
ASP H2   H N N 68  
ASP HA   H N N 69  
ASP HB2  H N N 70  
ASP HB3  H N N 71  
ASP HD2  H N N 72  
ASP HXT  H N N 73  
CYS N    N N N 74  
CYS CA   C N R 75  
CYS C    C N N 76  
CYS O    O N N 77  
CYS CB   C N N 78  
CYS SG   S N N 79  
CYS OXT  O N N 80  
CYS H    H N N 81  
CYS H2   H N N 82  
CYS HA   H N N 83  
CYS HB2  H N N 84  
CYS HB3  H N N 85  
CYS HG   H N N 86  
CYS HXT  H N N 87  
GLN N    N N N 88  
GLN CA   C N S 89  
GLN C    C N N 90  
GLN O    O N N 91  
GLN CB   C N N 92  
GLN CG   C N N 93  
GLN CD   C N N 94  
GLN OE1  O N N 95  
GLN NE2  N N N 96  
GLN OXT  O N N 97  
GLN H    H N N 98  
GLN H2   H N N 99  
GLN HA   H N N 100 
GLN HB2  H N N 101 
GLN HB3  H N N 102 
GLN HG2  H N N 103 
GLN HG3  H N N 104 
GLN HE21 H N N 105 
GLN HE22 H N N 106 
GLN HXT  H N N 107 
GLU N    N N N 108 
GLU CA   C N S 109 
GLU C    C N N 110 
GLU O    O N N 111 
GLU CB   C N N 112 
GLU CG   C N N 113 
GLU CD   C N N 114 
GLU OE1  O N N 115 
GLU OE2  O N N 116 
GLU OXT  O N N 117 
GLU H    H N N 118 
GLU H2   H N N 119 
GLU HA   H N N 120 
GLU HB2  H N N 121 
GLU HB3  H N N 122 
GLU HG2  H N N 123 
GLU HG3  H N N 124 
GLU HE2  H N N 125 
GLU HXT  H N N 126 
GLY N    N N N 127 
GLY CA   C N N 128 
GLY C    C N N 129 
GLY O    O N N 130 
GLY OXT  O N N 131 
GLY H    H N N 132 
GLY H2   H N N 133 
GLY HA2  H N N 134 
GLY HA3  H N N 135 
GLY HXT  H N N 136 
HIS N    N N N 137 
HIS CA   C N S 138 
HIS C    C N N 139 
HIS O    O N N 140 
HIS CB   C N N 141 
HIS CG   C Y N 142 
HIS ND1  N Y N 143 
HIS CD2  C Y N 144 
HIS CE1  C Y N 145 
HIS NE2  N Y N 146 
HIS OXT  O N N 147 
HIS H    H N N 148 
HIS H2   H N N 149 
HIS HA   H N N 150 
HIS HB2  H N N 151 
HIS HB3  H N N 152 
HIS HD1  H N N 153 
HIS HD2  H N N 154 
HIS HE1  H N N 155 
HIS HE2  H N N 156 
HIS HXT  H N N 157 
HOH O    O N N 158 
HOH H1   H N N 159 
HOH H2   H N N 160 
ILE N    N N N 161 
ILE CA   C N S 162 
ILE C    C N N 163 
ILE O    O N N 164 
ILE CB   C N S 165 
ILE CG1  C N N 166 
ILE CG2  C N N 167 
ILE CD1  C N N 168 
ILE OXT  O N N 169 
ILE H    H N N 170 
ILE H2   H N N 171 
ILE HA   H N N 172 
ILE HB   H N N 173 
ILE HG12 H N N 174 
ILE HG13 H N N 175 
ILE HG21 H N N 176 
ILE HG22 H N N 177 
ILE HG23 H N N 178 
ILE HD11 H N N 179 
ILE HD12 H N N 180 
ILE HD13 H N N 181 
ILE HXT  H N N 182 
LEU N    N N N 183 
LEU CA   C N S 184 
LEU C    C N N 185 
LEU O    O N N 186 
LEU CB   C N N 187 
LEU CG   C N N 188 
LEU CD1  C N N 189 
LEU CD2  C N N 190 
LEU OXT  O N N 191 
LEU H    H N N 192 
LEU H2   H N N 193 
LEU HA   H N N 194 
LEU HB2  H N N 195 
LEU HB3  H N N 196 
LEU HG   H N N 197 
LEU HD11 H N N 198 
LEU HD12 H N N 199 
LEU HD13 H N N 200 
LEU HD21 H N N 201 
LEU HD22 H N N 202 
LEU HD23 H N N 203 
LEU HXT  H N N 204 
LYS N    N N N 205 
LYS CA   C N S 206 
LYS C    C N N 207 
LYS O    O N N 208 
LYS CB   C N N 209 
LYS CG   C N N 210 
LYS CD   C N N 211 
LYS CE   C N N 212 
LYS NZ   N N N 213 
LYS OXT  O N N 214 
LYS H    H N N 215 
LYS H2   H N N 216 
LYS HA   H N N 217 
LYS HB2  H N N 218 
LYS HB3  H N N 219 
LYS HG2  H N N 220 
LYS HG3  H N N 221 
LYS HD2  H N N 222 
LYS HD3  H N N 223 
LYS HE2  H N N 224 
LYS HE3  H N N 225 
LYS HZ1  H N N 226 
LYS HZ2  H N N 227 
LYS HZ3  H N N 228 
LYS HXT  H N N 229 
MET N    N N N 230 
MET CA   C N S 231 
MET C    C N N 232 
MET O    O N N 233 
MET CB   C N N 234 
MET CG   C N N 235 
MET SD   S N N 236 
MET CE   C N N 237 
MET OXT  O N N 238 
MET H    H N N 239 
MET H2   H N N 240 
MET HA   H N N 241 
MET HB2  H N N 242 
MET HB3  H N N 243 
MET HG2  H N N 244 
MET HG3  H N N 245 
MET HE1  H N N 246 
MET HE2  H N N 247 
MET HE3  H N N 248 
MET HXT  H N N 249 
PHE N    N N N 250 
PHE CA   C N S 251 
PHE C    C N N 252 
PHE O    O N N 253 
PHE CB   C N N 254 
PHE CG   C Y N 255 
PHE CD1  C Y N 256 
PHE CD2  C Y N 257 
PHE CE1  C Y N 258 
PHE CE2  C Y N 259 
PHE CZ   C Y N 260 
PHE OXT  O N N 261 
PHE H    H N N 262 
PHE H2   H N N 263 
PHE HA   H N N 264 
PHE HB2  H N N 265 
PHE HB3  H N N 266 
PHE HD1  H N N 267 
PHE HD2  H N N 268 
PHE HE1  H N N 269 
PHE HE2  H N N 270 
PHE HZ   H N N 271 
PHE HXT  H N N 272 
PRO N    N N N 273 
PRO CA   C N S 274 
PRO C    C N N 275 
PRO O    O N N 276 
PRO CB   C N N 277 
PRO CG   C N N 278 
PRO CD   C N N 279 
PRO OXT  O N N 280 
PRO H    H N N 281 
PRO HA   H N N 282 
PRO HB2  H N N 283 
PRO HB3  H N N 284 
PRO HG2  H N N 285 
PRO HG3  H N N 286 
PRO HD2  H N N 287 
PRO HD3  H N N 288 
PRO HXT  H N N 289 
SER N    N N N 290 
SER CA   C N S 291 
SER C    C N N 292 
SER O    O N N 293 
SER CB   C N N 294 
SER OG   O N N 295 
SER OXT  O N N 296 
SER H    H N N 297 
SER H2   H N N 298 
SER HA   H N N 299 
SER HB2  H N N 300 
SER HB3  H N N 301 
SER HG   H N N 302 
SER HXT  H N N 303 
THR N    N N N 304 
THR CA   C N S 305 
THR C    C N N 306 
THR O    O N N 307 
THR CB   C N R 308 
THR OG1  O N N 309 
THR CG2  C N N 310 
THR OXT  O N N 311 
THR H    H N N 312 
THR H2   H N N 313 
THR HA   H N N 314 
THR HB   H N N 315 
THR HG1  H N N 316 
THR HG21 H N N 317 
THR HG22 H N N 318 
THR HG23 H N N 319 
THR HXT  H N N 320 
TRP N    N N N 321 
TRP CA   C N S 322 
TRP C    C N N 323 
TRP O    O N N 324 
TRP CB   C N N 325 
TRP CG   C Y N 326 
TRP CD1  C Y N 327 
TRP CD2  C Y N 328 
TRP NE1  N Y N 329 
TRP CE2  C Y N 330 
TRP CE3  C Y N 331 
TRP CZ2  C Y N 332 
TRP CZ3  C Y N 333 
TRP CH2  C Y N 334 
TRP OXT  O N N 335 
TRP H    H N N 336 
TRP H2   H N N 337 
TRP HA   H N N 338 
TRP HB2  H N N 339 
TRP HB3  H N N 340 
TRP HD1  H N N 341 
TRP HE1  H N N 342 
TRP HE3  H N N 343 
TRP HZ2  H N N 344 
TRP HZ3  H N N 345 
TRP HH2  H N N 346 
TRP HXT  H N N 347 
TYR N    N N N 348 
TYR CA   C N S 349 
TYR C    C N N 350 
TYR O    O N N 351 
TYR CB   C N N 352 
TYR CG   C Y N 353 
TYR CD1  C Y N 354 
TYR CD2  C Y N 355 
TYR CE1  C Y N 356 
TYR CE2  C Y N 357 
TYR CZ   C Y N 358 
TYR OH   O N N 359 
TYR OXT  O N N 360 
TYR H    H N N 361 
TYR H2   H N N 362 
TYR HA   H N N 363 
TYR HB2  H N N 364 
TYR HB3  H N N 365 
TYR HD1  H N N 366 
TYR HD2  H N N 367 
TYR HE1  H N N 368 
TYR HE2  H N N 369 
TYR HH   H N N 370 
TYR HXT  H N N 371 
VAL N    N N N 372 
VAL CA   C N S 373 
VAL C    C N N 374 
VAL O    O N N 375 
VAL CB   C N N 376 
VAL CG1  C N N 377 
VAL CG2  C N N 378 
VAL OXT  O N N 379 
VAL H    H N N 380 
VAL H2   H N N 381 
VAL HA   H N N 382 
VAL HB   H N N 383 
VAL HG11 H N N 384 
VAL HG12 H N N 385 
VAL HG13 H N N 386 
VAL HG21 H N N 387 
VAL HG22 H N N 388 
VAL HG23 H N N 389 
VAL HXT  H N N 390 
# 
loop_
_chem_comp_bond.comp_id 
_chem_comp_bond.atom_id_1 
_chem_comp_bond.atom_id_2 
_chem_comp_bond.value_order 
_chem_comp_bond.pdbx_aromatic_flag 
_chem_comp_bond.pdbx_stereo_config 
_chem_comp_bond.pdbx_ordinal 
ALA N   CA   sing N N 1   
ALA N   H    sing N N 2   
ALA N   H2   sing N N 3   
ALA CA  C    sing N N 4   
ALA CA  CB   sing N N 5   
ALA CA  HA   sing N N 6   
ALA C   O    doub N N 7   
ALA C   OXT  sing N N 8   
ALA CB  HB1  sing N N 9   
ALA CB  HB2  sing N N 10  
ALA CB  HB3  sing N N 11  
ALA OXT HXT  sing N N 12  
ARG N   CA   sing N N 13  
ARG N   H    sing N N 14  
ARG N   H2   sing N N 15  
ARG CA  C    sing N N 16  
ARG CA  CB   sing N N 17  
ARG CA  HA   sing N N 18  
ARG C   O    doub N N 19  
ARG C   OXT  sing N N 20  
ARG CB  CG   sing N N 21  
ARG CB  HB2  sing N N 22  
ARG CB  HB3  sing N N 23  
ARG CG  CD   sing N N 24  
ARG CG  HG2  sing N N 25  
ARG CG  HG3  sing N N 26  
ARG CD  NE   sing N N 27  
ARG CD  HD2  sing N N 28  
ARG CD  HD3  sing N N 29  
ARG NE  CZ   sing N N 30  
ARG NE  HE   sing N N 31  
ARG CZ  NH1  sing N N 32  
ARG CZ  NH2  doub N N 33  
ARG NH1 HH11 sing N N 34  
ARG NH1 HH12 sing N N 35  
ARG NH2 HH21 sing N N 36  
ARG NH2 HH22 sing N N 37  
ARG OXT HXT  sing N N 38  
ASN N   CA   sing N N 39  
ASN N   H    sing N N 40  
ASN N   H2   sing N N 41  
ASN CA  C    sing N N 42  
ASN CA  CB   sing N N 43  
ASN CA  HA   sing N N 44  
ASN C   O    doub N N 45  
ASN C   OXT  sing N N 46  
ASN CB  CG   sing N N 47  
ASN CB  HB2  sing N N 48  
ASN CB  HB3  sing N N 49  
ASN CG  OD1  doub N N 50  
ASN CG  ND2  sing N N 51  
ASN ND2 HD21 sing N N 52  
ASN ND2 HD22 sing N N 53  
ASN OXT HXT  sing N N 54  
ASP N   CA   sing N N 55  
ASP N   H    sing N N 56  
ASP N   H2   sing N N 57  
ASP CA  C    sing N N 58  
ASP CA  CB   sing N N 59  
ASP CA  HA   sing N N 60  
ASP C   O    doub N N 61  
ASP C   OXT  sing N N 62  
ASP CB  CG   sing N N 63  
ASP CB  HB2  sing N N 64  
ASP CB  HB3  sing N N 65  
ASP CG  OD1  doub N N 66  
ASP CG  OD2  sing N N 67  
ASP OD2 HD2  sing N N 68  
ASP OXT HXT  sing N N 69  
CYS N   CA   sing N N 70  
CYS N   H    sing N N 71  
CYS N   H2   sing N N 72  
CYS CA  C    sing N N 73  
CYS CA  CB   sing N N 74  
CYS CA  HA   sing N N 75  
CYS C   O    doub N N 76  
CYS C   OXT  sing N N 77  
CYS CB  SG   sing N N 78  
CYS CB  HB2  sing N N 79  
CYS CB  HB3  sing N N 80  
CYS SG  HG   sing N N 81  
CYS OXT HXT  sing N N 82  
GLN N   CA   sing N N 83  
GLN N   H    sing N N 84  
GLN N   H2   sing N N 85  
GLN CA  C    sing N N 86  
GLN CA  CB   sing N N 87  
GLN CA  HA   sing N N 88  
GLN C   O    doub N N 89  
GLN C   OXT  sing N N 90  
GLN CB  CG   sing N N 91  
GLN CB  HB2  sing N N 92  
GLN CB  HB3  sing N N 93  
GLN CG  CD   sing N N 94  
GLN CG  HG2  sing N N 95  
GLN CG  HG3  sing N N 96  
GLN CD  OE1  doub N N 97  
GLN CD  NE2  sing N N 98  
GLN NE2 HE21 sing N N 99  
GLN NE2 HE22 sing N N 100 
GLN OXT HXT  sing N N 101 
GLU N   CA   sing N N 102 
GLU N   H    sing N N 103 
GLU N   H2   sing N N 104 
GLU CA  C    sing N N 105 
GLU CA  CB   sing N N 106 
GLU CA  HA   sing N N 107 
GLU C   O    doub N N 108 
GLU C   OXT  sing N N 109 
GLU CB  CG   sing N N 110 
GLU CB  HB2  sing N N 111 
GLU CB  HB3  sing N N 112 
GLU CG  CD   sing N N 113 
GLU CG  HG2  sing N N 114 
GLU CG  HG3  sing N N 115 
GLU CD  OE1  doub N N 116 
GLU CD  OE2  sing N N 117 
GLU OE2 HE2  sing N N 118 
GLU OXT HXT  sing N N 119 
GLY N   CA   sing N N 120 
GLY N   H    sing N N 121 
GLY N   H2   sing N N 122 
GLY CA  C    sing N N 123 
GLY CA  HA2  sing N N 124 
GLY CA  HA3  sing N N 125 
GLY C   O    doub N N 126 
GLY C   OXT  sing N N 127 
GLY OXT HXT  sing N N 128 
HIS N   CA   sing N N 129 
HIS N   H    sing N N 130 
HIS N   H2   sing N N 131 
HIS CA  C    sing N N 132 
HIS CA  CB   sing N N 133 
HIS CA  HA   sing N N 134 
HIS C   O    doub N N 135 
HIS C   OXT  sing N N 136 
HIS CB  CG   sing N N 137 
HIS CB  HB2  sing N N 138 
HIS CB  HB3  sing N N 139 
HIS CG  ND1  sing Y N 140 
HIS CG  CD2  doub Y N 141 
HIS ND1 CE1  doub Y N 142 
HIS ND1 HD1  sing N N 143 
HIS CD2 NE2  sing Y N 144 
HIS CD2 HD2  sing N N 145 
HIS CE1 NE2  sing Y N 146 
HIS CE1 HE1  sing N N 147 
HIS NE2 HE2  sing N N 148 
HIS OXT HXT  sing N N 149 
HOH O   H1   sing N N 150 
HOH O   H2   sing N N 151 
ILE N   CA   sing N N 152 
ILE N   H    sing N N 153 
ILE N   H2   sing N N 154 
ILE CA  C    sing N N 155 
ILE CA  CB   sing N N 156 
ILE CA  HA   sing N N 157 
ILE C   O    doub N N 158 
ILE C   OXT  sing N N 159 
ILE CB  CG1  sing N N 160 
ILE CB  CG2  sing N N 161 
ILE CB  HB   sing N N 162 
ILE CG1 CD1  sing N N 163 
ILE CG1 HG12 sing N N 164 
ILE CG1 HG13 sing N N 165 
ILE CG2 HG21 sing N N 166 
ILE CG2 HG22 sing N N 167 
ILE CG2 HG23 sing N N 168 
ILE CD1 HD11 sing N N 169 
ILE CD1 HD12 sing N N 170 
ILE CD1 HD13 sing N N 171 
ILE OXT HXT  sing N N 172 
LEU N   CA   sing N N 173 
LEU N   H    sing N N 174 
LEU N   H2   sing N N 175 
LEU CA  C    sing N N 176 
LEU CA  CB   sing N N 177 
LEU CA  HA   sing N N 178 
LEU C   O    doub N N 179 
LEU C   OXT  sing N N 180 
LEU CB  CG   sing N N 181 
LEU CB  HB2  sing N N 182 
LEU CB  HB3  sing N N 183 
LEU CG  CD1  sing N N 184 
LEU CG  CD2  sing N N 185 
LEU CG  HG   sing N N 186 
LEU CD1 HD11 sing N N 187 
LEU CD1 HD12 sing N N 188 
LEU CD1 HD13 sing N N 189 
LEU CD2 HD21 sing N N 190 
LEU CD2 HD22 sing N N 191 
LEU CD2 HD23 sing N N 192 
LEU OXT HXT  sing N N 193 
LYS N   CA   sing N N 194 
LYS N   H    sing N N 195 
LYS N   H2   sing N N 196 
LYS CA  C    sing N N 197 
LYS CA  CB   sing N N 198 
LYS CA  HA   sing N N 199 
LYS C   O    doub N N 200 
LYS C   OXT  sing N N 201 
LYS CB  CG   sing N N 202 
LYS CB  HB2  sing N N 203 
LYS CB  HB3  sing N N 204 
LYS CG  CD   sing N N 205 
LYS CG  HG2  sing N N 206 
LYS CG  HG3  sing N N 207 
LYS CD  CE   sing N N 208 
LYS CD  HD2  sing N N 209 
LYS CD  HD3  sing N N 210 
LYS CE  NZ   sing N N 211 
LYS CE  HE2  sing N N 212 
LYS CE  HE3  sing N N 213 
LYS NZ  HZ1  sing N N 214 
LYS NZ  HZ2  sing N N 215 
LYS NZ  HZ3  sing N N 216 
LYS OXT HXT  sing N N 217 
MET N   CA   sing N N 218 
MET N   H    sing N N 219 
MET N   H2   sing N N 220 
MET CA  C    sing N N 221 
MET CA  CB   sing N N 222 
MET CA  HA   sing N N 223 
MET C   O    doub N N 224 
MET C   OXT  sing N N 225 
MET CB  CG   sing N N 226 
MET CB  HB2  sing N N 227 
MET CB  HB3  sing N N 228 
MET CG  SD   sing N N 229 
MET CG  HG2  sing N N 230 
MET CG  HG3  sing N N 231 
MET SD  CE   sing N N 232 
MET CE  HE1  sing N N 233 
MET CE  HE2  sing N N 234 
MET CE  HE3  sing N N 235 
MET OXT HXT  sing N N 236 
PHE N   CA   sing N N 237 
PHE N   H    sing N N 238 
PHE N   H2   sing N N 239 
PHE CA  C    sing N N 240 
PHE CA  CB   sing N N 241 
PHE CA  HA   sing N N 242 
PHE C   O    doub N N 243 
PHE C   OXT  sing N N 244 
PHE CB  CG   sing N N 245 
PHE CB  HB2  sing N N 246 
PHE CB  HB3  sing N N 247 
PHE CG  CD1  doub Y N 248 
PHE CG  CD2  sing Y N 249 
PHE CD1 CE1  sing Y N 250 
PHE CD1 HD1  sing N N 251 
PHE CD2 CE2  doub Y N 252 
PHE CD2 HD2  sing N N 253 
PHE CE1 CZ   doub Y N 254 
PHE CE1 HE1  sing N N 255 
PHE CE2 CZ   sing Y N 256 
PHE CE2 HE2  sing N N 257 
PHE CZ  HZ   sing N N 258 
PHE OXT HXT  sing N N 259 
PRO N   CA   sing N N 260 
PRO N   CD   sing N N 261 
PRO N   H    sing N N 262 
PRO CA  C    sing N N 263 
PRO CA  CB   sing N N 264 
PRO CA  HA   sing N N 265 
PRO C   O    doub N N 266 
PRO C   OXT  sing N N 267 
PRO CB  CG   sing N N 268 
PRO CB  HB2  sing N N 269 
PRO CB  HB3  sing N N 270 
PRO CG  CD   sing N N 271 
PRO CG  HG2  sing N N 272 
PRO CG  HG3  sing N N 273 
PRO CD  HD2  sing N N 274 
PRO CD  HD3  sing N N 275 
PRO OXT HXT  sing N N 276 
SER N   CA   sing N N 277 
SER N   H    sing N N 278 
SER N   H2   sing N N 279 
SER CA  C    sing N N 280 
SER CA  CB   sing N N 281 
SER CA  HA   sing N N 282 
SER C   O    doub N N 283 
SER C   OXT  sing N N 284 
SER CB  OG   sing N N 285 
SER CB  HB2  sing N N 286 
SER CB  HB3  sing N N 287 
SER OG  HG   sing N N 288 
SER OXT HXT  sing N N 289 
THR N   CA   sing N N 290 
THR N   H    sing N N 291 
THR N   H2   sing N N 292 
THR CA  C    sing N N 293 
THR CA  CB   sing N N 294 
THR CA  HA   sing N N 295 
THR C   O    doub N N 296 
THR C   OXT  sing N N 297 
THR CB  OG1  sing N N 298 
THR CB  CG2  sing N N 299 
THR CB  HB   sing N N 300 
THR OG1 HG1  sing N N 301 
THR CG2 HG21 sing N N 302 
THR CG2 HG22 sing N N 303 
THR CG2 HG23 sing N N 304 
THR OXT HXT  sing N N 305 
TRP N   CA   sing N N 306 
TRP N   H    sing N N 307 
TRP N   H2   sing N N 308 
TRP CA  C    sing N N 309 
TRP CA  CB   sing N N 310 
TRP CA  HA   sing N N 311 
TRP C   O    doub N N 312 
TRP C   OXT  sing N N 313 
TRP CB  CG   sing N N 314 
TRP CB  HB2  sing N N 315 
TRP CB  HB3  sing N N 316 
TRP CG  CD1  doub Y N 317 
TRP CG  CD2  sing Y N 318 
TRP CD1 NE1  sing Y N 319 
TRP CD1 HD1  sing N N 320 
TRP CD2 CE2  doub Y N 321 
TRP CD2 CE3  sing Y N 322 
TRP NE1 CE2  sing Y N 323 
TRP NE1 HE1  sing N N 324 
TRP CE2 CZ2  sing Y N 325 
TRP CE3 CZ3  doub Y N 326 
TRP CE3 HE3  sing N N 327 
TRP CZ2 CH2  doub Y N 328 
TRP CZ2 HZ2  sing N N 329 
TRP CZ3 CH2  sing Y N 330 
TRP CZ3 HZ3  sing N N 331 
TRP CH2 HH2  sing N N 332 
TRP OXT HXT  sing N N 333 
TYR N   CA   sing N N 334 
TYR N   H    sing N N 335 
TYR N   H2   sing N N 336 
TYR CA  C    sing N N 337 
TYR CA  CB   sing N N 338 
TYR CA  HA   sing N N 339 
TYR C   O    doub N N 340 
TYR C   OXT  sing N N 341 
TYR CB  CG   sing N N 342 
TYR CB  HB2  sing N N 343 
TYR CB  HB3  sing N N 344 
TYR CG  CD1  doub Y N 345 
TYR CG  CD2  sing Y N 346 
TYR CD1 CE1  sing Y N 347 
TYR CD1 HD1  sing N N 348 
TYR CD2 CE2  doub Y N 349 
TYR CD2 HD2  sing N N 350 
TYR CE1 CZ   doub Y N 351 
TYR CE1 HE1  sing N N 352 
TYR CE2 CZ   sing Y N 353 
TYR CE2 HE2  sing N N 354 
TYR CZ  OH   sing N N 355 
TYR OH  HH   sing N N 356 
TYR OXT HXT  sing N N 357 
VAL N   CA   sing N N 358 
VAL N   H    sing N N 359 
VAL N   H2   sing N N 360 
VAL CA  C    sing N N 361 
VAL CA  CB   sing N N 362 
VAL CA  HA   sing N N 363 
VAL C   O    doub N N 364 
VAL C   OXT  sing N N 365 
VAL CB  CG1  sing N N 366 
VAL CB  CG2  sing N N 367 
VAL CB  HB   sing N N 368 
VAL CG1 HG11 sing N N 369 
VAL CG1 HG12 sing N N 370 
VAL CG1 HG13 sing N N 371 
VAL CG2 HG21 sing N N 372 
VAL CG2 HG22 sing N N 373 
VAL CG2 HG23 sing N N 374 
VAL OXT HXT  sing N N 375 
# 
_atom_sites.entry_id                    1MI8 
_atom_sites.fract_transf_matrix[1][1]   0.00767074 
_atom_sites.fract_transf_matrix[1][2]   -0.01830576 
_atom_sites.fract_transf_matrix[1][3]   -0.00030839 
_atom_sites.fract_transf_matrix[2][1]   0.00105033 
_atom_sites.fract_transf_matrix[2][2]   -0.01003414 
_atom_sites.fract_transf_matrix[2][3]   -0.01709489 
_atom_sites.fract_transf_matrix[3][1]   0.01291965 
_atom_sites.fract_transf_matrix[3][2]   0.00545434 
_atom_sites.fract_transf_matrix[3][3]   -0.00240772 
_atom_sites.fract_transf_vector[1]      0.321082 
_atom_sites.fract_transf_vector[2]      0.327201 
_atom_sites.fract_transf_vector[3]      0.244083 
# 
loop_
_atom_type.symbol 
C 
N 
O 
S 
# 
loop_
_atom_site.group_PDB 
_atom_site.id 
_atom_site.type_symbol 
_atom_site.label_atom_id 
_atom_site.label_alt_id 
_atom_site.label_comp_id 
_atom_site.label_asym_id 
_atom_site.label_entity_id 
_atom_site.label_seq_id 
_atom_site.pdbx_PDB_ins_code 
_atom_site.Cartn_x 
_atom_site.Cartn_y 
_atom_site.Cartn_z 
_atom_site.occupancy 
_atom_site.B_iso_or_equiv 
_atom_site.pdbx_formal_charge 
_atom_site.auth_seq_id 
_atom_site.auth_comp_id 
_atom_site.auth_asym_id 
_atom_site.auth_atom_id 
_atom_site.pdbx_PDB_model_num 
ATOM   1    N N   . SER A 1 1   ? 5.751   10.142  -2.261  1.00 50.47 ? -2  SER A N   1 
ATOM   2    C CA  . SER A 1 1   ? 6.325   10.666  -1.050  1.00 49.08 ? -2  SER A CA  1 
ATOM   3    C C   . SER A 1 1   ? 6.030   9.784   0.161   1.00 47.71 ? -2  SER A C   1 
ATOM   4    O O   . SER A 1 1   ? 6.606   10.034  1.225   1.00 48.03 ? -2  SER A O   1 
ATOM   5    C CB  . SER A 1 1   ? 5.847   12.099  -0.770  1.00 49.75 ? -2  SER A CB  1 
ATOM   6    O OG  . SER A 1 1   ? 4.709   12.116  0.040   1.00 49.53 ? -2  SER A OG  1 
ATOM   7    N N   . GLY A 1 2   ? 5.200   8.794   0.112   1.00 44.84 ? -1  GLY A N   1 
ATOM   8    C CA  . GLY A 1 2   ? 5.161   7.998   1.329   1.00 41.19 ? -1  GLY A CA  1 
ATOM   9    C C   . GLY A 1 2   ? 6.319   6.979   1.353   1.00 38.95 ? -1  GLY A C   1 
ATOM   10   O O   . GLY A 1 2   ? 7.379   7.167   0.737   1.00 40.10 ? -1  GLY A O   1 
ATOM   11   N N   . ALA A 1 3   ? 6.040   5.911   2.087   1.00 33.99 ? 1   ALA A N   1 
ATOM   12   C CA  . ALA A 1 3   ? 6.934   4.742   2.170   1.00 29.89 ? 1   ALA A CA  1 
ATOM   13   C C   . ALA A 1 3   ? 6.404   3.772   3.209   1.00 27.00 ? 1   ALA A C   1 
ATOM   14   O O   . ALA A 1 3   ? 5.781   4.172   4.207   1.00 25.68 ? 1   ALA A O   1 
ATOM   15   C CB  . ALA A 1 3   ? 8.407   5.155   2.518   1.00 30.02 ? 1   ALA A CB  1 
ATOM   16   N N   . ILE A 1 4   ? 6.689   2.494   3.006   1.00 25.32 ? 2   ILE A N   1 
ATOM   17   C CA  . ILE A 1 4   ? 6.190   1.482   3.932   1.00 25.24 ? 2   ILE A CA  1 
ATOM   18   C C   . ILE A 1 4   ? 7.350   0.605   4.412   1.00 28.03 ? 2   ILE A C   1 
ATOM   19   O O   . ILE A 1 4   ? 8.427   0.626   3.798   1.00 29.24 ? 2   ILE A O   1 
ATOM   20   C CB  . ILE A 1 4   ? 5.154   0.593   3.196   1.00 23.85 ? 2   ILE A CB  1 
ATOM   21   C CG1 . ILE A 1 4   ? 5.836   -0.069  1.969   1.00 17.48 ? 2   ILE A CG1 1 
ATOM   22   C CG2 . ILE A 1 4   ? 3.960   1.495   2.652   1.00 19.53 ? 2   ILE A CG2 1 
ATOM   23   C CD1 . ILE A 1 4   ? 4.966   -1.095  1.245   1.00 20.82 ? 2   ILE A CD1 1 
ATOM   24   N N   . SER A 1 5   ? 7.132   -0.166  5.475   1.00 25.30 ? 3   SER A N   1 
ATOM   25   C CA  . SER A 1 5   ? 8.166   -1.072  5.967   1.00 26.75 ? 3   SER A CA  1 
ATOM   26   C C   . SER A 1 5   ? 8.568   -2.120  4.895   1.00 26.95 ? 3   SER A C   1 
ATOM   27   O O   . SER A 1 5   ? 7.733   -2.605  4.089   1.00 28.67 ? 3   SER A O   1 
ATOM   28   C CB  . SER A 1 5   ? 7.680   -1.800  7.255   1.00 26.84 ? 3   SER A CB  1 
ATOM   29   O OG  . SER A 1 5   ? 8.301   -3.072  7.472   1.00 27.74 ? 3   SER A OG  1 
ATOM   30   N N   . GLY A 1 6   ? 9.851   -2.470  4.908   1.00 26.76 ? 4   GLY A N   1 
ATOM   31   C CA  . GLY A 1 6   ? 10.369  -3.454  3.993   1.00 26.43 ? 4   GLY A CA  1 
ATOM   32   C C   . GLY A 1 6   ? 9.727   -4.812  4.155   1.00 26.98 ? 4   GLY A C   1 
ATOM   33   O O   . GLY A 1 6   ? 9.800   -5.622  3.251   1.00 25.67 ? 4   GLY A O   1 
ATOM   34   N N   . ASP A 1 7   ? 9.089   -5.045  5.307   1.00 27.99 ? 5   ASP A N   1 
ATOM   35   C CA  . ASP A 1 7   ? 8.413   -6.307  5.611   1.00 28.58 ? 5   ASP A CA  1 
ATOM   36   C C   . ASP A 1 7   ? 7.151   -6.461  4.766   1.00 26.78 ? 5   ASP A C   1 
ATOM   37   O O   . ASP A 1 7   ? 6.647   -7.566  4.597   1.00 27.78 ? 5   ASP A O   1 
ATOM   38   C CB  . ASP A 1 7   ? 7.960   -6.346  7.080   1.00 31.23 ? 5   ASP A CB  1 
ATOM   39   C CG  . ASP A 1 7   ? 9.101   -6.003  8.091   1.00 37.18 ? 5   ASP A CG  1 
ATOM   40   O OD1 . ASP A 1 7   ? 8.866   -6.132  9.311   1.00 35.84 ? 5   ASP A OD1 1 
ATOM   41   O OD2 . ASP A 1 7   ? 10.209  -5.595  7.684   1.00 37.80 ? 5   ASP A OD2 1 
ATOM   42   N N   . SER A 1 8   ? 6.606   -5.347  4.306   1.00 25.12 ? 6   SER A N   1 
ATOM   43   C CA  . SER A 1 8   ? 5.344   -5.389  3.546   1.00 22.92 ? 6   SER A CA  1 
ATOM   44   C C   . SER A 1 8   ? 5.408   -6.345  2.335   1.00 22.40 ? 6   SER A C   1 
ATOM   45   O O   . SER A 1 8   ? 6.322   -6.331  1.526   1.00 23.57 ? 6   SER A O   1 
ATOM   46   C CB  . SER A 1 8   ? 4.940   -3.971  3.080   1.00 20.37 ? 6   SER A CB  1 
ATOM   47   O OG  . SER A 1 8   ? 4.976   -2.998  4.139   1.00 17.75 ? 6   SER A OG  1 
ATOM   48   N N   . LEU A 1 9   ? 4.414   -7.188  2.236   1.00 21.23 ? 7   LEU A N   1 
ATOM   49   C CA  . LEU A 1 9   ? 4.336   -8.166  1.175   1.00 21.86 ? 7   LEU A CA  1 
ATOM   50   C C   . LEU A 1 9   ? 3.584   -7.654  -0.058  1.00 23.31 ? 7   LEU A C   1 
ATOM   51   O O   . LEU A 1 9   ? 2.366   -7.355  -0.009  1.00 22.40 ? 7   LEU A O   1 
ATOM   52   C CB  . LEU A 1 9   ? 3.658   -9.407  1.724   1.00 23.96 ? 7   LEU A CB  1 
ATOM   53   C CG  . LEU A 1 9   ? 4.472   -10.597 2.266   1.00 28.19 ? 7   LEU A CG  1 
ATOM   54   C CD1 . LEU A 1 9   ? 5.832   -10.157 2.656   1.00 27.68 ? 7   LEU A CD1 1 
ATOM   55   C CD2 . LEU A 1 9   ? 3.712   -11.323 3.373   1.00 26.01 ? 7   LEU A CD2 1 
ATOM   56   N N   . ILE A 1 10  ? 4.324   -7.587  -1.167  1.00 23.51 ? 8   ILE A N   1 
ATOM   57   C CA  . ILE A 1 10  ? 3.790   -7.124  -2.430  1.00 25.42 ? 8   ILE A CA  1 
ATOM   58   C C   . ILE A 1 10  ? 3.149   -8.225  -3.246  1.00 25.96 ? 8   ILE A C   1 
ATOM   59   O O   . ILE A 1 10  ? 3.782   -9.253  -3.524  1.00 26.81 ? 8   ILE A O   1 
ATOM   60   C CB  . ILE A 1 10  ? 4.890   -6.448  -3.271  1.00 23.98 ? 8   ILE A CB  1 
ATOM   61   C CG1 . ILE A 1 10  ? 5.558   -5.335  -2.456  1.00 23.18 ? 8   ILE A CG1 1 
ATOM   62   C CG2 . ILE A 1 10  ? 4.267   -5.915  -4.557  1.00 26.21 ? 8   ILE A CG2 1 
ATOM   63   C CD1 . ILE A 1 10  ? 4.537   -4.343  -1.770  1.00 22.84 ? 8   ILE A CD1 1 
ATOM   64   N N   . SER A 1 11  ? 1.898   -7.999  -3.645  1.00 25.76 ? 9   SER A N   1 
ATOM   65   C CA  . SER A 1 11  ? 1.161   -8.971  -4.434  1.00 26.24 ? 9   SER A CA  1 
ATOM   66   C C   . SER A 1 11  ? 1.605   -8.913  -5.864  1.00 28.07 ? 9   SER A C   1 
ATOM   67   O O   . SER A 1 11  ? 1.510   -7.857  -6.479  1.00 29.19 ? 9   SER A O   1 
ATOM   68   C CB  . SER A 1 11  ? -0.344  -8.708  -4.376  1.00 26.14 ? 9   SER A CB  1 
ATOM   69   O OG  . SER A 1 11  ? -0.943  -9.301  -3.240  1.00 25.18 ? 9   SER A OG  1 
ATOM   70   N N   . LEU A 1 12  ? 2.096   -10.040 -6.386  1.00 28.55 ? 10  LEU A N   1 
ATOM   71   C CA  . LEU A 1 12  ? 2.583   -10.129 -7.770  1.00 28.64 ? 10  LEU A CA  1 
ATOM   72   C C   . LEU A 1 12  ? 1.426   -10.630 -8.637  1.00 29.74 ? 10  LEU A C   1 
ATOM   73   O O   . LEU A 1 12  ? 0.969   -11.784 -8.507  1.00 30.59 ? 10  LEU A O   1 
ATOM   74   C CB  . LEU A 1 12  ? 3.780   -11.093 -7.831  1.00 26.66 ? 10  LEU A CB  1 
ATOM   75   C CG  . LEU A 1 12  ? 4.944   -10.573 -7.001  1.00 27.84 ? 10  LEU A CG  1 
ATOM   76   C CD1 . LEU A 1 12  ? 6.076   -11.675 -6.902  1.00 27.43 ? 10  LEU A CD1 1 
ATOM   77   C CD2 . LEU A 1 12  ? 5.503   -9.314  -7.621  1.00 24.99 ? 10  LEU A CD2 1 
ATOM   78   N N   . ALA A 1 13  ? 0.964   -9.757  -9.517  1.00 30.14 ? 11  ALA A N   1 
ATOM   79   C CA  . ALA A 1 13  ? -0.172  -10.042 -10.387 1.00 33.01 ? 11  ALA A CA  1 
ATOM   80   C C   . ALA A 1 13  ? -0.030  -11.249 -11.331 1.00 33.98 ? 11  ALA A C   1 
ATOM   81   O O   . ALA A 1 13  ? -0.992  -11.984 -11.559 1.00 33.09 ? 11  ALA A O   1 
ATOM   82   C CB  . ALA A 1 13  ? -0.500  -8.823  -11.200 1.00 33.41 ? 11  ALA A CB  1 
ATOM   83   N N   . SER A 1 14  ? 1.143   -11.481 -11.890 1.00 33.88 ? 12  SER A N   1 
ATOM   84   C CA  . SER A 1 14  ? 1.171   -12.630 -12.783 1.00 36.48 ? 12  SER A CA  1 
ATOM   85   C C   . SER A 1 14  ? 1.163   -14.010 -12.087 1.00 36.27 ? 12  SER A C   1 
ATOM   86   O O   . SER A 1 14  ? 0.904   -15.028 -12.732 1.00 36.09 ? 12  SER A O   1 
ATOM   87   C CB  . SER A 1 14  ? 2.355   -12.532 -13.744 1.00 37.82 ? 12  SER A CB  1 
ATOM   88   O OG  . SER A 1 14  ? 3.519   -12.145 -13.061 1.00 42.80 ? 12  SER A OG  1 
ATOM   89   N N   . THR A 1 15  ? 1.388   -14.048 -10.776 1.00 34.86 ? 13  THR A N   1 
ATOM   90   C CA  . THR A 1 15  ? 1.445   -15.341 -10.108 1.00 35.13 ? 13  THR A CA  1 
ATOM   91   C C   . THR A 1 15  ? 0.553   -15.511 -8.894  1.00 35.88 ? 13  THR A C   1 
ATOM   92   O O   . THR A 1 15  ? 0.038   -16.588 -8.652  1.00 37.68 ? 13  THR A O   1 
ATOM   93   C CB  . THR A 1 15  ? 2.866   -15.636 -9.661  1.00 32.26 ? 13  THR A CB  1 
ATOM   94   O OG1 . THR A 1 15  ? 3.226   -14.704 -8.634  1.00 32.56 ? 13  THR A OG1 1 
ATOM   95   C CG2 . THR A 1 15  ? 3.836   -15.441 -10.814 1.00 33.30 ? 13  THR A CG2 1 
ATOM   96   N N   . GLY A 1 16  ? 0.381   -14.467 -8.110  1.00 36.05 ? 14  GLY A N   1 
ATOM   97   C CA  . GLY A 1 16  ? -0.435  -14.638 -6.924  1.00 37.67 ? 14  GLY A CA  1 
ATOM   98   C C   . GLY A 1 16  ? 0.563   -14.860 -5.801  1.00 37.67 ? 14  GLY A C   1 
ATOM   99   O O   . GLY A 1 16  ? 0.212   -15.219 -4.677  1.00 38.58 ? 14  GLY A O   1 
ATOM   100  N N   . LYS A 1 17  ? 1.840   -14.686 -6.116  1.00 37.19 ? 15  LYS A N   1 
ATOM   101  C CA  . LYS A 1 17  ? 2.843   -14.809 -5.079  1.00 37.08 ? 15  LYS A CA  1 
ATOM   102  C C   . LYS A 1 17  ? 3.001   -13.438 -4.423  1.00 37.65 ? 15  LYS A C   1 
ATOM   103  O O   . LYS A 1 17  ? 2.595   -12.385 -4.983  1.00 37.32 ? 15  LYS A O   1 
ATOM   104  C CB  . LYS A 1 17  ? 4.192   -15.237 -5.630  1.00 36.10 ? 15  LYS A CB  1 
ATOM   105  C CG  . LYS A 1 17  ? 4.550   -16.713 -5.446  1.00 38.61 ? 15  LYS A CG  1 
ATOM   106  C CD  . LYS A 1 17  ? 3.785   -17.673 -6.379  1.00 37.75 ? 15  LYS A CD  1 
ATOM   107  C CE  . LYS A 1 17  ? 4.557   -19.036 -6.504  1.00 37.38 ? 15  LYS A CE  1 
ATOM   108  N NZ  . LYS A 1 17  ? 3.763   -20.173 -6.028  1.00 33.40 ? 15  LYS A NZ  1 
ATOM   109  N N   . ARG A 1 18  ? 3.625   -13.477 -3.250  1.00 36.71 ? 16  ARG A N   1 
ATOM   110  C CA  . ARG A 1 18  ? 3.891   -12.303 -2.431  1.00 38.90 ? 16  ARG A CA  1 
ATOM   111  C C   . ARG A 1 18  ? 5.346   -12.341 -2.035  1.00 38.01 ? 16  ARG A C   1 
ATOM   112  O O   . ARG A 1 18  ? 5.826   -13.375 -1.592  1.00 37.62 ? 16  ARG A O   1 
ATOM   113  C CB  . ARG A 1 18  ? 3.123   -12.371 -1.112  1.00 41.98 ? 16  ARG A CB  1 
ATOM   114  C CG  . ARG A 1 18  ? 1.771   -11.726 -1.063  1.00 47.77 ? 16  ARG A CG  1 
ATOM   115  C CD  . ARG A 1 18  ? 0.712   -12.512 -1.722  1.00 52.32 ? 16  ARG A CD  1 
ATOM   116  N NE  . ARG A 1 18  ? -0.559  -12.241 -1.063  1.00 57.15 ? 16  ARG A NE  1 
ATOM   117  C CZ  . ARG A 1 18  ? -1.739  -12.575 -1.580  1.00 59.60 ? 16  ARG A CZ  1 
ATOM   118  N NH1 . ARG A 1 18  ? -1.791  -13.187 -2.766  1.00 61.15 ? 16  ARG A NH1 1 
ATOM   119  N NH2 . ARG A 1 18  ? -2.862  -12.316 -0.919  1.00 59.92 ? 16  ARG A NH2 1 
ATOM   120  N N   . VAL A 1 19  ? 6.053   -11.232 -2.191  1.00 36.56 ? 17  VAL A N   1 
ATOM   121  C CA  . VAL A 1 19  ? 7.407   -11.186 -1.716  1.00 36.58 ? 17  VAL A CA  1 
ATOM   122  C C   . VAL A 1 19  ? 7.557   -9.804  -1.080  1.00 36.79 ? 17  VAL A C   1 
ATOM   123  O O   . VAL A 1 19  ? 6.951   -8.825  -1.547  1.00 36.97 ? 17  VAL A O   1 
ATOM   124  C CB  . VAL A 1 19  ? 8.423   -11.448 -2.878  1.00 38.19 ? 17  VAL A CB  1 
ATOM   125  C CG1 . VAL A 1 19  ? 7.745   -12.285 -3.988  1.00 37.67 ? 17  VAL A CG1 1 
ATOM   126  C CG2 . VAL A 1 19  ? 8.994   -10.179 -3.368  1.00 37.24 ? 17  VAL A CG2 1 
ATOM   127  N N   . SER A 1 20  ? 8.306   -9.715  0.015   1.00 35.24 ? 18  SER A N   1 
ATOM   128  C CA  . SER A 1 20  ? 8.467   -8.436  0.685   1.00 33.99 ? 18  SER A CA  1 
ATOM   129  C C   . SER A 1 20  ? 8.996   -7.402  -0.297  1.00 31.51 ? 18  SER A C   1 
ATOM   130  O O   . SER A 1 20  ? 9.716   -7.757  -1.236  1.00 30.80 ? 18  SER A O   1 
ATOM   131  C CB  . SER A 1 20  ? 9.441   -8.571  1.869   1.00 34.83 ? 18  SER A CB  1 
ATOM   132  O OG  . SER A 1 20  ? 10.704  -8.981  1.383   1.00 36.81 ? 18  SER A OG  1 
ATOM   133  N N   . ILE A 1 21  ? 8.620   -6.139  -0.096  1.00 29.68 ? 19  ILE A N   1 
ATOM   134  C CA  . ILE A 1 21  ? 9.109   -5.069  -0.966  1.00 30.24 ? 19  ILE A CA  1 
ATOM   135  C C   . ILE A 1 21  ? 10.644  -4.950  -0.793  1.00 33.63 ? 19  ILE A C   1 
ATOM   136  O O   . ILE A 1 21  ? 11.357  -4.624  -1.769  1.00 33.26 ? 19  ILE A O   1 
ATOM   137  C CB  . ILE A 1 21  ? 8.399   -3.691  -0.680  1.00 28.10 ? 19  ILE A CB  1 
ATOM   138  C CG1 . ILE A 1 21  ? 8.845   -2.649  -1.703  1.00 23.21 ? 19  ILE A CG1 1 
ATOM   139  C CG2 . ILE A 1 21  ? 8.599   -3.295  0.728   1.00 21.98 ? 19  ILE A CG2 1 
ATOM   140  C CD1 . ILE A 1 21  ? 8.064   -1.346  -1.703  1.00 24.42 ? 19  ILE A CD1 1 
ATOM   141  N N   . LYS A 1 22  ? 11.154  -5.194  0.424   1.00 35.17 ? 20  LYS A N   1 
ATOM   142  C CA  . LYS A 1 22  ? 12.629  -5.190  0.632   1.00 38.50 ? 20  LYS A CA  1 
ATOM   143  C C   . LYS A 1 22  ? 13.272  -6.210  -0.346  1.00 39.95 ? 20  LYS A C   1 
ATOM   144  O O   . LYS A 1 22  ? 14.257  -5.904  -1.039  1.00 39.53 ? 20  LYS A O   1 
ATOM   145  C CB  . LYS A 1 22  ? 13.006  -5.609  2.044   1.00 38.51 ? 20  LYS A CB  1 
ATOM   146  C CG  . LYS A 1 22  ? 14.533  -5.592  2.377   1.00 39.37 ? 20  LYS A CG  1 
ATOM   147  C CD  . LYS A 1 22  ? 14.937  -6.878  3.120   1.00 42.16 ? 20  LYS A CD  1 
ATOM   148  C CE  . LYS A 1 22  ? 16.390  -6.894  3.667   1.00 41.70 ? 20  LYS A CE  1 
ATOM   149  N NZ  . LYS A 1 22  ? 16.486  -6.132  4.970   1.00 41.88 ? 20  LYS A NZ  1 
ATOM   150  N N   . ASP A 1 23  ? 12.692  -7.403  -0.411  1.00 40.77 ? 21  ASP A N   1 
ATOM   151  C CA  . ASP A 1 23  ? 13.188  -8.433  -1.302  1.00 41.41 ? 21  ASP A CA  1 
ATOM   152  C C   . ASP A 1 23  ? 12.984  -8.081  -2.757  1.00 42.93 ? 21  ASP A C   1 
ATOM   153  O O   . ASP A 1 23  ? 13.496  -8.770  -3.610  1.00 44.66 ? 21  ASP A O   1 
ATOM   154  C CB  . ASP A 1 23  ? 12.540  -9.784  -1.019  1.00 41.90 ? 21  ASP A CB  1 
ATOM   155  C CG  . ASP A 1 23  ? 13.082  -10.432 0.230   1.00 42.93 ? 21  ASP A CG  1 
ATOM   156  O OD1 . ASP A 1 23  ? 14.073  -9.927  0.787   1.00 44.08 ? 21  ASP A OD1 1 
ATOM   157  O OD2 . ASP A 1 23  ? 12.522  -11.454 0.668   1.00 44.40 ? 21  ASP A OD2 1 
ATOM   158  N N   . LEU A 1 24  ? 12.251  -7.018  -3.073  1.00 42.37 ? 22  LEU A N   1 
ATOM   159  C CA  . LEU A 1 24  ? 12.081  -6.665  -4.473  1.00 41.65 ? 22  LEU A CA  1 
ATOM   160  C C   . LEU A 1 24  ? 12.922  -5.444  -4.880  1.00 41.63 ? 22  LEU A C   1 
ATOM   161  O O   . LEU A 1 24  ? 12.790  -4.951  -5.982  1.00 40.78 ? 22  LEU A O   1 
ATOM   162  C CB  . LEU A 1 24  ? 10.604  -6.373  -4.788  1.00 40.26 ? 22  LEU A CB  1 
ATOM   163  C CG  . LEU A 1 24  ? 9.603   -7.526  -4.714  1.00 41.23 ? 22  LEU A CG  1 
ATOM   164  C CD1 . LEU A 1 24  ? 8.186   -6.999  -4.562  1.00 38.54 ? 22  LEU A CD1 1 
ATOM   165  C CD2 . LEU A 1 24  ? 9.750   -8.406  -5.951  1.00 39.03 ? 22  LEU A CD2 1 
ATOM   166  N N   . LEU A 1 25  ? 13.792  -4.975  -4.004  1.00 42.91 ? 23  LEU A N   1 
ATOM   167  C CA  . LEU A 1 25  ? 14.584  -3.782  -4.297  1.00 45.88 ? 23  LEU A CA  1 
ATOM   168  C C   . LEU A 1 25  ? 15.322  -3.816  -5.631  1.00 47.78 ? 23  LEU A C   1 
ATOM   169  O O   . LEU A 1 25  ? 15.332  -2.829  -6.382  1.00 47.69 ? 23  LEU A O   1 
ATOM   170  C CB  . LEU A 1 25  ? 15.579  -3.546  -3.170  1.00 45.86 ? 23  LEU A CB  1 
ATOM   171  C CG  . LEU A 1 25  ? 16.347  -2.242  -3.149  1.00 46.12 ? 23  LEU A CG  1 
ATOM   172  C CD1 . LEU A 1 25  ? 15.378  -1.072  -2.972  1.00 46.34 ? 23  LEU A CD1 1 
ATOM   173  C CD2 . LEU A 1 25  ? 17.361  -2.271  -1.990  1.00 46.42 ? 23  LEU A CD2 1 
ATOM   174  N N   . ASP A 1 26  ? 15.944  -4.950  -5.933  1.00 49.68 ? 24  ASP A N   1 
ATOM   175  C CA  . ASP A 1 26  ? 16.680  -5.048  -7.180  1.00 51.64 ? 24  ASP A CA  1 
ATOM   176  C C   . ASP A 1 26  ? 15.856  -5.780  -8.216  1.00 53.02 ? 24  ASP A C   1 
ATOM   177  O O   . ASP A 1 26  ? 16.308  -6.749  -8.836  1.00 54.31 ? 24  ASP A O   1 
ATOM   178  C CB  . ASP A 1 26  ? 18.020  -5.738  -6.950  1.00 52.42 ? 24  ASP A CB  1 
ATOM   179  C CG  . ASP A 1 26  ? 18.875  -5.000  -5.932  1.00 53.64 ? 24  ASP A CG  1 
ATOM   180  O OD1 . ASP A 1 26  ? 18.997  -3.753  -6.073  1.00 53.22 ? 24  ASP A OD1 1 
ATOM   181  O OD2 . ASP A 1 26  ? 19.424  -5.656  -4.997  1.00 55.33 ? 24  ASP A OD2 1 
ATOM   182  N N   . GLU A 1 27  ? 14.635  -5.309  -8.405  1.00 52.44 ? 25  GLU A N   1 
ATOM   183  C CA  . GLU A 1 27  ? 13.767  -5.927  -9.367  1.00 52.87 ? 25  GLU A CA  1 
ATOM   184  C C   . GLU A 1 27  ? 12.977  -4.848  -10.055 1.00 52.82 ? 25  GLU A C   1 
ATOM   185  O O   . GLU A 1 27  ? 12.725  -3.807  -9.473  1.00 52.23 ? 25  GLU A O   1 
ATOM   186  C CB  . GLU A 1 27  ? 12.822  -6.879  -8.661  1.00 53.97 ? 25  GLU A CB  1 
ATOM   187  C CG  . GLU A 1 27  ? 13.377  -8.246  -8.422  1.00 56.41 ? 25  GLU A CG  1 
ATOM   188  C CD  . GLU A 1 27  ? 13.489  -9.047  -9.708  1.00 57.97 ? 25  GLU A CD  1 
ATOM   189  O OE1 . GLU A 1 27  ? 12.702  -8.802  -10.666 1.00 58.31 ? 25  GLU A OE1 1 
ATOM   190  O OE2 . GLU A 1 27  ? 14.350  -9.940  -9.749  1.00 57.45 ? 25  GLU A OE2 1 
ATOM   191  N N   . LYS A 1 28  ? 12.612  -5.084  -11.309 1.00 53.32 ? 26  LYS A N   1 
ATOM   192  C CA  . LYS A 1 28  ? 11.805  -4.132  -12.049 1.00 53.01 ? 26  LYS A CA  1 
ATOM   193  C C   . LYS A 1 28  ? 11.023  -4.736  -13.188 1.00 52.20 ? 26  LYS A C   1 
ATOM   194  O O   . LYS A 1 28  ? 11.288  -5.845  -13.659 1.00 52.10 ? 26  LYS A O   1 
ATOM   195  C CB  . LYS A 1 28  ? 12.631  -2.934  -12.553 1.00 55.37 ? 26  LYS A CB  1 
ATOM   196  C CG  . LYS A 1 28  ? 14.112  -3.181  -12.811 1.00 58.07 ? 26  LYS A CG  1 
ATOM   197  C CD  . LYS A 1 28  ? 14.776  -1.937  -13.454 1.00 60.15 ? 26  LYS A CD  1 
ATOM   198  C CE  . LYS A 1 28  ? 14.112  -1.560  -14.797 1.00 61.52 ? 26  LYS A CE  1 
ATOM   199  N NZ  . LYS A 1 28  ? 14.807  -0.451  -15.535 1.00 63.71 ? 26  LYS A NZ  1 
ATOM   200  N N   . ASP A 1 29  ? 9.996   -4.006  -13.585 1.00 51.75 ? 27  ASP A N   1 
ATOM   201  C CA  . ASP A 1 29  ? 9.135   -4.409  -14.672 1.00 50.66 ? 27  ASP A CA  1 
ATOM   202  C C   . ASP A 1 29  ? 8.371   -5.689  -14.448 1.00 48.60 ? 27  ASP A C   1 
ATOM   203  O O   . ASP A 1 29  ? 8.282   -6.557  -15.323 1.00 47.89 ? 27  ASP A O   1 
ATOM   204  C CB  . ASP A 1 29  ? 9.945   -4.462  -15.963 1.00 53.47 ? 27  ASP A CB  1 
ATOM   205  C CG  . ASP A 1 29  ? 10.247  -3.076  -16.489 1.00 55.44 ? 27  ASP A CG  1 
ATOM   206  O OD1 . ASP A 1 29  ? 10.741  -2.238  -15.709 1.00 56.39 ? 27  ASP A OD1 1 
ATOM   207  O OD2 . ASP A 1 29  ? 9.975   -2.823  -17.676 1.00 59.01 ? 27  ASP A OD2 1 
ATOM   208  N N   . PHE A 1 30  ? 7.814   -5.792  -13.253 1.00 45.41 ? 28  PHE A N   1 
ATOM   209  C CA  . PHE A 1 30  ? 6.997   -6.939  -12.907 1.00 42.24 ? 28  PHE A CA  1 
ATOM   210  C C   . PHE A 1 30  ? 5.633   -6.352  -12.619 1.00 40.15 ? 28  PHE A C   1 
ATOM   211  O O   . PHE A 1 30  ? 5.509   -5.196  -12.263 1.00 38.97 ? 28  PHE A O   1 
ATOM   212  C CB  . PHE A 1 30  ? 7.568   -7.673  -11.701 1.00 40.30 ? 28  PHE A CB  1 
ATOM   213  C CG  . PHE A 1 30  ? 7.844   -6.792  -10.533 1.00 40.97 ? 28  PHE A CG  1 
ATOM   214  C CD1 . PHE A 1 30  ? 6.860   -6.576  -9.565  1.00 40.87 ? 28  PHE A CD1 1 
ATOM   215  C CD2 . PHE A 1 30  ? 9.076   -6.145  -10.406 1.00 39.63 ? 28  PHE A CD2 1 
ATOM   216  C CE1 . PHE A 1 30  ? 7.087   -5.714  -8.479  1.00 39.67 ? 28  PHE A CE1 1 
ATOM   217  C CE2 . PHE A 1 30  ? 9.319   -5.274  -9.313  1.00 41.33 ? 28  PHE A CE2 1 
ATOM   218  C CZ  . PHE A 1 30  ? 8.305   -5.063  -8.349  1.00 38.51 ? 28  PHE A CZ  1 
ATOM   219  N N   . GLU A 1 31  ? 4.595   -7.133  -12.797 1.00 39.28 ? 29  GLU A N   1 
ATOM   220  C CA  . GLU A 1 31  ? 3.308   -6.552  -12.555 1.00 39.22 ? 29  GLU A CA  1 
ATOM   221  C C   . GLU A 1 31  ? 2.828   -6.649  -11.132 1.00 35.89 ? 29  GLU A C   1 
ATOM   222  O O   . GLU A 1 31  ? 3.095   -7.616  -10.443 1.00 36.05 ? 29  GLU A O   1 
ATOM   223  C CB  . GLU A 1 31  ? 2.285   -7.189  -13.471 1.00 41.52 ? 29  GLU A CB  1 
ATOM   224  C CG  . GLU A 1 31  ? 1.771   -6.187  -14.482 1.00 45.70 ? 29  GLU A CG  1 
ATOM   225  C CD  . GLU A 1 31  ? 2.027   -6.655  -15.858 1.00 47.28 ? 29  GLU A CD  1 
ATOM   226  O OE1 . GLU A 1 31  ? 1.732   -7.845  -16.101 1.00 49.65 ? 29  GLU A OE1 1 
ATOM   227  O OE2 . GLU A 1 31  ? 2.517   -5.849  -16.686 1.00 49.68 ? 29  GLU A OE2 1 
ATOM   228  N N   . ILE A 1 32  ? 2.121   -5.625  -10.696 1.00 34.28 ? 30  ILE A N   1 
ATOM   229  C CA  . ILE A 1 32  ? 1.537   -5.641  -9.365  1.00 31.41 ? 30  ILE A CA  1 
ATOM   230  C C   . ILE A 1 32  ? 0.039   -5.407  -9.549  1.00 31.52 ? 30  ILE A C   1 
ATOM   231  O O   . ILE A 1 32  ? -0.414  -5.311  -10.685 1.00 32.03 ? 30  ILE A O   1 
ATOM   232  C CB  . ILE A 1 32  ? 2.206   -4.590  -8.437  1.00 30.08 ? 30  ILE A CB  1 
ATOM   233  C CG1 . ILE A 1 32  ? 2.263   -3.173  -9.058  1.00 28.36 ? 30  ILE A CG1 1 
ATOM   234  C CG2 . ILE A 1 32  ? 3.619   -5.070  -8.122  1.00 27.21 ? 30  ILE A CG2 1 
ATOM   235  C CD1 . ILE A 1 32  ? 0.874   -2.484  -9.342  1.00 30.68 ? 30  ILE A CD1 1 
ATOM   236  N N   . TRP A 1 33  ? -0.740  -5.405  -8.476  1.00 30.52 ? 31  TRP A N   1 
ATOM   237  C CA  . TRP A 1 33  ? -2.183  -5.117  -8.587  1.00 30.33 ? 31  TRP A CA  1 
ATOM   238  C C   . TRP A 1 33  ? -2.447  -3.647  -8.175  1.00 30.57 ? 31  TRP A C   1 
ATOM   239  O O   . TRP A 1 33  ? -1.990  -3.214  -7.121  1.00 25.84 ? 31  TRP A O   1 
ATOM   240  C CB  . TRP A 1 33  ? -2.993  -6.042  -7.710  1.00 31.17 ? 31  TRP A CB  1 
ATOM   241  C CG  . TRP A 1 33  ? -3.156  -7.386  -8.318  1.00 36.90 ? 31  TRP A CG  1 
ATOM   242  C CD1 . TRP A 1 33  ? -2.682  -8.597  -7.831  1.00 36.80 ? 31  TRP A CD1 1 
ATOM   243  C CD2 . TRP A 1 33  ? -3.843  -7.692  -9.538  1.00 38.83 ? 31  TRP A CD2 1 
ATOM   244  N NE1 . TRP A 1 33  ? -3.048  -9.616  -8.678  1.00 38.47 ? 31  TRP A NE1 1 
ATOM   245  C CE2 . TRP A 1 33  ? -3.759  -9.093  -9.728  1.00 40.12 ? 31  TRP A CE2 1 
ATOM   246  C CE3 . TRP A 1 33  ? -4.519  -6.918  -10.493 1.00 41.07 ? 31  TRP A CE3 1 
ATOM   247  C CZ2 . TRP A 1 33  ? -4.334  -9.730  -10.824 1.00 41.87 ? 31  TRP A CZ2 1 
ATOM   248  C CZ3 . TRP A 1 33  ? -5.091  -7.554  -11.584 1.00 43.42 ? 31  TRP A CZ3 1 
ATOM   249  C CH2 . TRP A 1 33  ? -4.996  -8.946  -11.739 1.00 42.50 ? 31  TRP A CH2 1 
ATOM   250  N N   . ALA A 1 34  ? -3.113  -2.879  -9.054  1.00 30.34 ? 32  ALA A N   1 
ATOM   251  C CA  . ALA A 1 34  ? -3.441  -1.468  -8.776  1.00 29.65 ? 32  ALA A CA  1 
ATOM   252  C C   . ALA A 1 34  ? -4.921  -1.247  -8.998  1.00 28.75 ? 32  ALA A C   1 
ATOM   253  O O   . ALA A 1 34  ? -5.561  -2.000  -9.716  1.00 29.66 ? 32  ALA A O   1 
ATOM   254  C CB  . ALA A 1 34  ? -2.664  -0.536  -9.678  1.00 25.62 ? 32  ALA A CB  1 
ATOM   255  N N   . ILE A 1 35  ? -5.476  -0.239  -8.354  1.00 27.49 ? 33  ILE A N   1 
ATOM   256  C CA  . ILE A 1 35  ? -6.876  0.059   -8.561  1.00 27.08 ? 33  ILE A CA  1 
ATOM   257  C C   . ILE A 1 35  ? -6.898  1.202   -9.596  1.00 25.49 ? 33  ILE A C   1 
ATOM   258  O O   . ILE A 1 35  ? -6.033  2.089   -9.574  1.00 23.94 ? 33  ILE A O   1 
ATOM   259  C CB  . ILE A 1 35  ? -7.611  0.546   -7.240  1.00 26.97 ? 33  ILE A CB  1 
ATOM   260  C CG1 . ILE A 1 35  ? -9.081  0.769   -7.547  1.00 28.46 ? 33  ILE A CG1 1 
ATOM   261  C CG2 . ILE A 1 35  ? -7.012  1.857   -6.699  1.00 26.95 ? 33  ILE A CG2 1 
ATOM   262  C CD1 . ILE A 1 35  ? -9.885  1.494   -6.495  1.00 31.57 ? 33  ILE A CD1 1 
ATOM   263  N N   . ASN A 1 36  ? -7.862  1.152   -10.516 1.00 25.58 ? 34  ASN A N   1 
ATOM   264  C CA  . ASN A 1 36  ? -8.028  2.218   -11.513 1.00 27.47 ? 34  ASN A CA  1 
ATOM   265  C C   . ASN A 1 36  ? -9.132  3.096   -10.846 1.00 27.27 ? 34  ASN A C   1 
ATOM   266  O O   . ASN A 1 36  ? -10.290 2.705   -10.759 1.00 29.16 ? 34  ASN A O   1 
ATOM   267  C CB  . ASN A 1 36  ? -8.460  1.579   -12.845 1.00 27.62 ? 34  ASN A CB  1 
ATOM   268  C CG  . ASN A 1 36  ? -8.891  2.614   -13.908 1.00 30.67 ? 34  ASN A CG  1 
ATOM   269  O OD1 . ASN A 1 36  ? -8.874  2.309   -15.114 1.00 30.86 ? 34  ASN A OD1 1 
ATOM   270  N ND2 . ASN A 1 36  ? -9.303  3.800   -13.471 1.00 25.83 ? 34  ASN A ND2 1 
ATOM   271  N N   . GLU A 1 37  ? -8.748  4.259   -10.345 1.00 30.02 ? 35  GLU A N   1 
ATOM   272  C CA  . GLU A 1 37  ? -9.685  5.118   -9.615  1.00 33.92 ? 35  GLU A CA  1 
ATOM   273  C C   . GLU A 1 37  ? -10.891 5.607   -10.376 1.00 35.90 ? 35  GLU A C   1 
ATOM   274  O O   . GLU A 1 37  ? -11.949 5.814   -9.789  1.00 38.47 ? 35  GLU A O   1 
ATOM   275  C CB  . GLU A 1 37  ? -8.966  6.314   -9.059  1.00 34.79 ? 35  GLU A CB  1 
ATOM   276  C CG  . GLU A 1 37  ? -7.886  6.016   -8.063  1.00 36.89 ? 35  GLU A CG  1 
ATOM   277  C CD  . GLU A 1 37  ? -7.663  7.247   -7.222  1.00 38.87 ? 35  GLU A CD  1 
ATOM   278  O OE1 . GLU A 1 37  ? -8.516  7.472   -6.335  1.00 42.06 ? 35  GLU A OE1 1 
ATOM   279  O OE2 . GLU A 1 37  ? -6.700  8.011   -7.469  1.00 39.59 ? 35  GLU A OE2 1 
ATOM   280  N N   . GLN A 1 38  ? -10.744 5.817   -11.677 1.00 36.18 ? 36  GLN A N   1 
ATOM   281  C CA  . GLN A 1 38  ? -11.885 6.230   -12.463 1.00 37.90 ? 36  GLN A CA  1 
ATOM   282  C C   . GLN A 1 38  ? -12.948 5.113   -12.521 1.00 37.12 ? 36  GLN A C   1 
ATOM   283  O O   . GLN A 1 38  ? -14.149 5.376   -12.345 1.00 38.42 ? 36  GLN A O   1 
ATOM   284  C CB  . GLN A 1 38  ? -11.419 6.593   -13.869 1.00 39.87 ? 36  GLN A CB  1 
ATOM   285  C CG  . GLN A 1 38  ? -10.566 7.868   -13.935 1.00 44.72 ? 36  GLN A CG  1 
ATOM   286  C CD  . GLN A 1 38  ? -9.766  7.960   -15.239 1.00 48.35 ? 36  GLN A CD  1 
ATOM   287  O OE1 . GLN A 1 38  ? -10.098 7.285   -16.224 1.00 50.68 ? 36  GLN A OE1 1 
ATOM   288  N NE2 . GLN A 1 38  ? -8.713  8.794   -15.251 1.00 49.34 ? 36  GLN A NE2 1 
ATOM   289  N N   . THR A 1 39  ? -12.509 3.876   -12.766 1.00 35.41 ? 37  THR A N   1 
ATOM   290  C CA  . THR A 1 39  ? -13.421 2.744   -12.851 1.00 34.03 ? 37  THR A CA  1 
ATOM   291  C C   . THR A 1 39  ? -13.615 1.969   -11.554 1.00 33.99 ? 37  THR A C   1 
ATOM   292  O O   . THR A 1 39  ? -14.543 1.190   -11.429 1.00 34.77 ? 37  THR A O   1 
ATOM   293  C CB  . THR A 1 39  ? -12.951 1.670   -13.834 1.00 35.07 ? 37  THR A CB  1 
ATOM   294  O OG1 . THR A 1 39  ? -11.665 1.155   -13.425 1.00 33.73 ? 37  THR A OG1 1 
ATOM   295  C CG2 . THR A 1 39  ? -12.857 2.224   -15.273 1.00 35.76 ? 37  THR A CG2 1 
ATOM   296  N N   . MET A 1 40  ? -12.728 2.166   -10.601 1.00 33.93 ? 38  MET A N   1 
ATOM   297  C CA  . MET A 1 40  ? -12.786 1.406   -9.361  1.00 34.89 ? 38  MET A CA  1 
ATOM   298  C C   . MET A 1 40  ? -12.596 -0.104  -9.573  1.00 34.36 ? 38  MET A C   1 
ATOM   299  O O   . MET A 1 40  ? -12.994 -0.911  -8.745  1.00 34.23 ? 38  MET A O   1 
ATOM   300  C CB  . MET A 1 40  ? -14.068 1.708   -8.581  1.00 37.23 ? 38  MET A CB  1 
ATOM   301  C CG  . MET A 1 40  ? -14.199 3.212   -8.275  1.00 38.38 ? 38  MET A CG  1 
ATOM   302  S SD  . MET A 1 40  ? -12.733 3.942   -7.457  1.00 41.88 ? 38  MET A SD  1 
ATOM   303  C CE  . MET A 1 40  ? -12.640 2.772   -6.044  1.00 40.89 ? 38  MET A CE  1 
ATOM   304  N N   . LYS A 1 41  ? -11.938 -0.469  -10.670 1.00 32.65 ? 39  LYS A N   1 
ATOM   305  C CA  . LYS A 1 41  ? -11.636 -1.878  -10.933 1.00 34.30 ? 39  LYS A CA  1 
ATOM   306  C C   . LYS A 1 41  ? -10.126 -2.145  -10.738 1.00 32.80 ? 39  LYS A C   1 
ATOM   307  O O   . LYS A 1 41  ? -9.302  -1.242  -10.919 1.00 33.49 ? 39  LYS A O   1 
ATOM   308  C CB  . LYS A 1 41  ? -12.095 -2.235  -12.345 1.00 35.29 ? 39  LYS A CB  1 
ATOM   309  C CG  . LYS A 1 41  ? -13.577 -1.900  -12.480 1.00 38.50 ? 39  LYS A CG  1 
ATOM   310  C CD  . LYS A 1 41  ? -14.242 -2.536  -13.689 1.00 40.84 ? 39  LYS A CD  1 
ATOM   311  C CE  . LYS A 1 41  ? -15.646 -2.991  -13.333 1.00 41.43 ? 39  LYS A CE  1 
ATOM   312  N NZ  . LYS A 1 41  ? -15.578 -3.923  -12.186 1.00 43.54 ? 39  LYS A NZ  1 
ATOM   313  N N   . LEU A 1 42  ? -9.758  -3.347  -10.315 1.00 31.49 ? 40  LEU A N   1 
ATOM   314  C CA  . LEU A 1 42  ? -8.337  -3.649  -10.120 1.00 32.97 ? 40  LEU A CA  1 
ATOM   315  C C   . LEU A 1 42  ? -7.759  -4.045  -11.473 1.00 35.40 ? 40  LEU A C   1 
ATOM   316  O O   . LEU A 1 42  ? -8.442  -4.659  -12.303 1.00 35.95 ? 40  LEU A O   1 
ATOM   317  C CB  . LEU A 1 42  ? -8.153  -4.820  -9.159  1.00 34.07 ? 40  LEU A CB  1 
ATOM   318  C CG  . LEU A 1 42  ? -8.512  -4.565  -7.681  1.00 36.27 ? 40  LEU A CG  1 
ATOM   319  C CD1 . LEU A 1 42  ? -8.699  -5.897  -6.947  1.00 35.44 ? 40  LEU A CD1 1 
ATOM   320  C CD2 . LEU A 1 42  ? -7.418  -3.741  -7.038  1.00 33.00 ? 40  LEU A CD2 1 
ATOM   321  N N   . GLU A 1 43  ? -6.526  -3.667  -11.727 1.00 34.17 ? 41  GLU A N   1 
ATOM   322  C CA  . GLU A 1 43  ? -5.929  -4.061  -12.973 1.00 37.09 ? 41  GLU A CA  1 
ATOM   323  C C   . GLU A 1 43  ? -4.447  -4.292  -12.760 1.00 36.23 ? 41  GLU A C   1 
ATOM   324  O O   . GLU A 1 43  ? -3.814  -3.670  -11.926 1.00 35.28 ? 41  GLU A O   1 
ATOM   325  C CB  . GLU A 1 43  ? -6.180  -2.998  -14.062 1.00 39.06 ? 41  GLU A CB  1 
ATOM   326  C CG  . GLU A 1 43  ? -6.004  -1.554  -13.579 1.00 44.11 ? 41  GLU A CG  1 
ATOM   327  C CD  . GLU A 1 43  ? -6.131  -0.504  -14.706 1.00 45.23 ? 41  GLU A CD  1 
ATOM   328  O OE1 . GLU A 1 43  ? -7.219  -0.435  -15.344 1.00 43.46 ? 41  GLU A OE1 1 
ATOM   329  O OE2 . GLU A 1 43  ? -5.131  0.238   -14.926 1.00 44.75 ? 41  GLU A OE2 1 
ATOM   330  N N   . SER A 1 44  ? -3.907  -5.233  -13.499 1.00 35.52 ? 42  SER A N   1 
ATOM   331  C CA  . SER A 1 44  ? -2.482  -5.497  -13.443 1.00 35.84 ? 42  SER A CA  1 
ATOM   332  C C   . SER A 1 44  ? -1.712  -4.234  -13.904 1.00 33.18 ? 42  SER A C   1 
ATOM   333  O O   . SER A 1 44  ? -2.156  -3.514  -14.808 1.00 30.79 ? 42  SER A O   1 
ATOM   334  C CB  . SER A 1 44  ? -2.193  -6.702  -14.369 1.00 39.30 ? 42  SER A CB  1 
ATOM   335  O OG  . SER A 1 44  ? -0.828  -6.789  -14.748 1.00 44.47 ? 42  SER A OG  1 
ATOM   336  N N   . ALA A 1 45  ? -0.577  -3.928  -13.279 1.00 32.02 ? 43  ALA A N   1 
ATOM   337  C CA  . ALA A 1 45  ? 0.176   -2.765  -13.715 1.00 32.23 ? 43  ALA A CA  1 
ATOM   338  C C   . ALA A 1 45  ? 1.651   -2.981  -13.450 1.00 34.46 ? 43  ALA A C   1 
ATOM   339  O O   . ALA A 1 45  ? 2.027   -3.621  -12.469 1.00 32.83 ? 43  ALA A O   1 
ATOM   340  C CB  . ALA A 1 45  ? -0.313  -1.501  -13.018 1.00 33.28 ? 43  ALA A CB  1 
ATOM   341  N N   . LYS A 1 46  ? 2.483   -2.438  -14.329 1.00 36.17 ? 44  LYS A N   1 
ATOM   342  C CA  . LYS A 1 46  ? 3.933   -2.594  -14.211 1.00 39.46 ? 44  LYS A CA  1 
ATOM   343  C C   . LYS A 1 46  ? 4.590   -1.701  -13.187 1.00 40.23 ? 44  LYS A C   1 
ATOM   344  O O   . LYS A 1 46  ? 4.237   -0.515  -13.044 1.00 40.71 ? 44  LYS A O   1 
ATOM   345  C CB  . LYS A 1 46  ? 4.637   -2.340  -15.565 1.00 41.79 ? 44  LYS A CB  1 
ATOM   346  C CG  . LYS A 1 46  ? 4.760   -3.575  -16.464 1.00 44.98 ? 44  LYS A CG  1 
ATOM   347  C CD  . LYS A 1 46  ? 5.531   -3.222  -17.769 1.00 49.38 ? 44  LYS A CD  1 
ATOM   348  C CE  . LYS A 1 46  ? 5.905   -4.473  -18.614 1.00 48.47 ? 44  LYS A CE  1 
ATOM   349  N NZ  . LYS A 1 46  ? 4.731   -5.352  -18.888 1.00 49.56 ? 44  LYS A NZ  1 
ATOM   350  N N   . VAL A 1 47  ? 5.580   -2.271  -12.505 1.00 39.75 ? 45  VAL A N   1 
ATOM   351  C CA  . VAL A 1 47  ? 6.330   -1.546  -11.484 1.00 39.20 ? 45  VAL A CA  1 
ATOM   352  C C   . VAL A 1 47  ? 7.547   -1.058  -12.217 1.00 40.20 ? 45  VAL A C   1 
ATOM   353  O O   . VAL A 1 47  ? 8.252   -1.866  -12.807 1.00 39.69 ? 45  VAL A O   1 
ATOM   354  C CB  . VAL A 1 47  ? 6.788   -2.484  -10.345 1.00 37.44 ? 45  VAL A CB  1 
ATOM   355  C CG1 . VAL A 1 47  ? 7.842   -1.782  -9.454  1.00 35.40 ? 45  VAL A CG1 1 
ATOM   356  C CG2 . VAL A 1 47  ? 5.567   -2.943  -9.543  1.00 36.62 ? 45  VAL A CG2 1 
ATOM   357  N N   . SER A 1 48  ? 7.800   0.247   -12.182 1.00 42.13 ? 46  SER A N   1 
ATOM   358  C CA  . SER A 1 48  ? 8.957   0.786   -12.894 1.00 44.02 ? 46  SER A CA  1 
ATOM   359  C C   . SER A 1 48  ? 10.249  0.502   -12.120 1.00 44.29 ? 46  SER A C   1 
ATOM   360  O O   . SER A 1 48  ? 11.221  0.007   -12.691 1.00 43.91 ? 46  SER A O   1 
ATOM   361  C CB  . SER A 1 48  ? 8.777   2.290   -13.108 1.00 44.57 ? 46  SER A CB  1 
ATOM   362  O OG  . SER A 1 48  ? 8.697   2.935   -11.851 1.00 48.41 ? 46  SER A OG  1 
ATOM   363  N N   . ARG A 1 49  ? 10.244  0.828   -10.823 1.00 43.84 ? 47  ARG A N   1 
ATOM   364  C CA  . ARG A 1 49  ? 11.389  0.592   -9.948  1.00 43.87 ? 47  ARG A CA  1 
ATOM   365  C C   . ARG A 1 49  ? 10.992  0.563   -8.457  1.00 43.60 ? 47  ARG A C   1 
ATOM   366  O O   . ARG A 1 49  ? 9.968   1.168   -8.040  1.00 41.67 ? 47  ARG A O   1 
ATOM   367  C CB  . ARG A 1 49  ? 12.473  1.660   -10.160 1.00 44.93 ? 47  ARG A CB  1 
ATOM   368  C CG  . ARG A 1 49  ? 12.422  2.832   -9.228  1.00 46.26 ? 47  ARG A CG  1 
ATOM   369  C CD  . ARG A 1 49  ? 13.244  4.016   -9.764  1.00 49.27 ? 47  ARG A CD  1 
ATOM   370  N NE  . ARG A 1 49  ? 13.218  5.195   -8.892  1.00 48.38 ? 47  ARG A NE  1 
ATOM   371  C CZ  . ARG A 1 49  ? 14.106  5.449   -7.938  1.00 50.16 ? 47  ARG A CZ  1 
ATOM   372  N NH1 . ARG A 1 49  ? 15.120  4.603   -7.719  1.00 49.84 ? 47  ARG A NH1 1 
ATOM   373  N NH2 . ARG A 1 49  ? 13.971  6.548   -7.188  1.00 51.16 ? 47  ARG A NH2 1 
ATOM   374  N N   . VAL A 1 50  ? 11.825  -0.137  -7.684  1.00 42.56 ? 48  VAL A N   1 
ATOM   375  C CA  . VAL A 1 50  ? 11.680  -0.301  -6.241  1.00 42.96 ? 48  VAL A CA  1 
ATOM   376  C C   . VAL A 1 50  ? 12.882  0.354   -5.591  1.00 43.47 ? 48  VAL A C   1 
ATOM   377  O O   . VAL A 1 50  ? 13.980  0.221   -6.104  1.00 44.25 ? 48  VAL A O   1 
ATOM   378  C CB  . VAL A 1 50  ? 11.735  -1.780  -5.807  1.00 41.78 ? 48  VAL A CB  1 
ATOM   379  C CG1 . VAL A 1 50  ? 11.440  -1.866  -4.318  1.00 41.55 ? 48  VAL A CG1 1 
ATOM   380  C CG2 . VAL A 1 50  ? 10.785  -2.627  -6.631  1.00 42.50 ? 48  VAL A CG2 1 
ATOM   381  N N   . PHE A 1 51  ? 12.690  1.016   -4.452  1.00 43.07 ? 49  PHE A N   1 
ATOM   382  C CA  . PHE A 1 51  ? 13.794  1.683   -3.769  1.00 43.20 ? 49  PHE A CA  1 
ATOM   383  C C   . PHE A 1 51  ? 13.541  1.945   -2.276  1.00 43.24 ? 49  PHE A C   1 
ATOM   384  O O   . PHE A 1 51  ? 12.391  2.051   -1.850  1.00 42.22 ? 49  PHE A O   1 
ATOM   385  C CB  . PHE A 1 51  ? 14.053  3.004   -4.466  1.00 43.53 ? 49  PHE A CB  1 
ATOM   386  C CG  . PHE A 1 51  ? 12.829  3.829   -4.628  1.00 43.13 ? 49  PHE A CG  1 
ATOM   387  C CD1 . PHE A 1 51  ? 12.466  4.765   -3.668  1.00 43.62 ? 49  PHE A CD1 1 
ATOM   388  C CD2 . PHE A 1 51  ? 12.006  3.647   -5.729  1.00 44.12 ? 49  PHE A CD2 1 
ATOM   389  C CE1 . PHE A 1 51  ? 11.287  5.511   -3.798  1.00 44.48 ? 49  PHE A CE1 1 
ATOM   390  C CE2 . PHE A 1 51  ? 10.822  4.386   -5.874  1.00 44.25 ? 49  PHE A CE2 1 
ATOM   391  C CZ  . PHE A 1 51  ? 10.460  5.315   -4.909  1.00 43.91 ? 49  PHE A CZ  1 
ATOM   392  N N   . MET A 1 52  ? 14.611  1.986   -1.498  1.00 42.36 ? 50  MET A N   1 
ATOM   393  C CA  . MET A 1 52  ? 14.524  2.357   -0.091  1.00 41.53 ? 50  MET A CA  1 
ATOM   394  C C   . MET A 1 52  ? 14.625  3.868   0.088   1.00 41.65 ? 50  MET A C   1 
ATOM   395  O O   . MET A 1 52  ? 15.312  4.429   -0.787  1.00 42.51 ? 50  MET A O   1 
ATOM   396  C CB  . MET A 1 52  ? 15.611  1.648   0.718   1.00 41.16 ? 50  MET A CB  1 
ATOM   397  C CG  . MET A 1 52  ? 15.851  2.249   2.094   1.00 38.41 ? 50  MET A CG  1 
ATOM   398  S SD  . MET A 1 52  ? 17.599  2.524   2.437   1.00 46.08 ? 50  MET A SD  1 
ATOM   399  C CE  . MET A 1 52  ? 18.180  0.838   2.613   1.00 38.07 ? 50  MET A CE  1 
ATOM   400  N N   . THR A 1 53  ? 13.937  4.493   0.965   1.00 40.83 ? 51  THR A N   1 
ATOM   401  C CA  . THR A 1 53  ? 14.064  5.941   1.042   1.00 41.92 ? 51  THR A CA  1 
ATOM   402  C C   . THR A 1 53  ? 14.744  6.342   2.337   1.00 42.75 ? 51  THR A C   1 
ATOM   403  O O   . THR A 1 53  ? 14.763  7.521   2.696   1.00 43.42 ? 51  THR A O   1 
ATOM   404  C CB  . THR A 1 53  ? 12.705  6.645   0.983   1.00 42.91 ? 51  THR A CB  1 
ATOM   405  O OG1 . THR A 1 53  ? 11.861  6.179   2.064   1.00 44.07 ? 51  THR A OG1 1 
ATOM   406  C CG2 . THR A 1 53  ? 12.040  6.371   -0.347  1.00 42.55 ? 51  THR A CG2 1 
ATOM   407  N N   . GLY A 1 54  ? 15.316  5.368   3.033   1.00 42.67 ? 52  GLY A N   1 
ATOM   408  C CA  . GLY A 1 54  ? 15.969  5.678   4.289   1.00 43.44 ? 52  GLY A CA  1 
ATOM   409  C C   . GLY A 1 54  ? 15.287  5.107   5.523   1.00 43.79 ? 52  GLY A C   1 
ATOM   410  O O   . GLY A 1 54  ? 14.462  4.197   5.432   1.00 44.32 ? 52  GLY A O   1 
ATOM   411  N N   . LYS A 1 55  ? 15.639  5.631   6.690   1.00 43.29 ? 53  LYS A N   1 
ATOM   412  C CA  . LYS A 1 55  ? 15.040  5.148   7.918   1.00 43.49 ? 53  LYS A CA  1 
ATOM   413  C C   . LYS A 1 55  ? 13.959  6.123   8.377   1.00 42.30 ? 53  LYS A C   1 
ATOM   414  O O   . LYS A 1 55  ? 14.205  7.309   8.488   1.00 40.98 ? 53  LYS A O   1 
ATOM   415  C CB  . LYS A 1 55  ? 16.109  4.996   8.998   1.00 45.66 ? 53  LYS A CB  1 
ATOM   416  C CG  . LYS A 1 55  ? 17.280  4.141   8.567   1.00 48.22 ? 53  LYS A CG  1 
ATOM   417  C CD  . LYS A 1 55  ? 17.786  3.292   9.703   1.00 49.21 ? 53  LYS A CD  1 
ATOM   418  C CE  . LYS A 1 55  ? 18.870  2.353   9.178   1.00 50.20 ? 53  LYS A CE  1 
ATOM   419  N NZ  . LYS A 1 55  ? 18.899  1.075   9.903   1.00 48.40 ? 53  LYS A NZ  1 
ATOM   420  N N   . LYS A 1 56  ? 12.755  5.631   8.641   1.00 40.80 ? 54  LYS A N   1 
ATOM   421  C CA  . LYS A 1 56  ? 11.714  6.558   9.060   1.00 38.94 ? 54  LYS A CA  1 
ATOM   422  C C   . LYS A 1 56  ? 10.802  5.938   10.055  1.00 34.90 ? 54  LYS A C   1 
ATOM   423  O O   . LYS A 1 56  ? 10.608  4.747   10.075  1.00 33.76 ? 54  LYS A O   1 
ATOM   424  C CB  . LYS A 1 56  ? 10.854  7.029   7.882   1.00 42.20 ? 54  LYS A CB  1 
ATOM   425  C CG  . LYS A 1 56  ? 11.617  7.602   6.700   1.00 46.98 ? 54  LYS A CG  1 
ATOM   426  C CD  . LYS A 1 56  ? 12.341  8.894   7.029   1.00 50.63 ? 54  LYS A CD  1 
ATOM   427  C CE  . LYS A 1 56  ? 13.434  9.152   5.978   1.00 52.98 ? 54  LYS A CE  1 
ATOM   428  N NZ  . LYS A 1 56  ? 12.864  9.001   4.590   1.00 54.55 ? 54  LYS A NZ  1 
ATOM   429  N N   . LEU A 1 57  ? 10.226  6.783   10.884  1.00 33.99 ? 55  LEU A N   1 
ATOM   430  C CA  . LEU A 1 57  ? 9.301   6.348   11.890  1.00 29.74 ? 55  LEU A CA  1 
ATOM   431  C C   . LEU A 1 57  ? 8.111   5.721   11.157  1.00 29.12 ? 55  LEU A C   1 
ATOM   432  O O   . LEU A 1 57  ? 7.549   6.296   10.192  1.00 28.14 ? 55  LEU A O   1 
ATOM   433  C CB  . LEU A 1 57  ? 8.873   7.550   12.685  1.00 31.33 ? 55  LEU A CB  1 
ATOM   434  C CG  . LEU A 1 57  ? 7.888   7.260   13.778  1.00 30.82 ? 55  LEU A CG  1 
ATOM   435  C CD1 . LEU A 1 57  ? 8.419   6.170   14.705  1.00 32.66 ? 55  LEU A CD1 1 
ATOM   436  C CD2 . LEU A 1 57  ? 7.656   8.565   14.518  1.00 30.71 ? 55  LEU A CD2 1 
ATOM   437  N N   . VAL A 1 58  ? 7.681   4.581   11.661  1.00 27.36 ? 56  VAL A N   1 
ATOM   438  C CA  . VAL A 1 58  ? 6.615   3.862   11.025  1.00 27.10 ? 56  VAL A CA  1 
ATOM   439  C C   . VAL A 1 58  ? 5.419   3.641   11.969  1.00 27.23 ? 56  VAL A C   1 
ATOM   440  O O   . VAL A 1 58  ? 5.587   3.627   13.197  1.00 29.05 ? 56  VAL A O   1 
ATOM   441  C CB  . VAL A 1 58  ? 7.316   2.611   10.455  1.00 26.38 ? 56  VAL A CB  1 
ATOM   442  C CG1 . VAL A 1 58  ? 7.013   1.354   11.195  1.00 21.08 ? 56  VAL A CG1 1 
ATOM   443  C CG2 . VAL A 1 58  ? 7.135   2.609   8.994   1.00 24.67 ? 56  VAL A CG2 1 
ATOM   444  N N   . TYR A 1 59  ? 4.245   3.422   11.395  1.00 24.50 ? 57  TYR A N   1 
ATOM   445  C CA  . TYR A 1 59  ? 3.005   3.276   12.149  1.00 23.27 ? 57  TYR A CA  1 
ATOM   446  C C   . TYR A 1 59  ? 2.221   2.085   11.663  1.00 21.96 ? 57  TYR A C   1 
ATOM   447  O O   . TYR A 1 59  ? 2.090   1.901   10.461  1.00 22.58 ? 57  TYR A O   1 
ATOM   448  C CB  . TYR A 1 59  ? 2.104   4.495   11.924  1.00 21.80 ? 57  TYR A CB  1 
ATOM   449  C CG  . TYR A 1 59  ? 2.730   5.825   12.248  1.00 21.76 ? 57  TYR A CG  1 
ATOM   450  C CD1 . TYR A 1 59  ? 3.691   6.399   11.424  1.00 21.06 ? 57  TYR A CD1 1 
ATOM   451  C CD2 . TYR A 1 59  ? 2.365   6.485   13.406  1.00 22.96 ? 57  TYR A CD2 1 
ATOM   452  C CE1 . TYR A 1 59  ? 4.298   7.658   11.777  1.00 25.32 ? 57  TYR A CE1 1 
ATOM   453  C CE2 . TYR A 1 59  ? 2.936   7.694   13.776  1.00 25.59 ? 57  TYR A CE2 1 
ATOM   454  C CZ  . TYR A 1 59  ? 3.900   8.285   12.969  1.00 24.72 ? 57  TYR A CZ  1 
ATOM   455  O OH  . TYR A 1 59  ? 4.410   9.473   13.405  1.00 27.56 ? 57  TYR A OH  1 
ATOM   456  N N   . ILE A 1 60  ? 1.673   1.303   12.591  1.00 23.12 ? 58  ILE A N   1 
ATOM   457  C CA  . ILE A 1 60  ? 0.846   0.140   12.249  1.00 23.27 ? 58  ILE A CA  1 
ATOM   458  C C   . ILE A 1 60  ? -0.587  0.546   12.020  1.00 23.20 ? 58  ILE A C   1 
ATOM   459  O O   . ILE A 1 60  ? -1.236  1.093   12.929  1.00 25.57 ? 58  ILE A O   1 
ATOM   460  C CB  . ILE A 1 60  ? 0.750   -0.874  13.393  1.00 26.76 ? 58  ILE A CB  1 
ATOM   461  C CG1 . ILE A 1 60  ? 2.121   -1.461  13.695  1.00 28.83 ? 58  ILE A CG1 1 
ATOM   462  C CG2 . ILE A 1 60  ? -0.274  -1.921  13.046  1.00 25.94 ? 58  ILE A CG2 1 
ATOM   463  C CD1 . ILE A 1 60  ? 2.150   -2.341  15.007  1.00 29.00 ? 58  ILE A CD1 1 
ATOM   464  N N   . LEU A 1 61  ? -1.105  0.269   10.830  1.00 20.96 ? 59  LEU A N   1 
ATOM   465  C CA  . LEU A 1 61  ? -2.516  0.558   10.523  1.00 19.94 ? 59  LEU A CA  1 
ATOM   466  C C   . LEU A 1 61  ? -3.177  -0.828  10.465  1.00 21.56 ? 59  LEU A C   1 
ATOM   467  O O   . LEU A 1 61  ? -2.653  -1.732  9.803   1.00 21.06 ? 59  LEU A O   1 
ATOM   468  C CB  . LEU A 1 61  ? -2.626  1.264   9.162   1.00 20.42 ? 59  LEU A CB  1 
ATOM   469  C CG  . LEU A 1 61  ? -3.979  1.348   8.444   1.00 25.04 ? 59  LEU A CG  1 
ATOM   470  C CD1 . LEU A 1 61  ? -3.864  2.293   7.246   1.00 25.61 ? 59  LEU A CD1 1 
ATOM   471  C CD2 . LEU A 1 61  ? -4.383  -0.059  7.903   1.00 27.77 ? 59  LEU A CD2 1 
ATOM   472  N N   . LYS A 1 62  ? -4.296  -1.005  11.142  1.00 19.55 ? 60  LYS A N   1 
ATOM   473  C CA  . LYS A 1 62  ? -4.980  -2.287  11.097  1.00 22.59 ? 60  LYS A CA  1 
ATOM   474  C C   . LYS A 1 62  ? -6.472  -2.116  10.778  1.00 21.69 ? 60  LYS A C   1 
ATOM   475  O O   . LYS A 1 62  ? -7.131  -1.165  11.284  1.00 20.80 ? 60  LYS A O   1 
ATOM   476  C CB  . LYS A 1 62  ? -4.799  -3.034  12.450  1.00 23.44 ? 60  LYS A CB  1 
ATOM   477  C CG  . LYS A 1 62  ? -5.437  -4.408  12.522  1.00 27.20 ? 60  LYS A CG  1 
ATOM   478  C CD  . LYS A 1 62  ? -5.128  -5.002  13.916  1.00 31.88 ? 60  LYS A CD  1 
ATOM   479  C CE  . LYS A 1 62  ? -6.069  -6.138  14.297  1.00 34.42 ? 60  LYS A CE  1 
ATOM   480  N NZ  . LYS A 1 62  ? -5.600  -6.740  15.618  1.00 38.71 ? 60  LYS A NZ  1 
ATOM   481  N N   . THR A 1 63  ? -6.991  -3.007  9.937   1.00 19.01 ? 61  THR A N   1 
ATOM   482  C CA  . THR A 1 63  ? -8.404  -2.938  9.540   1.00 19.20 ? 61  THR A CA  1 
ATOM   483  C C   . THR A 1 63  ? -9.245  -3.956  10.274  1.00 21.13 ? 61  THR A C   1 
ATOM   484  O O   . THR A 1 63  ? -8.707  -4.895  10.903  1.00 21.54 ? 61  THR A O   1 
ATOM   485  C CB  . THR A 1 63  ? -8.641  -3.108  8.001   1.00 18.76 ? 61  THR A CB  1 
ATOM   486  O OG1 . THR A 1 63  ? -8.324  -4.443  7.578   1.00 21.02 ? 61  THR A OG1 1 
ATOM   487  C CG2 . THR A 1 63  ? -7.784  -2.124  7.216   1.00 19.66 ? 61  THR A CG2 1 
ATOM   488  N N   . ARG A 1 64  ? -10.558 -3.792  10.192  1.00 18.45 ? 62  ARG A N   1 
ATOM   489  C CA  . ARG A 1 64  ? -11.431 -4.704  10.934  1.00 21.70 ? 62  ARG A CA  1 
ATOM   490  C C   . ARG A 1 64  ? -11.226 -6.167  10.496  1.00 23.08 ? 62  ARG A C   1 
ATOM   491  O O   . ARG A 1 64  ? -11.323 -7.093  11.305  1.00 22.81 ? 62  ARG A O   1 
ATOM   492  C CB  . ARG A 1 64  ? -12.897 -4.289  10.752  1.00 22.06 ? 62  ARG A CB  1 
ATOM   493  C CG  . ARG A 1 64  ? -13.878 -5.148  11.586  1.00 27.80 ? 62  ARG A CG  1 
ATOM   494  C CD  . ARG A 1 64  ? -15.276 -4.555  11.471  1.00 31.42 ? 62  ARG A CD  1 
ATOM   495  N NE  . ARG A 1 64  ? -15.339 -3.155  11.913  1.00 32.27 ? 62  ARG A NE  1 
ATOM   496  C CZ  . ARG A 1 64  ? -15.103 -2.745  13.156  1.00 35.59 ? 62  ARG A CZ  1 
ATOM   497  N NH1 . ARG A 1 64  ? -14.762 -3.614  14.134  1.00 35.77 ? 62  ARG A NH1 1 
ATOM   498  N NH2 . ARG A 1 64  ? -15.243 -1.451  13.435  1.00 39.55 ? 62  ARG A NH2 1 
ATOM   499  N N   . LEU A 1 65  ? -10.992 -6.374  9.206   1.00 22.42 ? 63  LEU A N   1 
ATOM   500  C CA  . LEU A 1 65  ? -10.739 -7.736  8.712   1.00 24.32 ? 63  LEU A CA  1 
ATOM   501  C C   . LEU A 1 65  ? -9.462  -8.322  9.311   1.00 23.19 ? 63  LEU A C   1 
ATOM   502  O O   . LEU A 1 65  ? -9.242  -9.531  9.304   1.00 24.16 ? 63  LEU A O   1 
ATOM   503  C CB  . LEU A 1 65  ? -10.573 -7.739  7.188   1.00 23.45 ? 63  LEU A CB  1 
ATOM   504  C CG  . LEU A 1 65  ? -11.812 -8.024  6.385   1.00 25.25 ? 63  LEU A CG  1 
ATOM   505  C CD1 . LEU A 1 65  ? -11.460 -7.895  4.968   1.00 24.83 ? 63  LEU A CD1 1 
ATOM   506  C CD2 . LEU A 1 65  ? -12.384 -9.415  6.721   1.00 24.57 ? 63  LEU A CD2 1 
ATOM   507  N N   . GLY A 1 66  ? -8.608  -7.450  9.811   1.00 23.95 ? 64  GLY A N   1 
ATOM   508  C CA  . GLY A 1 66  ? -7.343  -7.882  10.363  1.00 22.29 ? 64  GLY A CA  1 
ATOM   509  C C   . GLY A 1 66  ? -6.176  -7.554  9.428   1.00 23.17 ? 64  GLY A C   1 
ATOM   510  O O   . GLY A 1 66  ? -5.019  -7.866  9.730   1.00 22.65 ? 64  GLY A O   1 
ATOM   511  N N   . ARG A 1 67  ? -6.441  -6.915  8.290   1.00 22.21 ? 65  ARG A N   1 
ATOM   512  C CA  . ARG A 1 67  ? -5.322  -6.587  7.422   1.00 23.54 ? 65  ARG A CA  1 
ATOM   513  C C   . ARG A 1 67  ? -4.541  -5.493  8.108   1.00 23.15 ? 65  ARG A C   1 
ATOM   514  O O   . ARG A 1 67  ? -5.119  -4.609  8.747   1.00 23.46 ? 65  ARG A O   1 
ATOM   515  C CB  . ARG A 1 67  ? -5.837  -6.216  6.031   1.00 23.86 ? 65  ARG A CB  1 
ATOM   516  C CG  . ARG A 1 67  ? -6.279  -7.494  5.372   1.00 28.45 ? 65  ARG A CG  1 
ATOM   517  C CD  . ARG A 1 67  ? -6.655  -7.442  3.882   1.00 30.55 ? 65  ARG A CD  1 
ATOM   518  N NE  . ARG A 1 67  ? -7.679  -8.473  3.731   1.00 34.48 ? 65  ARG A NE  1 
ATOM   519  C CZ  . ARG A 1 67  ? -8.301  -8.813  2.621   1.00 35.65 ? 65  ARG A CZ  1 
ATOM   520  N NH1 . ARG A 1 67  ? -8.000  -8.206  1.465   1.00 34.23 ? 65  ARG A NH1 1 
ATOM   521  N NH2 . ARG A 1 67  ? -9.274  -9.742  2.722   1.00 36.76 ? 65  ARG A NH2 1 
ATOM   522  N N   . THR A 1 68  ? -3.218  -5.570  7.998   1.00 21.92 ? 66  THR A N   1 
ATOM   523  C CA  . THR A 1 68  ? -2.341  -4.643  8.687   1.00 22.29 ? 66  THR A CA  1 
ATOM   524  C C   . THR A 1 68  ? -1.092  -4.340  7.888   1.00 22.39 ? 66  THR A C   1 
ATOM   525  O O   . THR A 1 68  ? -0.567  -5.205  7.168   1.00 21.15 ? 66  THR A O   1 
ATOM   526  C CB  . THR A 1 68  ? -1.836  -5.262  10.006  1.00 26.29 ? 66  THR A CB  1 
ATOM   527  O OG1 . THR A 1 68  ? -2.960  -5.807  10.740  1.00 30.52 ? 66  THR A OG1 1 
ATOM   528  C CG2 . THR A 1 68  ? -1.181  -4.217  10.849  1.00 26.30 ? 66  THR A CG2 1 
ATOM   529  N N   . ILE A 1 69  ? -0.567  -3.144  8.108   1.00 19.24 ? 67  ILE A N   1 
ATOM   530  C CA  . ILE A 1 69  ? 0.625   -2.728  7.422   1.00 19.20 ? 67  ILE A CA  1 
ATOM   531  C C   . ILE A 1 69  ? 1.324   -1.648  8.234   1.00 19.98 ? 67  ILE A C   1 
ATOM   532  O O   . ILE A 1 69  ? 0.714   -0.935  9.020   1.00 19.56 ? 67  ILE A O   1 
ATOM   533  C CB  . ILE A 1 69  ? 0.292   -2.219  5.963   1.00 18.38 ? 67  ILE A CB  1 
ATOM   534  C CG1 . ILE A 1 69  ? 1.578   -2.166  5.152   1.00 16.57 ? 67  ILE A CG1 1 
ATOM   535  C CG2 . ILE A 1 69  ? -0.362  -0.760  5.974   1.00 16.49 ? 67  ILE A CG2 1 
ATOM   536  C CD1 . ILE A 1 69  ? 1.324   -1.782  3.649   1.00 18.92 ? 67  ILE A CD1 1 
ATOM   537  N N   . LYS A 1 70  ? 2.634   -1.574  8.087   1.00 21.21 ? 68  LYS A N   1 
ATOM   538  C CA  . LYS A 1 70  ? 3.411   -0.590  8.785   1.00 21.77 ? 68  LYS A CA  1 
ATOM   539  C C   . LYS A 1 70  ? 3.801   0.431   7.732   1.00 23.10 ? 68  LYS A C   1 
ATOM   540  O O   . LYS A 1 70  ? 4.323   0.051   6.674   1.00 22.22 ? 68  LYS A O   1 
ATOM   541  C CB  . LYS A 1 70  ? 4.640   -1.232  9.372   1.00 21.84 ? 68  LYS A CB  1 
ATOM   542  C CG  . LYS A 1 70  ? 4.385   -1.970  10.675  1.00 25.04 ? 68  LYS A CG  1 
ATOM   543  C CD  . LYS A 1 70  ? 5.735   -2.513  11.223  1.00 27.63 ? 68  LYS A CD  1 
ATOM   544  C CE  . LYS A 1 70  ? 6.328   -3.647  10.325  1.00 29.14 ? 68  LYS A CE  1 
ATOM   545  N NZ  . LYS A 1 70  ? 7.758   -3.921  10.811  1.00 32.26 ? 68  LYS A NZ  1 
ATOM   546  N N   . ALA A 1 71  ? 3.600   1.715   8.033   1.00 22.03 ? 69  ALA A N   1 
ATOM   547  C CA  . ALA A 1 71  ? 3.864   2.752   7.025   1.00 22.71 ? 69  ALA A CA  1 
ATOM   548  C C   . ALA A 1 71  ? 4.194   4.151   7.614   1.00 22.35 ? 69  ALA A C   1 
ATOM   549  O O   . ALA A 1 71  ? 3.859   4.438   8.767   1.00 22.41 ? 69  ALA A O   1 
ATOM   550  C CB  . ALA A 1 71  ? 2.612   2.848   6.079   1.00 21.69 ? 69  ALA A CB  1 
ATOM   551  N N   . THR A 1 72  ? 4.803   5.034   6.816   1.00 22.96 ? 70  THR A N   1 
ATOM   552  C CA  . THR A 1 72  ? 5.123   6.401   7.307   1.00 24.07 ? 70  THR A CA  1 
ATOM   553  C C   . THR A 1 72  ? 3.864   7.236   7.478   1.00 24.58 ? 70  THR A C   1 
ATOM   554  O O   . THR A 1 72  ? 2.808   6.945   6.881   1.00 23.41 ? 70  THR A O   1 
ATOM   555  C CB  . THR A 1 72  ? 6.082   7.178   6.336   1.00 25.26 ? 70  THR A CB  1 
ATOM   556  O OG1 . THR A 1 72  ? 5.569   7.134   4.991   1.00 21.67 ? 70  THR A OG1 1 
ATOM   557  C CG2 . THR A 1 72  ? 7.473   6.534   6.349   1.00 24.80 ? 70  THR A CG2 1 
ATOM   558  N N   . ALA A 1 73  ? 3.981   8.262   8.307   1.00 24.11 ? 71  ALA A N   1 
ATOM   559  C CA  . ALA A 1 73  ? 2.885   9.151   8.620   1.00 25.09 ? 71  ALA A CA  1 
ATOM   560  C C   . ALA A 1 73  ? 2.314   9.789   7.375   1.00 25.60 ? 71  ALA A C   1 
ATOM   561  O O   . ALA A 1 73  ? 1.146   10.184  7.353   1.00 24.18 ? 71  ALA A O   1 
ATOM   562  C CB  . ALA A 1 73  ? 3.338   10.281  9.592   1.00 26.78 ? 71  ALA A CB  1 
ATOM   563  N N   . ASN A 1 74  ? 3.133   9.902   6.353   1.00 24.51 ? 72  ASN A N   1 
ATOM   564  C CA  . ASN A 1 74  ? 2.663   10.549  5.168   1.00 26.72 ? 72  ASN A CA  1 
ATOM   565  C C   . ASN A 1 74  ? 2.249   9.586   4.033   1.00 25.56 ? 72  ASN A C   1 
ATOM   566  O O   . ASN A 1 74  ? 1.836   10.051  2.967   1.00 25.14 ? 72  ASN A O   1 
ATOM   567  C CB  . ASN A 1 74  ? 3.729   11.538  4.693   1.00 30.80 ? 72  ASN A CB  1 
ATOM   568  C CG  . ASN A 1 74  ? 4.970   10.847  4.222   1.00 35.36 ? 72  ASN A CG  1 
ATOM   569  O OD1 . ASN A 1 74  ? 5.420   9.850   4.978   1.00 35.55 ? 72  ASN A OD1 1 
ATOM   570  N ND2 . ASN A 1 74  ? 5.533   11.203  3.173   1.00 39.85 ? 72  ASN A ND2 1 
ATOM   571  N N   . HIS A 1 75  ? 2.329   8.270   4.240   1.00 24.59 ? 73  HIS A N   1 
ATOM   572  C CA  . HIS A 1 75  ? 1.923   7.365   3.166   1.00 24.52 ? 73  HIS A CA  1 
ATOM   573  C C   . HIS A 1 75  ? 0.397   7.406   3.027   1.00 24.23 ? 73  HIS A C   1 
ATOM   574  O O   . HIS A 1 75  ? -0.327  7.338   4.024   1.00 24.17 ? 73  HIS A O   1 
ATOM   575  C CB  . HIS A 1 75  ? 2.356   5.922   3.437   1.00 26.75 ? 73  HIS A CB  1 
ATOM   576  C CG  . HIS A 1 75  ? 2.465   5.097   2.191   1.00 28.62 ? 73  HIS A CG  1 
ATOM   577  N ND1 . HIS A 1 75  ? 3.604   5.066   1.420   1.00 30.11 ? 73  HIS A ND1 1 
ATOM   578  C CD2 . HIS A 1 75  ? 1.551   4.342   1.532   1.00 32.04 ? 73  HIS A CD2 1 
ATOM   579  C CE1 . HIS A 1 75  ? 3.396   4.331   0.340   1.00 30.67 ? 73  HIS A CE1 1 
ATOM   580  N NE2 . HIS A 1 75  ? 2.156   3.878   0.384   1.00 33.93 ? 73  HIS A NE2 1 
ATOM   581  N N   . ARG A 1 76  ? -0.091  7.479   1.795   1.00 24.00 ? 74  ARG A N   1 
ATOM   582  C CA  . ARG A 1 76  ? -1.536  7.528   1.526   1.00 24.72 ? 74  ARG A CA  1 
ATOM   583  C C   . ARG A 1 76  ? -2.287  6.208   1.224   1.00 23.22 ? 74  ARG A C   1 
ATOM   584  O O   . ARG A 1 76  ? -1.766  5.288   0.563   1.00 23.86 ? 74  ARG A O   1 
ATOM   585  C CB  . ARG A 1 76  ? -1.765  8.483   0.386   1.00 26.20 ? 74  ARG A CB  1 
ATOM   586  C CG  . ARG A 1 76  ? -1.274  9.869   0.707   1.00 30.03 ? 74  ARG A CG  1 
ATOM   587  C CD  . ARG A 1 76  ? -1.335  10.745  -0.545  1.00 32.40 ? 74  ARG A CD  1 
ATOM   588  N NE  . ARG A 1 76  ? -1.497  12.134  -0.165  1.00 39.05 ? 74  ARG A NE  1 
ATOM   589  C CZ  . ARG A 1 76  ? -0.542  12.896  0.367   1.00 39.90 ? 74  ARG A CZ  1 
ATOM   590  N NH1 . ARG A 1 76  ? 0.677   12.410  0.586   1.00 39.07 ? 74  ARG A NH1 1 
ATOM   591  N NH2 . ARG A 1 76  ? -0.821  14.155  0.672   1.00 41.57 ? 74  ARG A NH2 1 
ATOM   592  N N   . PHE A 1 77  ? -3.508  6.141   1.755   1.00 23.54 ? 75  PHE A N   1 
ATOM   593  C CA  . PHE A 1 77  ? -4.423  5.015   1.607   1.00 21.19 ? 75  PHE A CA  1 
ATOM   594  C C   . PHE A 1 77  ? -5.724  5.519   0.986   1.00 22.63 ? 75  PHE A C   1 
ATOM   595  O O   . PHE A 1 77  ? -6.067  6.716   1.098   1.00 20.76 ? 75  PHE A O   1 
ATOM   596  C CB  . PHE A 1 77  ? -4.724  4.382   2.969   1.00 22.77 ? 75  PHE A CB  1 
ATOM   597  C CG  . PHE A 1 77  ? -3.520  3.812   3.623   1.00 22.48 ? 75  PHE A CG  1 
ATOM   598  C CD1 . PHE A 1 77  ? -2.583  4.654   4.242   1.00 19.35 ? 75  PHE A CD1 1 
ATOM   599  C CD2 . PHE A 1 77  ? -3.264  2.432   3.537   1.00 21.66 ? 75  PHE A CD2 1 
ATOM   600  C CE1 . PHE A 1 77  ? -1.388  4.125   4.769   1.00 19.78 ? 75  PHE A CE1 1 
ATOM   601  C CE2 . PHE A 1 77  ? -2.076  1.892   4.054   1.00 20.04 ? 75  PHE A CE2 1 
ATOM   602  C CZ  . PHE A 1 77  ? -1.137  2.737   4.667   1.00 21.21 ? 75  PHE A CZ  1 
ATOM   603  N N   . LEU A 1 78  ? -6.454  4.612   0.347   1.00 21.01 ? 76  LEU A N   1 
ATOM   604  C CA  . LEU A 1 78  ? -7.613  5.055   -0.364  1.00 22.93 ? 76  LEU A CA  1 
ATOM   605  C C   . LEU A 1 78  ? -8.843  4.971   0.467   1.00 23.30 ? 76  LEU A C   1 
ATOM   606  O O   . LEU A 1 78  ? -9.280  3.887   0.877   1.00 21.05 ? 76  LEU A O   1 
ATOM   607  C CB  . LEU A 1 78  ? -7.759  4.311   -1.682  1.00 24.61 ? 76  LEU A CB  1 
ATOM   608  C CG  . LEU A 1 78  ? -8.963  4.746   -2.525  1.00 27.26 ? 76  LEU A CG  1 
ATOM   609  C CD1 . LEU A 1 78  ? -8.870  6.260   -2.985  1.00 23.91 ? 76  LEU A CD1 1 
ATOM   610  C CD2 . LEU A 1 78  ? -9.021  3.833   -3.712  1.00 25.25 ? 76  LEU A CD2 1 
ATOM   611  N N   . THR A 1 79  ? -9.375  6.176   0.709   1.00 23.00 ? 77  THR A N   1 
ATOM   612  C CA  . THR A 1 79  ? -10.570 6.396   1.523   1.00 25.35 ? 77  THR A CA  1 
ATOM   613  C C   . THR A 1 79  ? -11.823 6.557   0.633   1.00 28.51 ? 77  THR A C   1 
ATOM   614  O O   . THR A 1 79  ? -11.698 6.785   -0.573  1.00 26.48 ? 77  THR A O   1 
ATOM   615  C CB  . THR A 1 79  ? -10.299 7.684   2.379   1.00 27.20 ? 77  THR A CB  1 
ATOM   616  O OG1 . THR A 1 79  ? -9.677  7.309   3.622   1.00 27.93 ? 77  THR A OG1 1 
ATOM   617  C CG2 . THR A 1 79  ? -11.430 8.470   2.561   1.00 19.79 ? 77  THR A CG2 1 
ATOM   618  N N   . ILE A 1 80  ? -13.018 6.408   1.225   1.00 29.80 ? 78  ILE A N   1 
ATOM   619  C CA  . ILE A 1 80  ? -14.249 6.600   0.490   1.00 32.42 ? 78  ILE A CA  1 
ATOM   620  C C   . ILE A 1 80  ? -14.196 8.010   -0.075  1.00 33.72 ? 78  ILE A C   1 
ATOM   621  O O   . ILE A 1 80  ? -14.702 8.248   -1.156  1.00 32.22 ? 78  ILE A O   1 
ATOM   622  C CB  . ILE A 1 80  ? -15.511 6.454   1.384   1.00 33.31 ? 78  ILE A CB  1 
ATOM   623  C CG1 . ILE A 1 80  ? -15.692 4.968   1.798   1.00 33.91 ? 78  ILE A CG1 1 
ATOM   624  C CG2 . ILE A 1 80  ? -16.736 6.830   0.583   1.00 35.93 ? 78  ILE A CG2 1 
ATOM   625  C CD1 . ILE A 1 80  ? -16.652 4.717   2.992   1.00 31.52 ? 78  ILE A CD1 1 
ATOM   626  N N   . ASP A 1 81  ? -13.608 8.981   0.619   1.00 34.44 ? 79  ASP A N   1 
ATOM   627  C CA  . ASP A 1 81  ? -13.579 10.226  -0.123  1.00 37.46 ? 79  ASP A CA  1 
ATOM   628  C C   . ASP A 1 81  ? -12.194 10.653  -0.598  1.00 36.59 ? 79  ASP A C   1 
ATOM   629  O O   . ASP A 1 81  ? -11.814 11.809  -0.562  1.00 38.81 ? 79  ASP A O   1 
ATOM   630  C CB  . ASP A 1 81  ? -14.439 11.361  0.544   1.00 42.12 ? 79  ASP A CB  1 
ATOM   631  C CG  . ASP A 1 81  ? -13.917 11.851  1.870   1.00 45.30 ? 79  ASP A CG  1 
ATOM   632  O OD1 . ASP A 1 81  ? -12.843 12.472  1.852   1.00 48.09 ? 79  ASP A OD1 1 
ATOM   633  O OD2 . ASP A 1 81  ? -14.606 11.647  2.920   1.00 45.18 ? 79  ASP A OD2 1 
ATOM   634  N N   . GLY A 1 82  ? -11.446 9.676   -1.105  1.00 33.85 ? 80  GLY A N   1 
ATOM   635  C CA  . GLY A 1 82  ? -10.137 9.965   -1.650  1.00 30.56 ? 80  GLY A CA  1 
ATOM   636  C C   . GLY A 1 82  ? -8.899  9.531   -0.902  1.00 27.85 ? 80  GLY A C   1 
ATOM   637  O O   . GLY A 1 82  ? -8.969  8.954   0.154   1.00 29.78 ? 80  GLY A O   1 
ATOM   638  N N   . TRP A 1 83  ? -7.747  9.816   -1.474  1.00 28.01 ? 81  TRP A N   1 
ATOM   639  C CA  . TRP A 1 83  ? -6.506  9.442   -0.828  1.00 26.42 ? 81  TRP A CA  1 
ATOM   640  C C   . TRP A 1 83  ? -6.254  10.295  0.419   1.00 26.21 ? 81  TRP A C   1 
ATOM   641  O O   . TRP A 1 83  ? -6.483  11.502  0.407   1.00 24.13 ? 81  TRP A O   1 
ATOM   642  C CB  . TRP A 1 83  ? -5.367  9.557   -1.819  1.00 27.60 ? 81  TRP A CB  1 
ATOM   643  C CG  . TRP A 1 83  ? -5.436  8.547   -2.945  1.00 26.92 ? 81  TRP A CG  1 
ATOM   644  C CD1 . TRP A 1 83  ? -5.812  8.781   -4.261  1.00 29.11 ? 81  TRP A CD1 1 
ATOM   645  C CD2 . TRP A 1 83  ? -4.985  7.184   -2.906  1.00 29.45 ? 81  TRP A CD2 1 
ATOM   646  N NE1 . TRP A 1 83  ? -5.597  7.659   -5.029  1.00 26.50 ? 81  TRP A NE1 1 
ATOM   647  C CE2 . TRP A 1 83  ? -5.089  6.665   -4.231  1.00 27.88 ? 81  TRP A CE2 1 
ATOM   648  C CE3 . TRP A 1 83  ? -4.499  6.356   -1.889  1.00 29.16 ? 81  TRP A CE3 1 
ATOM   649  C CZ2 . TRP A 1 83  ? -4.711  5.366   -4.559  1.00 29.80 ? 81  TRP A CZ2 1 
ATOM   650  C CZ3 . TRP A 1 83  ? -4.118  5.039   -2.217  1.00 31.53 ? 81  TRP A CZ3 1 
ATOM   651  C CH2 . TRP A 1 83  ? -4.228  4.560   -3.545  1.00 29.75 ? 81  TRP A CH2 1 
ATOM   652  N N   . LYS A 1 84  ? -5.867  9.643   1.527   1.00 24.88 ? 82  LYS A N   1 
ATOM   653  C CA  . LYS A 1 84  ? -5.568  10.359  2.795   1.00 22.47 ? 82  LYS A CA  1 
ATOM   654  C C   . LYS A 1 84  ? -4.272  9.785   3.408   1.00 22.03 ? 82  LYS A C   1 
ATOM   655  O O   . LYS A 1 84  ? -3.988  8.576   3.308   1.00 21.90 ? 82  LYS A O   1 
ATOM   656  C CB  . LYS A 1 84  ? -6.715  10.182  3.821   1.00 24.34 ? 82  LYS A CB  1 
ATOM   657  C CG  . LYS A 1 84  ? -8.062  10.893  3.505   1.00 24.89 ? 82  LYS A CG  1 
ATOM   658  C CD  . LYS A 1 84  ? -8.958  10.850  4.765   1.00 29.18 ? 82  LYS A CD  1 
ATOM   659  C CE  . LYS A 1 84  ? -10.166 11.774  4.646   1.00 30.08 ? 82  LYS A CE  1 
ATOM   660  N NZ  . LYS A 1 84  ? -10.778 11.498  3.357   1.00 32.25 ? 82  LYS A NZ  1 
ATOM   661  N N   . ARG A 1 85  ? -3.490  10.659  4.032   1.00 22.07 ? 83  ARG A N   1 
ATOM   662  C CA  . ARG A 1 85  ? -2.237  10.294  4.677   1.00 21.62 ? 83  ARG A CA  1 
ATOM   663  C C   . ARG A 1 85  ? -2.605  9.467   5.897   1.00 19.82 ? 83  ARG A C   1 
ATOM   664  O O   . ARG A 1 85  ? -3.662  9.693   6.540   1.00 19.82 ? 83  ARG A O   1 
ATOM   665  C CB  . ARG A 1 85  ? -1.491  11.568  5.181   1.00 24.72 ? 83  ARG A CB  1 
ATOM   666  C CG  . ARG A 1 85  ? -0.877  12.504  4.104   1.00 28.81 ? 83  ARG A CG  1 
ATOM   667  C CD  . ARG A 1 85  ? -0.567  13.926  4.694   1.00 30.06 ? 83  ARG A CD  1 
ATOM   668  N NE  . ARG A 1 85  ? 0.277   13.844  5.875   1.00 30.03 ? 83  ARG A NE  1 
ATOM   669  C CZ  . ARG A 1 85  ? 1.564   14.172  5.897   1.00 33.99 ? 83  ARG A CZ  1 
ATOM   670  N NH1 . ARG A 1 85  ? 2.143   14.627  4.785   1.00 31.54 ? 83  ARG A NH1 1 
ATOM   671  N NH2 . ARG A 1 85  ? 2.282   13.987  7.017   1.00 32.60 ? 83  ARG A NH2 1 
ATOM   672  N N   . LEU A 1 86  ? -1.737  8.515   6.235   1.00 20.35 ? 84  LEU A N   1 
ATOM   673  C CA  . LEU A 1 86  ? -1.957  7.682   7.411   1.00 18.77 ? 84  LEU A CA  1 
ATOM   674  C C   . LEU A 1 86  ? -2.288  8.615   8.641   1.00 20.15 ? 84  LEU A C   1 
ATOM   675  O O   . LEU A 1 86  ? -3.210  8.332   9.450   1.00 17.43 ? 84  LEU A O   1 
ATOM   676  C CB  . LEU A 1 86  ? -0.672  6.832   7.700   1.00 20.17 ? 84  LEU A CB  1 
ATOM   677  C CG  . LEU A 1 86  ? -0.807  5.741   8.776   1.00 19.60 ? 84  LEU A CG  1 
ATOM   678  C CD1 . LEU A 1 86  ? 0.226   4.651   8.586   1.00 18.69 ? 84  LEU A CD1 1 
ATOM   679  C CD2 . LEU A 1 86  ? -0.678  6.377   10.118  1.00 19.47 ? 84  LEU A CD2 1 
ATOM   680  N N   . ASP A 1 87  ? -1.546  9.722   8.745   1.00 20.80 ? 85  ASP A N   1 
ATOM   681  C CA  . ASP A 1 87  ? -1.709  10.661  9.883   1.00 23.54 ? 85  ASP A CA  1 
ATOM   682  C C   . ASP A 1 87  ? -2.935  11.535  9.905   1.00 22.94 ? 85  ASP A C   1 
ATOM   683  O O   . ASP A 1 87  ? -3.124  12.317  10.850  1.00 24.05 ? 85  ASP A O   1 
ATOM   684  C CB  . ASP A 1 87  ? -0.471  11.547  10.108  1.00 22.33 ? 85  ASP A CB  1 
ATOM   685  C CG  . ASP A 1 87  ? -0.229  12.589  9.000   1.00 25.63 ? 85  ASP A CG  1 
ATOM   686  O OD1 . ASP A 1 87  ? 0.866   13.204  9.083   1.00 25.96 ? 85  ASP A OD1 1 
ATOM   687  O OD2 . ASP A 1 87  ? -1.070  12.818  8.082   1.00 24.52 ? 85  ASP A OD2 1 
ATOM   688  N N   . GLU A 1 88  ? -3.729  11.386  8.861   1.00 22.21 ? 86  GLU A N   1 
ATOM   689  C CA  . GLU A 1 88  ? -4.982  12.063  8.704   1.00 24.59 ? 86  GLU A CA  1 
ATOM   690  C C   . GLU A 1 88  ? -6.180  11.091  8.891   1.00 25.17 ? 86  GLU A C   1 
ATOM   691  O O   . GLU A 1 88  ? -7.334  11.531  8.944   1.00 26.44 ? 86  GLU A O   1 
ATOM   692  C CB  . GLU A 1 88  ? -5.042  12.651  7.294   1.00 28.23 ? 86  GLU A CB  1 
ATOM   693  C CG  . GLU A 1 88  ? -4.130  13.848  7.111   1.00 32.45 ? 86  GLU A CG  1 
ATOM   694  C CD  . GLU A 1 88  ? -4.116  14.300  5.657   1.00 35.97 ? 86  GLU A CD  1 
ATOM   695  O OE1 . GLU A 1 88  ? -4.551  13.497  4.764   1.00 37.10 ? 86  GLU A OE1 1 
ATOM   696  O OE2 . GLU A 1 88  ? -3.660  15.440  5.410   1.00 36.73 ? 86  GLU A OE2 1 
ATOM   697  N N   . LEU A 1 89  ? -5.918  9.780   8.937   1.00 22.54 ? 87  LEU A N   1 
ATOM   698  C CA  . LEU A 1 89  ? -6.988  8.800   9.086   1.00 23.00 ? 87  LEU A CA  1 
ATOM   699  C C   . LEU A 1 89  ? -7.509  8.783   10.499  1.00 22.31 ? 87  LEU A C   1 
ATOM   700  O O   . LEU A 1 89  ? -6.750  9.053   11.453  1.00 22.55 ? 87  LEU A O   1 
ATOM   701  C CB  . LEU A 1 89  ? -6.489  7.389   8.766   1.00 21.15 ? 87  LEU A CB  1 
ATOM   702  C CG  . LEU A 1 89  ? -5.907  7.181   7.365   1.00 20.74 ? 87  LEU A CG  1 
ATOM   703  C CD1 . LEU A 1 89  ? -5.270  5.759   7.233   1.00 19.36 ? 87  LEU A CD1 1 
ATOM   704  C CD2 . LEU A 1 89  ? -7.032  7.392   6.363   1.00 20.51 ? 87  LEU A CD2 1 
ATOM   705  N N   . SER A 1 90  ? -8.785  8.449   10.626  1.00 21.93 ? 88  SER A N   1 
ATOM   706  C CA  . SER A 1 90  ? -9.438  8.309   11.930  1.00 24.12 ? 88  SER A CA  1 
ATOM   707  C C   . SER A 1 90  ? -10.202 7.003   11.890  1.00 24.10 ? 88  SER A C   1 
ATOM   708  O O   . SER A 1 90  ? -10.377 6.388   10.834  1.00 21.88 ? 88  SER A O   1 
ATOM   709  C CB  . SER A 1 90  ? -10.400 9.492   12.211  1.00 25.96 ? 88  SER A CB  1 
ATOM   710  O OG  . SER A 1 90  ? -11.138 9.807   11.037  1.00 24.41 ? 88  SER A OG  1 
ATOM   711  N N   . LEU A 1 91  ? -10.669 6.572   13.052  1.00 26.28 ? 89  LEU A N   1 
ATOM   712  C CA  . LEU A 1 91  ? -11.388 5.313   13.146  1.00 25.59 ? 89  LEU A CA  1 
ATOM   713  C C   . LEU A 1 91  ? -12.733 5.326   12.439  1.00 27.81 ? 89  LEU A C   1 
ATOM   714  O O   . LEU A 1 91  ? -13.350 4.270   12.264  1.00 28.17 ? 89  LEU A O   1 
ATOM   715  C CB  . LEU A 1 91  ? -11.543 4.897   14.622  1.00 25.62 ? 89  LEU A CB  1 
ATOM   716  C CG  . LEU A 1 91  ? -10.239 4.556   15.384  1.00 26.47 ? 89  LEU A CG  1 
ATOM   717  C CD1 . LEU A 1 91  ? -10.495 3.334   16.205  1.00 26.99 ? 89  LEU A CD1 1 
ATOM   718  C CD2 . LEU A 1 91  ? -9.039  4.246   14.448  1.00 27.09 ? 89  LEU A CD2 1 
ATOM   719  N N   . LYS A 1 92  ? -13.196 6.500   12.029  1.00 28.46 ? 90  LYS A N   1 
ATOM   720  C CA  . LYS A 1 92  ? -14.462 6.574   11.288  1.00 29.71 ? 90  LYS A CA  1 
ATOM   721  C C   . LYS A 1 92  ? -14.195 6.356   9.798   1.00 28.00 ? 90  LYS A C   1 
ATOM   722  O O   . LYS A 1 92  ? -15.128 6.367   8.997   1.00 27.67 ? 90  LYS A O   1 
ATOM   723  C CB  . LYS A 1 92  ? -15.117 7.969   11.425  1.00 31.55 ? 90  LYS A CB  1 
ATOM   724  C CG  . LYS A 1 92  ? -14.365 9.060   10.609  1.00 35.94 ? 90  LYS A CG  1 
ATOM   725  C CD  . LYS A 1 92  ? -14.881 10.476  10.905  1.00 39.94 ? 90  LYS A CD  1 
ATOM   726  C CE  . LYS A 1 92  ? -14.005 11.594  10.270  1.00 39.98 ? 90  LYS A CE  1 
ATOM   727  N NZ  . LYS A 1 92  ? -13.786 11.458  8.792   1.00 41.38 ? 90  LYS A NZ  1 
ATOM   728  N N   . GLU A 1 93  ? -12.945 6.215   9.383   1.00 24.78 ? 91  GLU A N   1 
ATOM   729  C CA  . GLU A 1 93  ? -12.737 6.064   7.928   1.00 24.59 ? 91  GLU A CA  1 
ATOM   730  C C   . GLU A 1 93  ? -12.801 4.605   7.463   1.00 23.33 ? 91  GLU A C   1 
ATOM   731  O O   . GLU A 1 93  ? -12.627 3.686   8.259   1.00 24.52 ? 91  GLU A O   1 
ATOM   732  C CB  . GLU A 1 93  ? -11.352 6.637   7.496   1.00 26.52 ? 91  GLU A CB  1 
ATOM   733  C CG  . GLU A 1 93  ? -10.968 8.129   7.793   1.00 28.19 ? 91  GLU A CG  1 
ATOM   734  C CD  . GLU A 1 93  ? -11.515 9.137   6.745   1.00 33.80 ? 91  GLU A CD  1 
ATOM   735  O OE1 . GLU A 1 93  ? -11.827 8.763   5.584   1.00 36.27 ? 91  GLU A OE1 1 
ATOM   736  O OE2 . GLU A 1 93  ? -11.582 10.327  7.058   1.00 33.42 ? 91  GLU A OE2 1 
ATOM   737  N N   . HIS A 1 94  ? -13.069 4.367   6.181   1.00 22.40 ? 92  HIS A N   1 
ATOM   738  C CA  . HIS A 1 94  ? -12.961 3.000   5.682   1.00 21.33 ? 92  HIS A CA  1 
ATOM   739  C C   . HIS A 1 94  ? -11.876 3.132   4.611   1.00 21.13 ? 92  HIS A C   1 
ATOM   740  O O   . HIS A 1 94  ? -11.757 4.191   3.981   1.00 20.79 ? 92  HIS A O   1 
ATOM   741  C CB  . HIS A 1 94  ? -14.243 2.507   4.990   1.00 23.22 ? 92  HIS A CB  1 
ATOM   742  C CG  . HIS A 1 94  ? -15.436 2.430   5.897   1.00 23.77 ? 92  HIS A CG  1 
ATOM   743  N ND1 . HIS A 1 94  ? -16.092 3.553   6.357   1.00 26.17 ? 92  HIS A ND1 1 
ATOM   744  C CD2 . HIS A 1 94  ? -16.042 1.371   6.483   1.00 24.23 ? 92  HIS A CD2 1 
ATOM   745  C CE1 . HIS A 1 94  ? -17.046 3.189   7.199   1.00 25.46 ? 92  HIS A CE1 1 
ATOM   746  N NE2 . HIS A 1 94  ? -17.033 1.872   7.297   1.00 25.74 ? 92  HIS A NE2 1 
ATOM   747  N N   . ILE A 1 95  ? -11.098 2.086   4.372   1.00 19.64 ? 93  ILE A N   1 
ATOM   748  C CA  . ILE A 1 95  ? -10.100 2.151   3.283   1.00 20.02 ? 93  ILE A CA  1 
ATOM   749  C C   . ILE A 1 95  ? -10.236 0.964   2.331   1.00 18.87 ? 93  ILE A C   1 
ATOM   750  O O   . ILE A 1 95  ? -10.773 -0.105  2.656   1.00 18.03 ? 93  ILE A O   1 
ATOM   751  C CB  . ILE A 1 95  ? -8.654  2.234   3.780   1.00 19.84 ? 93  ILE A CB  1 
ATOM   752  C CG1 . ILE A 1 95  ? -8.266  0.930   4.468   1.00 22.88 ? 93  ILE A CG1 1 
ATOM   753  C CG2 . ILE A 1 95  ? -8.532  3.455   4.746   1.00 20.27 ? 93  ILE A CG2 1 
ATOM   754  C CD1 . ILE A 1 95  ? -6.748  0.857   4.874   1.00 23.45 ? 93  ILE A CD1 1 
ATOM   755  N N   . ALA A 1 96  ? -9.770  1.194   1.129   1.00 17.85 ? 94  ALA A N   1 
ATOM   756  C CA  . ALA A 1 96  ? -9.892  0.238   0.066   1.00 21.00 ? 94  ALA A CA  1 
ATOM   757  C C   . ALA A 1 96  ? -8.953  -0.985  0.188   1.00 22.05 ? 94  ALA A C   1 
ATOM   758  O O   . ALA A 1 96  ? -7.717  -0.819  0.356   1.00 22.13 ? 94  ALA A O   1 
ATOM   759  C CB  . ALA A 1 96  ? -9.644  0.962   -1.234  1.00 19.86 ? 94  ALA A CB  1 
ATOM   760  N N   . LEU A 1 97  ? -9.554  -2.182  0.147   1.00 19.97 ? 95  LEU A N   1 
ATOM   761  C CA  . LEU A 1 97  ? -8.816  -3.471  0.140   1.00 20.98 ? 95  LEU A CA  1 
ATOM   762  C C   . LEU A 1 97  ? -9.265  -4.244  -1.109  1.00 21.52 ? 95  LEU A C   1 
ATOM   763  O O   . LEU A 1 97  ? -10.424 -4.227  -1.477  1.00 18.88 ? 95  LEU A O   1 
ATOM   764  C CB  . LEU A 1 97  ? -9.172  -4.383  1.325   1.00 21.24 ? 95  LEU A CB  1 
ATOM   765  C CG  . LEU A 1 97  ? -9.190  -3.803  2.728   1.00 21.84 ? 95  LEU A CG  1 
ATOM   766  C CD1 . LEU A 1 97  ? -9.477  -4.973  3.657   1.00 24.21 ? 95  LEU A CD1 1 
ATOM   767  C CD2 . LEU A 1 97  ? -7.872  -3.090  3.033   1.00 21.27 ? 95  LEU A CD2 1 
ATOM   768  N N   . PRO A 1 98  ? -8.342  -4.967  -1.742  1.00 22.40 ? 96  PRO A N   1 
ATOM   769  C CA  . PRO A 1 98  ? -8.748  -5.728  -2.935  1.00 24.39 ? 96  PRO A CA  1 
ATOM   770  C C   . PRO A 1 98  ? -9.728  -6.815  -2.463  1.00 27.58 ? 96  PRO A C   1 
ATOM   771  O O   . PRO A 1 98  ? -9.509  -7.449  -1.447  1.00 25.58 ? 96  PRO A O   1 
ATOM   772  C CB  . PRO A 1 98  ? -7.421  -6.287  -3.453  1.00 25.67 ? 96  PRO A CB  1 
ATOM   773  C CG  . PRO A 1 98  ? -6.423  -6.123  -2.235  1.00 24.07 ? 96  PRO A CG  1 
ATOM   774  C CD  . PRO A 1 98  ? -6.873  -4.880  -1.581  1.00 23.86 ? 96  PRO A CD  1 
ATOM   775  N N   . ARG A 1 99  ? -10.837 -7.026  -3.147  1.00 31.73 ? 97  ARG A N   1 
ATOM   776  C CA  . ARG A 1 99  ? -11.705 -8.058  -2.615  1.00 36.40 ? 97  ARG A CA  1 
ATOM   777  C C   . ARG A 1 99  ? -11.361 -9.499  -2.951  1.00 39.11 ? 97  ARG A C   1 
ATOM   778  O O   . ARG A 1 99  ? -11.093 -10.293 -2.060  1.00 39.90 ? 97  ARG A O   1 
ATOM   779  C CB  . ARG A 1 99  ? -13.154 -7.825  -2.983  1.00 37.95 ? 97  ARG A CB  1 
ATOM   780  C CG  . ARG A 1 99  ? -14.020 -8.860  -2.294  1.00 39.75 ? 97  ARG A CG  1 
ATOM   781  C CD  . ARG A 1 99  ? -15.481 -8.637  -2.511  1.00 42.68 ? 97  ARG A CD  1 
ATOM   782  N NE  . ARG A 1 99  ? -15.853 -8.476  -3.908  1.00 48.19 ? 97  ARG A NE  1 
ATOM   783  C CZ  . ARG A 1 99  ? -15.734 -9.391  -4.878  1.00 50.79 ? 97  ARG A CZ  1 
ATOM   784  N NH1 . ARG A 1 99  ? -15.216 -10.592 -4.636  1.00 51.88 ? 97  ARG A NH1 1 
ATOM   785  N NH2 . ARG A 1 99  ? -16.210 -9.116  -6.097  1.00 52.66 ? 97  ARG A NH2 1 
ATOM   786  N N   . LYS A 1 100 ? -11.382 -9.839  -4.228  1.00 42.50 ? 98  LYS A N   1 
ATOM   787  C CA  . LYS A 1 100 ? -11.106 -11.203 -4.666  1.00 46.89 ? 98  LYS A CA  1 
ATOM   788  C C   . LYS A 1 100 ? -9.715  -11.717 -4.308  1.00 48.87 ? 98  LYS A C   1 
ATOM   789  O O   . LYS A 1 100 ? -9.556  -12.519 -3.363  1.00 49.36 ? 98  LYS A O   1 
ATOM   790  C CB  . LYS A 1 100 ? -11.346 -11.287 -6.171  1.00 48.97 ? 98  LYS A CB  1 
ATOM   791  C CG  . LYS A 1 100 ? -12.768 -10.866 -6.516  1.00 52.07 ? 98  LYS A CG  1 
ATOM   792  C CD  . LYS A 1 100 ? -13.059 -10.913 -8.012  1.00 55.31 ? 98  LYS A CD  1 
ATOM   793  C CE  . LYS A 1 100 ? -13.270 -12.349 -8.473  1.00 56.91 ? 98  LYS A CE  1 
ATOM   794  N NZ  . LYS A 1 100 ? -14.476 -12.931 -7.762  1.00 58.79 ? 98  LYS A NZ  1 
ATOM   795  N N   . SER A 1 118 ? -17.372 -3.711  -5.806  1.00 43.37 ? 116 SER A N   1 
ATOM   796  C CA  . SER A 1 118 ? -17.330 -5.093  -6.263  1.00 42.59 ? 116 SER A CA  1 
ATOM   797  C C   . SER A 1 118 ? -15.864 -5.482  -6.321  1.00 40.35 ? 116 SER A C   1 
ATOM   798  O O   . SER A 1 118 ? -15.485 -6.446  -5.687  1.00 40.31 ? 116 SER A O   1 
ATOM   799  C CB  . SER A 1 118 ? -17.998 -5.251  -7.636  1.00 44.79 ? 116 SER A CB  1 
ATOM   800  O OG  . SER A 1 118 ? -18.291 -6.614  -7.892  1.00 45.41 ? 116 SER A OG  1 
ATOM   801  N N   . ASP A 1 119 ? -15.029 -4.755  -7.057  1.00 38.32 ? 117 ASP A N   1 
ATOM   802  C CA  . ASP A 1 119 ? -13.585 -5.101  -7.034  1.00 36.72 ? 117 ASP A CA  1 
ATOM   803  C C   . ASP A 1 119 ? -12.949 -4.856  -5.643  1.00 34.64 ? 117 ASP A C   1 
ATOM   804  O O   . ASP A 1 119 ? -11.940 -5.475  -5.306  1.00 35.21 ? 117 ASP A O   1 
ATOM   805  C CB  . ASP A 1 119 ? -12.779 -4.310  -8.092  1.00 37.35 ? 117 ASP A CB  1 
ATOM   806  C CG  . ASP A 1 119 ? -12.594 -5.103  -9.402  1.00 37.15 ? 117 ASP A CG  1 
ATOM   807  O OD1 . ASP A 1 119 ? -11.982 -4.590  -10.348 1.00 35.21 ? 117 ASP A OD1 1 
ATOM   808  O OD2 . ASP A 1 119 ? -13.068 -6.247  -9.458  1.00 38.67 ? 117 ASP A OD2 1 
ATOM   809  N N   . ILE A 1 120 ? -13.517 -3.965  -4.835  1.00 30.68 ? 118 ILE A N   1 
ATOM   810  C CA  . ILE A 1 120 ? -12.900 -3.733  -3.533  1.00 29.35 ? 118 ILE A CA  1 
ATOM   811  C C   . ILE A 1 120 ? -13.858 -3.719  -2.336  1.00 27.49 ? 118 ILE A C   1 
ATOM   812  O O   . ILE A 1 120 ? -15.080 -3.557  -2.483  1.00 26.59 ? 118 ILE A O   1 
ATOM   813  C CB  . ILE A 1 120 ? -12.073 -2.414  -3.540  1.00 33.25 ? 118 ILE A CB  1 
ATOM   814  C CG1 . ILE A 1 120 ? -12.996 -1.233  -3.772  1.00 33.96 ? 118 ILE A CG1 1 
ATOM   815  C CG2 . ILE A 1 120 ? -10.980 -2.435  -4.680  1.00 29.95 ? 118 ILE A CG2 1 
ATOM   816  C CD1 . ILE A 1 120 ? -12.266 0.070   -3.735  1.00 36.89 ? 118 ILE A CD1 1 
ATOM   817  N N   . SER A 1 121 ? -13.285 -3.965  -1.167  1.00 24.27 ? 119 SER A N   1 
ATOM   818  C CA  . SER A 1 121 ? -14.005 -3.977  0.100   1.00 25.48 ? 119 SER A CA  1 
ATOM   819  C C   . SER A 1 121 ? -13.553 -2.694  0.805   1.00 25.39 ? 119 SER A C   1 
ATOM   820  O O   . SER A 1 121 ? -12.346 -2.358  0.756   1.00 23.71 ? 119 SER A O   1 
ATOM   821  C CB  . SER A 1 121 ? -13.591 -5.191  0.924   1.00 27.82 ? 119 SER A CB  1 
ATOM   822  O OG  . SER A 1 121 ? -14.722 -5.807  1.544   1.00 34.09 ? 119 SER A OG  1 
ATOM   823  N N   . TRP A 1 122 ? -14.489 -1.967  1.409   1.00 21.58 ? 120 TRP A N   1 
ATOM   824  C CA  . TRP A 1 122 ? -14.156 -0.713  2.131   1.00 23.10 ? 120 TRP A CA  1 
ATOM   825  C C   . TRP A 1 122 ? -14.242 -1.066  3.588   1.00 24.28 ? 120 TRP A C   1 
ATOM   826  O O   . TRP A 1 122 ? -15.324 -1.103  4.163   1.00 24.04 ? 120 TRP A O   1 
ATOM   827  C CB  . TRP A 1 122 ? -15.152 0.368   1.763   1.00 21.60 ? 120 TRP A CB  1 
ATOM   828  C CG  . TRP A 1 122 ? -15.044 0.787   0.347   1.00 21.14 ? 120 TRP A CG  1 
ATOM   829  C CD1 . TRP A 1 122 ? -15.840 0.398   -0.702  1.00 20.29 ? 120 TRP A CD1 1 
ATOM   830  C CD2 . TRP A 1 122 ? -14.123 1.736   -0.182  1.00 22.00 ? 120 TRP A CD2 1 
ATOM   831  N NE1 . TRP A 1 122 ? -15.477 1.061   -1.832  1.00 20.60 ? 120 TRP A NE1 1 
ATOM   832  C CE2 . TRP A 1 122 ? -14.428 1.896   -1.541  1.00 19.70 ? 120 TRP A CE2 1 
ATOM   833  C CE3 . TRP A 1 122 ? -13.055 2.474   0.371   1.00 20.79 ? 120 TRP A CE3 1 
ATOM   834  C CZ2 . TRP A 1 122 ? -13.717 2.778   -2.368  1.00 21.85 ? 120 TRP A CZ2 1 
ATOM   835  C CZ3 . TRP A 1 122 ? -12.348 3.342   -0.457  1.00 25.24 ? 120 TRP A CZ3 1 
ATOM   836  C CH2 . TRP A 1 122 ? -12.681 3.490   -1.798  1.00 23.51 ? 120 TRP A CH2 1 
ATOM   837  N N   . ASP A 1 123 ? -13.088 -1.383  4.174   1.00 24.26 ? 121 ASP A N   1 
ATOM   838  C CA  . ASP A 1 123 ? -13.014 -1.890  5.558   1.00 24.21 ? 121 ASP A CA  1 
ATOM   839  C C   . ASP A 1 123 ? -12.677 -0.803  6.568   1.00 24.46 ? 121 ASP A C   1 
ATOM   840  O O   . ASP A 1 123 ? -11.884 0.102   6.268   1.00 21.86 ? 121 ASP A O   1 
ATOM   841  C CB  . ASP A 1 123 ? -11.949 -3.010  5.607   1.00 24.10 ? 121 ASP A CB  1 
ATOM   842  C CG  . ASP A 1 123 ? -12.155 -3.995  6.750   1.00 21.27 ? 121 ASP A CG  1 
ATOM   843  O OD1 . ASP A 1 123 ? -13.254 -4.044  7.268   1.00 23.50 ? 121 ASP A OD1 1 
ATOM   844  O OD2 . ASP A 1 123 ? -11.207 -4.726  7.112   1.00 21.86 ? 121 ASP A OD2 1 
ATOM   845  N N   . SER A 1 124 ? -13.281 -0.901  7.758   1.00 23.14 ? 122 SER A N   1 
ATOM   846  C CA  . SER A 1 124 ? -13.062 0.069   8.826   1.00 24.01 ? 122 SER A CA  1 
ATOM   847  C C   . SER A 1 124 ? -11.687 -0.042  9.411   1.00 24.71 ? 122 SER A C   1 
ATOM   848  O O   . SER A 1 124 ? -11.128 -1.109  9.493   1.00 26.30 ? 122 SER A O   1 
ATOM   849  C CB  . SER A 1 124 ? -14.038 -0.136  9.988   1.00 27.31 ? 122 SER A CB  1 
ATOM   850  O OG  . SER A 1 124 ? -15.355 0.197   9.616   1.00 31.43 ? 122 SER A OG  1 
ATOM   851  N N   . ILE A 1 125 ? -11.136 1.084   9.803   1.00 25.22 ? 123 ILE A N   1 
ATOM   852  C CA  . ILE A 1 125 ? -9.867  1.117   10.469  1.00 24.16 ? 123 ILE A CA  1 
ATOM   853  C C   . ILE A 1 125 ? -10.166 0.799   11.912  1.00 23.95 ? 123 ILE A C   1 
ATOM   854  O O   . ILE A 1 125 ? -11.102 1.350   12.479  1.00 21.50 ? 123 ILE A O   1 
ATOM   855  C CB  . ILE A 1 125 ? -9.228  2.520   10.405  1.00 24.87 ? 123 ILE A CB  1 
ATOM   856  C CG1 . ILE A 1 125 ? -8.986  2.898   8.931   1.00 26.16 ? 123 ILE A CG1 1 
ATOM   857  C CG2 . ILE A 1 125 ? -7.875  2.498   11.138  1.00 24.54 ? 123 ILE A CG2 1 
ATOM   858  C CD1 . ILE A 1 125 ? -8.836  4.355   8.721   1.00 26.31 ? 123 ILE A CD1 1 
ATOM   859  N N   . VAL A 1 126 ? -9.382  -0.103  12.514  1.00 23.59 ? 124 VAL A N   1 
ATOM   860  C CA  . VAL A 1 126 ? -9.579  -0.409  13.921  1.00 23.66 ? 124 VAL A CA  1 
ATOM   861  C C   . VAL A 1 126 ? -8.348  -0.034  14.751  1.00 23.07 ? 124 VAL A C   1 
ATOM   862  O O   . VAL A 1 126 ? -8.413  -0.016  15.992  1.00 22.88 ? 124 VAL A O   1 
ATOM   863  C CB  . VAL A 1 126 ? -9.943  -1.899  14.171  1.00 23.81 ? 124 VAL A CB  1 
ATOM   864  C CG1 . VAL A 1 126 ? -11.244 -2.209  13.417  1.00 29.52 ? 124 VAL A CG1 1 
ATOM   865  C CG2 . VAL A 1 126 ? -8.785  -2.841  13.796  1.00 24.13 ? 124 VAL A CG2 1 
ATOM   866  N N   . SER A 1 127 ? -7.236  0.219   14.079  1.00 19.40 ? 125 SER A N   1 
ATOM   867  C CA  . SER A 1 127 ? -6.030  0.615   14.804  1.00 21.45 ? 125 SER A CA  1 
ATOM   868  C C   . SER A 1 127 ? -5.005  1.393   13.986  1.00 19.37 ? 125 SER A C   1 
ATOM   869  O O   . SER A 1 127 ? -4.765  1.102   12.812  1.00 19.80 ? 125 SER A O   1 
ATOM   870  C CB  . SER A 1 127 ? -5.329  -0.620  15.442  1.00 19.88 ? 125 SER A CB  1 
ATOM   871  O OG  . SER A 1 127 ? -4.400  -0.143  16.411  1.00 22.83 ? 125 SER A OG  1 
ATOM   872  N N   . ILE A 1 128 ? -4.407  2.389   14.636  1.00 19.69 ? 126 ILE A N   1 
ATOM   873  C CA  . ILE A 1 128 ? -3.371  3.219   14.057  1.00 20.23 ? 126 ILE A CA  1 
ATOM   874  C C   . ILE A 1 128 ? -2.475  3.493   15.239  1.00 22.13 ? 126 ILE A C   1 
ATOM   875  O O   . ILE A 1 128 ? -2.897  4.165   16.224  1.00 22.59 ? 126 ILE A O   1 
ATOM   876  C CB  . ILE A 1 128 ? -3.895  4.573   13.539  1.00 22.29 ? 126 ILE A CB  1 
ATOM   877  C CG1 . ILE A 1 128 ? -5.176  4.406   12.702  1.00 19.37 ? 126 ILE A CG1 1 
ATOM   878  C CG2 . ILE A 1 128 ? -2.836  5.202   12.604  1.00 24.08 ? 126 ILE A CG2 1 
ATOM   879  C CD1 . ILE A 1 128 ? -5.859  5.787   12.426  1.00 23.42 ? 126 ILE A CD1 1 
ATOM   880  N N   . THR A 1 129 ? -1.271  2.940   15.203  1.00 21.98 ? 127 THR A N   1 
ATOM   881  C CA  . THR A 1 129 ? -0.369  3.149   16.322  1.00 24.79 ? 127 THR A CA  1 
ATOM   882  C C   . THR A 1 129 ? 1.105   3.294   15.890  1.00 25.19 ? 127 THR A C   1 
ATOM   883  O O   . THR A 1 129 ? 1.585   2.550   15.048  1.00 24.64 ? 127 THR A O   1 
ATOM   884  C CB  . THR A 1 129 ? -0.469  2.009   17.331  1.00 28.07 ? 127 THR A CB  1 
ATOM   885  O OG1 . THR A 1 129 ? 0.447   1.006   16.963  1.00 33.34 ? 127 THR A OG1 1 
ATOM   886  C CG2 . THR A 1 129 ? -1.853  1.394   17.357  1.00 25.08 ? 127 THR A CG2 1 
ATOM   887  N N   . GLU A 1 130 ? 1.788   4.298   16.426  1.00 25.59 ? 128 GLU A N   1 
ATOM   888  C CA  . GLU A 1 130 ? 3.187   4.531   16.106  1.00 28.12 ? 128 GLU A CA  1 
ATOM   889  C C   . GLU A 1 130 ? 3.989   3.319   16.648  1.00 29.30 ? 128 GLU A C   1 
ATOM   890  O O   . GLU A 1 130 ? 3.684   2.830   17.733  1.00 25.70 ? 128 GLU A O   1 
ATOM   891  C CB  . GLU A 1 130 ? 3.632   5.817   16.797  1.00 29.96 ? 128 GLU A CB  1 
ATOM   892  C CG  . GLU A 1 130 ? 5.080   6.261   16.506  1.00 32.61 ? 128 GLU A CG  1 
ATOM   893  C CD  . GLU A 1 130 ? 5.548   7.279   17.528  1.00 34.50 ? 128 GLU A CD  1 
ATOM   894  O OE1 . GLU A 1 130 ? 6.373   6.892   18.384  1.00 35.88 ? 128 GLU A OE1 1 
ATOM   895  O OE2 . GLU A 1 130 ? 5.068   8.432   17.480  1.00 34.42 ? 128 GLU A OE2 1 
ATOM   896  N N   . THR A 1 131 ? 4.963   2.798   15.890  1.00 31.84 ? 129 THR A N   1 
ATOM   897  C CA  . THR A 1 131 ? 5.730   1.660   16.386  1.00 35.08 ? 129 THR A CA  1 
ATOM   898  C C   . THR A 1 131 ? 7.212   1.869   16.528  1.00 36.39 ? 129 THR A C   1 
ATOM   899  O O   . THR A 1 131 ? 7.763   1.515   17.543  1.00 39.37 ? 129 THR A O   1 
ATOM   900  C CB  . THR A 1 131 ? 5.621   0.392   15.527  1.00 37.15 ? 129 THR A CB  1 
ATOM   901  O OG1 . THR A 1 131 ? 5.818   0.722   14.140  1.00 40.18 ? 129 THR A OG1 1 
ATOM   902  C CG2 . THR A 1 131 ? 4.337   -0.299  15.769  1.00 38.09 ? 129 THR A CG2 1 
ATOM   903  N N   . GLY A 1 132 ? 7.880   2.402   15.516  1.00 36.94 ? 130 GLY A N   1 
ATOM   904  C CA  . GLY A 1 132 ? 9.315   2.577   15.648  1.00 36.23 ? 130 GLY A CA  1 
ATOM   905  C C   . GLY A 1 132 ? 9.922   3.010   14.352  1.00 35.31 ? 130 GLY A C   1 
ATOM   906  O O   . GLY A 1 132 ? 9.210   3.177   13.365  1.00 34.21 ? 130 GLY A O   1 
ATOM   907  N N   . VAL A 1 133 ? 11.230  3.245   14.340  1.00 33.64 ? 131 VAL A N   1 
ATOM   908  C CA  . VAL A 1 133 ? 11.862  3.670   13.091  1.00 32.92 ? 131 VAL A CA  1 
ATOM   909  C C   . VAL A 1 133 ? 12.381  2.426   12.440  1.00 32.77 ? 131 VAL A C   1 
ATOM   910  O O   . VAL A 1 133 ? 12.824  1.491   13.122  1.00 29.86 ? 131 VAL A O   1 
ATOM   911  C CB  . VAL A 1 133 ? 13.076  4.600   13.276  1.00 32.86 ? 131 VAL A CB  1 
ATOM   912  C CG1 . VAL A 1 133 ? 13.742  4.825   11.923  1.00 33.03 ? 131 VAL A CG1 1 
ATOM   913  C CG2 . VAL A 1 133 ? 12.641  5.930   13.871  1.00 32.86 ? 131 VAL A CG2 1 
ATOM   914  N N   . GLU A 1 134 ? 12.287  2.420   11.119  1.00 32.84 ? 132 GLU A N   1 
ATOM   915  C CA  . GLU A 1 134 ? 12.765  1.308   10.305  1.00 34.04 ? 132 GLU A CA  1 
ATOM   916  C C   . GLU A 1 134 ? 13.086  1.839   8.934   1.00 33.24 ? 132 GLU A C   1 
ATOM   917  O O   . GLU A 1 134 ? 12.736  2.976   8.594   1.00 32.34 ? 132 GLU A O   1 
ATOM   918  C CB  . GLU A 1 134 ? 11.718  0.217   10.075  1.00 35.56 ? 132 GLU A CB  1 
ATOM   919  C CG  . GLU A 1 134 ? 10.749  -0.068  11.158  1.00 37.35 ? 132 GLU A CG  1 
ATOM   920  C CD  . GLU A 1 134 ? 9.869   -1.238  10.758  1.00 38.34 ? 132 GLU A CD  1 
ATOM   921  O OE1 . GLU A 1 134 ? 9.957   -1.689  9.580   1.00 39.04 ? 132 GLU A OE1 1 
ATOM   922  O OE2 . GLU A 1 134 ? 9.106   -1.709  11.616  1.00 37.87 ? 132 GLU A OE2 1 
ATOM   923  N N   . GLU A 1 135 ? 13.787  0.990   8.175   1.00 35.30 ? 133 GLU A N   1 
ATOM   924  C CA  . GLU A 1 135 ? 14.150  1.262   6.783   1.00 36.90 ? 133 GLU A CA  1 
ATOM   925  C C   . GLU A 1 135 ? 12.805  1.237   6.070   1.00 34.94 ? 133 GLU A C   1 
ATOM   926  O O   . GLU A 1 135 ? 11.969  0.365   6.315   1.00 33.72 ? 133 GLU A O   1 
ATOM   927  C CB  . GLU A 1 135 ? 15.067  0.149   6.247   1.00 39.79 ? 133 GLU A CB  1 
ATOM   928  C CG  . GLU A 1 135 ? 16.494  0.599   6.063   1.00 44.53 ? 133 GLU A CG  1 
ATOM   929  C CD  . GLU A 1 135 ? 17.449  -0.583  5.862   1.00 49.12 ? 133 GLU A CD  1 
ATOM   930  O OE1 . GLU A 1 135 ? 17.006  -1.646  5.338   1.00 51.26 ? 133 GLU A OE1 1 
ATOM   931  O OE2 . GLU A 1 135 ? 18.650  -0.448  6.219   1.00 50.73 ? 133 GLU A OE2 1 
ATOM   932  N N   . VAL A 1 136 ? 12.599  2.185   5.183   1.00 34.83 ? 134 VAL A N   1 
ATOM   933  C CA  . VAL A 1 136 ? 11.305  2.264   4.553   1.00 34.33 ? 134 VAL A CA  1 
ATOM   934  C C   . VAL A 1 136 ? 11.460  2.337   3.032   1.00 33.70 ? 134 VAL A C   1 
ATOM   935  O O   . VAL A 1 136 ? 12.482  2.846   2.505   1.00 32.83 ? 134 VAL A O   1 
ATOM   936  C CB  . VAL A 1 136 ? 10.545  3.435   5.284   1.00 36.26 ? 134 VAL A CB  1 
ATOM   937  C CG1 . VAL A 1 136 ? 10.960  4.813   4.776   1.00 34.15 ? 134 VAL A CG1 1 
ATOM   938  C CG2 . VAL A 1 136 ? 9.071   3.181   5.284   1.00 40.95 ? 134 VAL A CG2 1 
ATOM   939  N N   . PHE A 1 137 ? 10.496  1.737   2.338   1.00 30.49 ? 135 PHE A N   1 
ATOM   940  C CA  . PHE A 1 137 ? 10.524  1.626   0.882   1.00 30.63 ? 135 PHE A CA  1 
ATOM   941  C C   . PHE A 1 137 ? 9.243   2.030   0.111   1.00 30.50 ? 135 PHE A C   1 
ATOM   942  O O   . PHE A 1 137 ? 8.130   2.082   0.677   1.00 26.92 ? 135 PHE A O   1 
ATOM   943  C CB  . PHE A 1 137 ? 10.832  0.174   0.474   1.00 31.18 ? 135 PHE A CB  1 
ATOM   944  C CG  . PHE A 1 137 ? 12.086  -0.448  1.118   1.00 33.40 ? 135 PHE A CG  1 
ATOM   945  C CD1 . PHE A 1 137 ? 12.119  -0.767  2.470   1.00 32.32 ? 135 PHE A CD1 1 
ATOM   946  C CD2 . PHE A 1 137 ? 13.200  -0.778  0.326   1.00 34.68 ? 135 PHE A CD2 1 
ATOM   947  C CE1 . PHE A 1 137 ? 13.219  -1.409  3.052   1.00 35.76 ? 135 PHE A CE1 1 
ATOM   948  C CE2 . PHE A 1 137 ? 14.340  -1.440  0.892   1.00 36.11 ? 135 PHE A CE2 1 
ATOM   949  C CZ  . PHE A 1 137 ? 14.354  -1.757  2.254   1.00 36.54 ? 135 PHE A CZ  1 
ATOM   950  N N   . ASP A 1 138 ? 9.415   2.265   -1.201  1.00 29.26 ? 136 ASP A N   1 
ATOM   951  C CA  . ASP A 1 138 ? 8.303   2.599   -2.080  1.00 31.19 ? 136 ASP A CA  1 
ATOM   952  C C   . ASP A 1 138 ? 8.592   2.107   -3.505  1.00 31.78 ? 136 ASP A C   1 
ATOM   953  O O   . ASP A 1 138 ? 9.636   1.524   -3.833  1.00 31.85 ? 136 ASP A O   1 
ATOM   954  C CB  . ASP A 1 138 ? 8.021   4.131   -2.061  1.00 31.55 ? 136 ASP A CB  1 
ATOM   955  C CG  . ASP A 1 138 ? 6.541   4.500   -2.439  1.00 35.81 ? 136 ASP A CG  1 
ATOM   956  O OD1 . ASP A 1 138 ? 5.719   3.583   -2.729  1.00 30.71 ? 136 ASP A OD1 1 
ATOM   957  O OD2 . ASP A 1 138 ? 6.214   5.742   -2.457  1.00 36.04 ? 136 ASP A OD2 1 
ATOM   958  N N   . LEU A 1 139 ? 7.658   2.313   -4.385  1.00 33.23 ? 137 LEU A N   1 
ATOM   959  C CA  . LEU A 1 139 ? 7.951   1.856   -5.700  1.00 34.21 ? 137 LEU A CA  1 
ATOM   960  C C   . LEU A 1 139 ? 7.175   2.785   -6.556  1.00 34.36 ? 137 LEU A C   1 
ATOM   961  O O   . LEU A 1 139 ? 6.303   3.491   -6.064  1.00 35.04 ? 137 LEU A O   1 
ATOM   962  C CB  . LEU A 1 139 ? 7.578   0.368   -5.838  1.00 34.00 ? 137 LEU A CB  1 
ATOM   963  C CG  . LEU A 1 139 ? 6.178   -0.136  -5.462  1.00 32.48 ? 137 LEU A CG  1 
ATOM   964  C CD1 . LEU A 1 139 ? 5.229   0.187   -6.574  1.00 30.67 ? 137 LEU A CD1 1 
ATOM   965  C CD2 . LEU A 1 139 ? 6.207   -1.639  -5.245  1.00 32.31 ? 137 LEU A CD2 1 
ATOM   966  N N   . THR A 1 140 ? 7.527   2.820   -7.833  1.00 35.11 ? 138 THR A N   1 
ATOM   967  C CA  . THR A 1 140 ? 6.886   3.712   -8.767  1.00 35.22 ? 138 THR A CA  1 
ATOM   968  C C   . THR A 1 140 ? 6.032   2.869   -9.703  1.00 35.20 ? 138 THR A C   1 
ATOM   969  O O   . THR A 1 140 ? 6.443   1.796   -10.175 1.00 38.32 ? 138 THR A O   1 
ATOM   970  C CB  . THR A 1 140 ? 7.959   4.500   -9.569  1.00 35.20 ? 138 THR A CB  1 
ATOM   971  O OG1 . THR A 1 140 ? 8.866   5.115   -8.657  1.00 37.04 ? 138 THR A OG1 1 
ATOM   972  C CG2 . THR A 1 140 ? 7.336   5.592   -10.386 1.00 34.95 ? 138 THR A CG2 1 
ATOM   973  N N   . VAL A 1 141 ? 4.829   3.350   -9.964  1.00 35.32 ? 139 VAL A N   1 
ATOM   974  C CA  . VAL A 1 141 ? 3.907   2.639   -10.825 1.00 34.88 ? 139 VAL A CA  1 
ATOM   975  C C   . VAL A 1 141 ? 3.186   3.644   -11.746 1.00 34.58 ? 139 VAL A C   1 
ATOM   976  O O   . VAL A 1 141 ? 2.153   4.245   -11.384 1.00 32.25 ? 139 VAL A O   1 
ATOM   977  C CB  . VAL A 1 141 ? 2.912   1.791   -9.981  1.00 34.73 ? 139 VAL A CB  1 
ATOM   978  C CG1 . VAL A 1 141 ? 2.267   2.680   -8.933  1.00 38.17 ? 139 VAL A CG1 1 
ATOM   979  C CG2 . VAL A 1 141 ? 1.834   1.151   -10.867 1.00 32.36 ? 139 VAL A CG2 1 
ATOM   980  N N   . PRO A 1 142 ? 3.772   3.859   -12.949 1.00 35.49 ? 140 PRO A N   1 
ATOM   981  C CA  . PRO A 1 142 ? 3.271   4.761   -13.998 1.00 35.83 ? 140 PRO A CA  1 
ATOM   982  C C   . PRO A 1 142 ? 1.804   4.483   -14.353 1.00 35.88 ? 140 PRO A C   1 
ATOM   983  O O   . PRO A 1 142 ? 1.419   3.332   -14.613 1.00 37.86 ? 140 PRO A O   1 
ATOM   984  C CB  . PRO A 1 142 ? 4.215   4.476   -15.165 1.00 36.82 ? 140 PRO A CB  1 
ATOM   985  C CG  . PRO A 1 142 ? 5.571   4.318   -14.456 1.00 38.22 ? 140 PRO A CG  1 
ATOM   986  C CD  . PRO A 1 142 ? 5.186   3.493   -13.196 1.00 35.23 ? 140 PRO A CD  1 
ATOM   987  N N   . GLY A 1 143 ? 0.995   5.535   -14.362 1.00 35.88 ? 141 GLY A N   1 
ATOM   988  C CA  . GLY A 1 143 ? -0.412  5.401   -14.679 1.00 33.98 ? 141 GLY A CA  1 
ATOM   989  C C   . GLY A 1 143 ? -1.314  5.360   -13.460 1.00 33.91 ? 141 GLY A C   1 
ATOM   990  O O   . GLY A 1 143 ? -1.838  6.395   -13.042 1.00 34.58 ? 141 GLY A O   1 
ATOM   991  N N   . PRO A 1 144 ? -1.556  4.173   -12.870 1.00 32.94 ? 142 PRO A N   1 
ATOM   992  C CA  . PRO A 1 144 ? -2.443  4.214   -11.694 1.00 31.99 ? 142 PRO A CA  1 
ATOM   993  C C   . PRO A 1 144 ? -1.793  4.694   -10.395 1.00 30.32 ? 142 PRO A C   1 
ATOM   994  O O   . PRO A 1 144 ? -2.484  5.105   -9.485  1.00 30.64 ? 142 PRO A O   1 
ATOM   995  C CB  . PRO A 1 144 ? -3.001  2.768   -11.612 1.00 29.35 ? 142 PRO A CB  1 
ATOM   996  C CG  . PRO A 1 144 ? -1.861  1.963   -12.102 1.00 33.24 ? 142 PRO A CG  1 
ATOM   997  C CD  . PRO A 1 144 ? -1.324  2.791   -13.321 1.00 31.95 ? 142 PRO A CD  1 
ATOM   998  N N   . HIS A 1 145 ? -0.475  4.641   -10.300 1.00 30.65 ? 143 HIS A N   1 
ATOM   999  C CA  . HIS A 1 145 ? 0.259   5.098   -9.096  1.00 31.54 ? 143 HIS A CA  1 
ATOM   1000 C C   . HIS A 1 145 ? -0.135  4.474   -7.737  1.00 28.97 ? 143 HIS A C   1 
ATOM   1001 O O   . HIS A 1 145 ? -0.137  5.144   -6.717  1.00 27.61 ? 143 HIS A O   1 
ATOM   1002 C CB  . HIS A 1 145 ? 0.207   6.646   -8.977  1.00 34.46 ? 143 HIS A CB  1 
ATOM   1003 C CG  . HIS A 1 145 ? 0.826   7.355   -10.149 1.00 40.77 ? 143 HIS A CG  1 
ATOM   1004 N ND1 . HIS A 1 145 ? 2.129   7.138   -10.547 1.00 42.43 ? 143 HIS A ND1 1 
ATOM   1005 C CD2 . HIS A 1 145 ? 0.303   8.222   -11.055 1.00 43.78 ? 143 HIS A CD2 1 
ATOM   1006 C CE1 . HIS A 1 145 ? 2.381   7.833   -11.644 1.00 43.89 ? 143 HIS A CE1 1 
ATOM   1007 N NE2 . HIS A 1 145 ? 1.289   8.499   -11.977 1.00 43.04 ? 143 HIS A NE2 1 
ATOM   1008 N N   . ASN A 1 146 ? -0.516  3.210   -7.715  1.00 26.91 ? 144 ASN A N   1 
ATOM   1009 C CA  . ASN A 1 146 ? -0.797  2.613   -6.423  1.00 26.26 ? 144 ASN A CA  1 
ATOM   1010 C C   . ASN A 1 146 ? -0.574  1.124   -6.566  1.00 26.01 ? 144 ASN A C   1 
ATOM   1011 O O   . ASN A 1 146 ? -0.337  0.628   -7.690  1.00 27.19 ? 144 ASN A O   1 
ATOM   1012 C CB  . ASN A 1 146 ? -2.230  2.927   -5.996  1.00 24.03 ? 144 ASN A CB  1 
ATOM   1013 C CG  . ASN A 1 146 ? -3.254  2.285   -6.904  1.00 25.54 ? 144 ASN A CG  1 
ATOM   1014 O OD1 . ASN A 1 146 ? -3.633  1.139   -6.704  1.00 22.12 ? 144 ASN A OD1 1 
ATOM   1015 N ND2 . ASN A 1 146 ? -3.710  3.044   -7.925  1.00 25.51 ? 144 ASN A ND2 1 
ATOM   1016 N N   . PHE A 1 147 ? -0.555  0.410   -5.447  1.00 24.72 ? 145 PHE A N   1 
ATOM   1017 C CA  . PHE A 1 147 ? -0.353  -1.056  -5.509  1.00 24.76 ? 145 PHE A CA  1 
ATOM   1018 C C   . PHE A 1 147 ? -0.857  -1.704  -4.251  1.00 23.68 ? 145 PHE A C   1 
ATOM   1019 O O   . PHE A 1 147 ? -1.058  -1.050  -3.241  1.00 24.25 ? 145 PHE A O   1 
ATOM   1020 C CB  . PHE A 1 147 ? 1.149   -1.444  -5.686  1.00 23.67 ? 145 PHE A CB  1 
ATOM   1021 C CG  . PHE A 1 147 ? 2.099   -0.822  -4.640  1.00 24.38 ? 145 PHE A CG  1 
ATOM   1022 C CD1 . PHE A 1 147 ? 2.471   0.522   -4.720  1.00 22.75 ? 145 PHE A CD1 1 
ATOM   1023 C CD2 . PHE A 1 147 ? 2.590   -1.589  -3.567  1.00 20.77 ? 145 PHE A CD2 1 
ATOM   1024 C CE1 . PHE A 1 147 ? 3.310   1.101   -3.750  1.00 22.78 ? 145 PHE A CE1 1 
ATOM   1025 C CE2 . PHE A 1 147 ? 3.421   -1.038  -2.603  1.00 19.63 ? 145 PHE A CE2 1 
ATOM   1026 C CZ  . PHE A 1 147 ? 3.795   0.307   -2.669  1.00 17.79 ? 145 PHE A CZ  1 
ATOM   1027 N N   . VAL A 1 148 ? -0.994  -3.018  -4.305  1.00 22.03 ? 146 VAL A N   1 
ATOM   1028 C CA  . VAL A 1 148 ? -1.436  -3.790  -3.171  1.00 20.61 ? 146 VAL A CA  1 
ATOM   1029 C C   . VAL A 1 148 ? -0.260  -4.317  -2.344  1.00 22.45 ? 146 VAL A C   1 
ATOM   1030 O O   . VAL A 1 148 ? 0.651   -4.974  -2.873  1.00 22.81 ? 146 VAL A O   1 
ATOM   1031 C CB  . VAL A 1 148 ? -2.232  -4.962  -3.651  1.00 21.40 ? 146 VAL A CB  1 
ATOM   1032 C CG1 . VAL A 1 148 ? -2.620  -5.879  -2.429  1.00 21.58 ? 146 VAL A CG1 1 
ATOM   1033 C CG2 . VAL A 1 148 ? -3.433  -4.438  -4.492  1.00 19.43 ? 146 VAL A CG2 1 
ATOM   1034 N N   . ALA A 1 149 ? -0.262  -3.990  -1.051  1.00 20.98 ? 147 ALA A N   1 
ATOM   1035 C CA  . ALA A 1 149 ? 0.723   -4.483  -0.147  1.00 19.50 ? 147 ALA A CA  1 
ATOM   1036 C C   . ALA A 1 149 ? -0.008  -4.906  1.109   1.00 19.32 ? 147 ALA A C   1 
ATOM   1037 O O   . ALA A 1 149 ? -0.875  -4.175  1.645   1.00 16.40 ? 147 ALA A O   1 
ATOM   1038 C CB  . ALA A 1 149 ? 1.784   -3.400  0.120   1.00 19.14 ? 147 ALA A CB  1 
ATOM   1039 N N   . ASN A 1 150 ? 0.348   -6.100  1.591   1.00 19.42 ? 148 ASN A N   1 
ATOM   1040 C CA  . ASN A 1 150 ? -0.280  -6.669  2.749   1.00 18.43 ? 148 ASN A CA  1 
ATOM   1041 C C   . ASN A 1 150 ? -1.758  -6.609  2.500   1.00 20.26 ? 148 ASN A C   1 
ATOM   1042 O O   . ASN A 1 150 ? -2.527  -6.312  3.377   1.00 18.42 ? 148 ASN A O   1 
ATOM   1043 C CB  . ASN A 1 150 ? 0.117   -5.937  4.042   1.00 19.17 ? 148 ASN A CB  1 
ATOM   1044 C CG  . ASN A 1 150 ? 1.529   -6.381  4.532   1.00 22.13 ? 148 ASN A CG  1 
ATOM   1045 O OD1 . ASN A 1 150 ? 2.259   -7.087  3.807   1.00 22.47 ? 148 ASN A OD1 1 
ATOM   1046 N ND2 . ASN A 1 150 ? 1.904   -5.972  5.725   1.00 16.78 ? 148 ASN A ND2 1 
ATOM   1047 N N   . ASP A 1 151 ? -2.135  -6.864  1.249   1.00 21.18 ? 149 ASP A N   1 
ATOM   1048 C CA  . ASP A 1 151 ? -3.563  -6.953  0.899   1.00 21.16 ? 149 ASP A CA  1 
ATOM   1049 C C   . ASP A 1 151 ? -4.353  -5.686  1.163   1.00 19.56 ? 149 ASP A C   1 
ATOM   1050 O O   . ASP A 1 151 ? -5.563  -5.744  1.387   1.00 18.55 ? 149 ASP A O   1 
ATOM   1051 C CB  . ASP A 1 151 ? -4.202  -8.095  1.677   1.00 24.48 ? 149 ASP A CB  1 
ATOM   1052 C CG  . ASP A 1 151 ? -3.712  -9.450  1.224   1.00 30.67 ? 149 ASP A CG  1 
ATOM   1053 O OD1 . ASP A 1 151 ? -3.664  -9.685  -0.012  1.00 31.44 ? 149 ASP A OD1 1 
ATOM   1054 O OD2 . ASP A 1 151 ? -3.382  -10.294 2.107   1.00 33.51 ? 149 ASP A OD2 1 
ATOM   1055 N N   . ILE A 1 152 ? -3.687  -4.553  1.038   1.00 18.55 ? 150 ILE A N   1 
ATOM   1056 C CA  . ILE A 1 152 ? -4.314  -3.258  1.244   1.00 18.68 ? 150 ILE A CA  1 
ATOM   1057 C C   . ILE A 1 152 ? -3.866  -2.421  0.075   1.00 19.45 ? 150 ILE A C   1 
ATOM   1058 O O   . ILE A 1 152 ? -2.726  -2.558  -0.411  1.00 19.69 ? 150 ILE A O   1 
ATOM   1059 C CB  . ILE A 1 152 ? -3.778  -2.594  2.532   1.00 20.35 ? 150 ILE A CB  1 
ATOM   1060 C CG1 . ILE A 1 152 ? -4.120  -3.481  3.747   1.00 19.94 ? 150 ILE A CG1 1 
ATOM   1061 C CG2 . ILE A 1 152 ? -4.347  -1.197  2.732   1.00 19.60 ? 150 ILE A CG2 1 
ATOM   1062 C CD1 . ILE A 1 152 ? -3.476  -2.936  5.026   1.00 21.64 ? 150 ILE A CD1 1 
ATOM   1063 N N   . ILE A 1 153 ? -4.752  -1.560  -0.385  1.00 18.96 ? 151 ILE A N   1 
ATOM   1064 C CA  . ILE A 1 153 ? -4.407  -0.652  -1.502  1.00 20.87 ? 151 ILE A CA  1 
ATOM   1065 C C   . ILE A 1 153 ? -3.567  0.506   -0.960  1.00 19.63 ? 151 ILE A C   1 
ATOM   1066 O O   . ILE A 1 153 ? -3.992  1.200   -0.030  1.00 16.19 ? 151 ILE A O   1 
ATOM   1067 C CB  . ILE A 1 153 ? -5.641  -0.012  -2.125  1.00 20.71 ? 151 ILE A CB  1 
ATOM   1068 C CG1 . ILE A 1 153 ? -6.536  -1.097  -2.775  1.00 23.86 ? 151 ILE A CG1 1 
ATOM   1069 C CG2 . ILE A 1 153 ? -5.199  0.964   -3.216  1.00 20.69 ? 151 ILE A CG2 1 
ATOM   1070 C CD1 . ILE A 1 153 ? -5.892  -1.695  -3.974  1.00 25.06 ? 151 ILE A CD1 1 
ATOM   1071 N N   . VAL A 1 154 ? -2.384  0.727   -1.525  1.00 20.06 ? 152 VAL A N   1 
ATOM   1072 C CA  . VAL A 1 154 ? -1.578  1.857   -1.055  1.00 19.76 ? 152 VAL A CA  1 
ATOM   1073 C C   . VAL A 1 154 ? -1.025  2.681   -2.251  1.00 22.26 ? 152 VAL A C   1 
ATOM   1074 O O   . VAL A 1 154 ? -0.786  2.144   -3.327  1.00 18.30 ? 152 VAL A O   1 
ATOM   1075 C CB  . VAL A 1 154 ? -0.403  1.369   -0.165  1.00 22.93 ? 152 VAL A CB  1 
ATOM   1076 C CG1 . VAL A 1 154 ? -0.963  0.487   0.981   1.00 21.84 ? 152 VAL A CG1 1 
ATOM   1077 C CG2 . VAL A 1 154 ? 0.648   0.592   -1.014  1.00 20.54 ? 152 VAL A CG2 1 
ATOM   1078 N N   . HIS A 1 155 ? -0.807  3.971   -2.019  1.00 23.99 ? 153 HIS A N   1 
ATOM   1079 C CA  . HIS A 1 155 ? -0.332  4.879   -3.047  1.00 27.01 ? 153 HIS A CA  1 
ATOM   1080 C C   . HIS A 1 155 ? 1.141   4.664   -3.341  1.00 28.22 ? 153 HIS A C   1 
ATOM   1081 O O   . HIS A 1 155 ? 1.935   4.336   -2.458  1.00 26.58 ? 153 HIS A O   1 
ATOM   1082 C CB  . HIS A 1 155 ? -0.540  6.327   -2.592  1.00 30.28 ? 153 HIS A CB  1 
ATOM   1083 C CG  . HIS A 1 155 ? -0.558  7.307   -3.722  1.00 32.72 ? 153 HIS A CG  1 
ATOM   1084 N ND1 . HIS A 1 155 ? 0.576   7.655   -4.420  1.00 31.60 ? 153 HIS A ND1 1 
ATOM   1085 C CD2 . HIS A 1 155 ? -1.588  7.948   -4.331  1.00 33.60 ? 153 HIS A CD2 1 
ATOM   1086 C CE1 . HIS A 1 155 ? 0.247   8.459   -5.417  1.00 32.14 ? 153 HIS A CE1 1 
ATOM   1087 N NE2 . HIS A 1 155 ? -1.057  8.655   -5.385  1.00 33.02 ? 153 HIS A NE2 1 
ATOM   1088 N N   . ALA A 1 156 ? 1.509   4.876   -4.584  1.00 29.29 ? 154 ALA A N   1 
ATOM   1089 C CA  . ALA A 1 156 ? 2.889   4.704   -4.976  1.00 34.09 ? 154 ALA A CA  1 
ATOM   1090 C C   . ALA A 1 156 ? 3.638   6.034   -5.022  1.00 37.46 ? 154 ALA A C   1 
ATOM   1091 O O   . ALA A 1 156 ? 3.096   7.110   -4.730  1.00 38.05 ? 154 ALA A O   1 
ATOM   1092 C CB  . ALA A 1 156 ? 2.950   4.019   -6.321  1.00 35.14 ? 154 ALA A CB  1 
ATOM   1093 N N   . SER A 1 157 ? 4.898   5.937   -5.395  1.00 40.38 ? 155 SER A N   1 
ATOM   1094 C CA  . SER A 1 157 ? 5.765   7.098   -5.507  1.00 46.00 ? 155 SER A CA  1 
ATOM   1095 C C   . SER A 1 157 ? 5.226   8.481   -5.953  1.00 48.67 ? 155 SER A C   1 
ATOM   1096 O O   . SER A 1 157 ? 4.423   8.604   -6.892  1.00 49.51 ? 155 SER A O   1 
ATOM   1097 C CB  . SER A 1 157 ? 6.918   6.736   -6.419  1.00 45.91 ? 155 SER A CB  1 
ATOM   1098 O OG  . SER A 1 157 ? 7.798   7.817   -6.440  1.00 48.24 ? 155 SER A OG  1 
ATOM   1099 N N   . ILE A 1 158 ? 5.771   9.501   -5.289  1.00 52.94 ? 156 ILE A N   1 
ATOM   1100 C CA  . ILE A 1 158 ? 5.519   10.950  -5.450  1.00 56.24 ? 156 ILE A CA  1 
ATOM   1101 C C   . ILE A 1 158 ? 4.161   11.395  -4.892  1.00 57.86 ? 156 ILE A C   1 
ATOM   1102 O O   . ILE A 1 158 ? 3.656   12.504  -5.231  1.00 58.80 ? 156 ILE A O   1 
ATOM   1103 C CB  . ILE A 1 158 ? 5.676   11.447  -6.934  1.00 57.10 ? 156 ILE A CB  1 
ATOM   1104 C CG1 . ILE A 1 158 ? 7.005   10.971  -7.528  1.00 57.77 ? 156 ILE A CG1 1 
ATOM   1105 C CG2 . ILE A 1 158 ? 5.716   13.006  -6.977  1.00 58.17 ? 156 ILE A CG2 1 
ATOM   1106 C CD1 . ILE A 1 158 ? 7.312   11.567  -8.898  1.00 58.62 ? 156 ILE A CD1 1 
ATOM   1107 O OXT . ILE A 1 158 ? 3.634   10.635  -4.051  1.00 60.79 ? 156 ILE A OXT 1 
HETATM 1108 O O   . HOH B 2 .   ? -4.130  9.019   11.972  1.00 20.31 ? 157 HOH A O   1 
HETATM 1109 O O   . HOH B 2 .   ? -6.397  1.841   0.767   1.00 17.35 ? 158 HOH A O   1 
HETATM 1110 O O   . HOH B 2 .   ? -14.799 -6.241  8.287   1.00 23.26 ? 159 HOH A O   1 
HETATM 1111 O O   . HOH B 2 .   ? 0.315   -5.652  -5.790  1.00 25.46 ? 160 HOH A O   1 
HETATM 1112 O O   . HOH B 2 .   ? 4.226   -3.566  6.824   1.00 21.18 ? 161 HOH A O   1 
HETATM 1113 O O   . HOH B 2 .   ? -12.272 6.526   -3.293  1.00 30.22 ? 162 HOH A O   1 
HETATM 1114 O O   . HOH B 2 .   ? -14.554 3.029   10.137  1.00 29.56 ? 163 HOH A O   1 
HETATM 1115 O O   . HOH B 2 .   ? -11.417 -8.024  -5.798  1.00 37.09 ? 164 HOH A O   1 
HETATM 1116 O O   . HOH B 2 .   ? -0.243  -8.086  -0.666  1.00 28.81 ? 165 HOH A O   1 
HETATM 1117 O O   . HOH B 2 .   ? -13.710 6.666   4.434   1.00 24.71 ? 166 HOH A O   1 
HETATM 1118 O O   . HOH B 2 .   ? 7.847   -9.827  5.251   1.00 35.93 ? 167 HOH A O   1 
HETATM 1119 O O   . HOH B 2 .   ? -2.666  -0.729  -15.340 1.00 39.06 ? 168 HOH A O   1 
HETATM 1120 O O   . HOH B 2 .   ? -6.178  4.965   -10.518 1.00 40.93 ? 169 HOH A O   1 
HETATM 1121 O O   . HOH B 2 .   ? 11.438  -2.004  7.198   1.00 42.09 ? 170 HOH A O   1 
HETATM 1122 O O   . HOH B 2 .   ? 6.616   8.809   9.644   1.00 35.28 ? 171 HOH A O   1 
HETATM 1123 O O   . HOH B 2 .   ? -15.748 -2.791  7.743   1.00 32.25 ? 172 HOH A O   1 
HETATM 1124 O O   . HOH B 2 .   ? 2.522   13.339  11.800  1.00 36.89 ? 173 HOH A O   1 
HETATM 1125 O O   . HOH B 2 .   ? 1.771   7.756   -0.104  1.00 27.44 ? 174 HOH A O   1 
HETATM 1126 O O   . HOH B 2 .   ? -2.436  -7.603  6.117   1.00 28.85 ? 175 HOH A O   1 
HETATM 1127 O O   . HOH B 2 .   ? -15.983 6.314   5.971   1.00 30.48 ? 176 HOH A O   1 
HETATM 1128 O O   . HOH B 2 .   ? -7.757  11.804  -3.555  1.00 38.77 ? 177 HOH A O   1 
HETATM 1129 O O   . HOH B 2 .   ? 6.152   10.621  11.829  1.00 32.87 ? 178 HOH A O   1 
HETATM 1130 O O   . HOH B 2 .   ? 4.812   -9.858  -14.110 1.00 33.00 ? 179 HOH A O   1 
HETATM 1131 O O   . HOH B 2 .   ? 7.412   -14.686 0.357   1.00 35.08 ? 180 HOH A O   1 
HETATM 1132 O O   . HOH B 2 .   ? 2.801   1.028   -14.866 1.00 42.53 ? 181 HOH A O   1 
HETATM 1133 O O   . HOH B 2 .   ? 2.308   3.756   20.030  1.00 25.03 ? 182 HOH A O   1 
HETATM 1134 O O   . HOH B 2 .   ? -13.296 1.197   14.113  1.00 44.66 ? 183 HOH A O   1 
HETATM 1135 O O   . HOH B 2 .   ? 2.436   7.983   -14.729 1.00 41.90 ? 184 HOH A O   1 
HETATM 1136 O O   . HOH B 2 .   ? 4.002   5.828   -9.258  1.00 30.88 ? 185 HOH A O   1 
HETATM 1137 O O   . HOH B 2 .   ? -0.024  -8.208  7.438   1.00 36.75 ? 186 HOH A O   1 
HETATM 1138 O O   . HOH B 2 .   ? -3.778  12.681  -3.130  1.00 50.02 ? 187 HOH A O   1 
HETATM 1139 O O   . HOH B 2 .   ? 18.195  6.712   6.496   1.00 40.64 ? 188 HOH A O   1 
HETATM 1140 O O   . HOH B 2 .   ? -16.849 4.368   -11.012 1.00 36.43 ? 189 HOH A O   1 
HETATM 1141 O O   . HOH B 2 .   ? -10.202 11.251  9.177   1.00 36.33 ? 190 HOH A O   1 
HETATM 1142 O O   . HOH B 2 .   ? 9.745   -11.877 0.871   1.00 38.56 ? 191 HOH A O   1 
HETATM 1143 O O   . HOH B 2 .   ? 9.453   -11.881 3.757   1.00 39.93 ? 192 HOH A O   1 
HETATM 1144 O O   . HOH B 2 .   ? 14.837  -9.987  3.149   1.00 54.72 ? 193 HOH A O   1 
HETATM 1145 O O   . HOH B 2 .   ? 13.845  -1.886  -8.474  1.00 30.42 ? 194 HOH A O   1 
HETATM 1146 O O   . HOH B 2 .   ? -14.246 -8.493  9.742   1.00 20.91 ? 195 HOH A O   1 
HETATM 1147 O O   . HOH B 2 .   ? 3.925   7.083   -1.744  1.00 35.83 ? 196 HOH A O   1 
HETATM 1148 O O   . HOH B 2 .   ? -4.675  -13.202 1.527   1.00 44.90 ? 197 HOH A O   1 
HETATM 1149 O O   . HOH B 2 .   ? -7.114  6.649   -17.739 1.00 40.69 ? 198 HOH A O   1 
HETATM 1150 O O   . HOH B 2 .   ? -0.241  -10.093 1.137   1.00 45.49 ? 199 HOH A O   1 
HETATM 1151 O O   . HOH B 2 .   ? 0.462   -10.066 3.819   1.00 36.70 ? 200 HOH A O   1 
HETATM 1152 O O   . HOH B 2 .   ? 2.290   -9.428  5.986   1.00 42.49 ? 201 HOH A O   1 
HETATM 1153 O O   . HOH B 2 .   ? 4.329   -7.927  6.205   1.00 38.35 ? 202 HOH A O   1 
HETATM 1154 O O   . HOH B 2 .   ? 5.927   -6.833  9.451   1.00 42.69 ? 203 HOH A O   1 
HETATM 1155 O O   . HOH B 2 .   ? 2.541   -6.004  9.154   1.00 47.17 ? 204 HOH A O   1 
HETATM 1156 O O   . HOH B 2 .   ? 3.651   -10.422 -11.295 1.00 33.06 ? 205 HOH A O   1 
HETATM 1157 O O   . HOH B 2 .   ? 2.406   10.749  0.229   1.00 49.19 ? 206 HOH A O   1 
# 
